data_3MFL
#
_entry.id   3MFL
#
_cell.length_a   128.319
_cell.length_b   140.769
_cell.length_c   168.183
_cell.angle_alpha   90.00
_cell.angle_beta   90.00
_cell.angle_gamma   90.00
#
_symmetry.space_group_name_H-M   'I 2 2 2'
#
loop_
_entity.id
_entity.type
_entity.pdbx_description
1 polymer 'Protocatechuate 3,4-dioxygenase alpha chain'
2 polymer 'Protocatechuate 3,4-dioxygenase beta chain'
3 non-polymer 'SULFATE ION'
4 non-polymer GLYCEROL
5 non-polymer BETA-MERCAPTOETHANOL
6 non-polymer 'FE (III) ION'
7 non-polymer 'CARBONATE ION'
8 non-polymer '2-(3,4-DIHYDROXYPHENYL)ACETIC ACID'
9 non-polymer 'CHLORIDE ION'
10 water water
#
loop_
_entity_poly.entity_id
_entity_poly.type
_entity_poly.pdbx_seq_one_letter_code
_entity_poly.pdbx_strand_id
1 'polypeptide(L)'
;PIELLPETPSQTAGPYVHIGLALEAAGNPTRDQEIWNRLAKPDAPGEHILLLGQVYDGNGHLVRDSFLEVWQADANGEYQ
DAYNLENAFNSFGRTATTFDAGEWTLHTVKPGVVNNAAGVPMAPHINISLFARGINIHLHTRLYFDDEAQANAKCPVLNL
IEQPQRRETLIAKRCEVDGKTAYRFDIRIQGEGETVFFDF
;
A,B,C
2 'polypeptide(L)'
;PAQDNSRFVIRDRNWHPKALTPDYKTSIARSPRQALVSIPQSISETTGPNFSHLGFGAHDHDLLLNFNNGGLPIGERIIV
AGRVVDQYGKPVPNTLVEMWQANAGGRYRHKNDRYLAPLDPNFGGVGRCLTDSDGYYSFRTIKPGPHPWRNGPNDWRPAH
IYFGISGPSIATKLITQLYFEGDPLIPMCPIVKSIANPEAVQQLIAKLDMNNANPMDCLAYRFDIVLRGQRKTHFENC
;
M,N,O
#
loop_
_chem_comp.id
_chem_comp.type
_chem_comp.name
_chem_comp.formula
BME non-polymer BETA-MERCAPTOETHANOL 'C2 H6 O S'
CL non-polymer 'CHLORIDE ION' 'Cl -1'
CO3 non-polymer 'CARBONATE ION' 'C O3 -2'
DHY non-polymer '2-(3,4-DIHYDROXYPHENYL)ACETIC ACID' 'C8 H8 O4'
FE non-polymer 'FE (III) ION' 'Fe 3'
GOL non-polymer GLYCEROL 'C3 H8 O3'
SO4 non-polymer 'SULFATE ION' 'O4 S -2'
#
# COMPACT_ATOMS: atom_id res chain seq x y z
N PRO A 1 7.61 -3.14 -29.81
CA PRO A 1 6.65 -4.23 -29.96
C PRO A 1 5.40 -3.66 -30.56
N ILE A 2 4.50 -4.55 -30.96
CA ILE A 2 3.25 -4.14 -31.55
C ILE A 2 2.32 -3.62 -30.47
N GLU A 3 1.84 -2.39 -30.65
CA GLU A 3 0.92 -1.76 -29.70
CA GLU A 3 0.93 -1.77 -29.70
C GLU A 3 -0.39 -1.48 -30.42
N LEU A 4 -1.49 -2.01 -29.88
CA LEU A 4 -2.81 -1.82 -30.46
C LEU A 4 -3.44 -0.54 -29.94
N LEU A 5 -4.64 -0.20 -30.39
CA LEU A 5 -5.37 0.89 -29.73
C LEU A 5 -5.58 0.49 -28.27
N PRO A 6 -5.36 1.43 -27.32
CA PRO A 6 -5.63 1.07 -25.93
CA PRO A 6 -5.63 1.06 -25.93
C PRO A 6 -7.12 0.91 -25.64
N GLU A 7 -7.47 -0.03 -24.75
CA GLU A 7 -8.87 -0.23 -24.37
C GLU A 7 -9.34 1.01 -23.59
N THR A 8 -10.61 1.36 -23.72
CA THR A 8 -11.23 2.41 -22.88
C THR A 8 -11.12 1.99 -21.41
N PRO A 9 -10.58 2.86 -20.55
CA PRO A 9 -10.41 2.44 -19.15
C PRO A 9 -11.72 2.38 -18.38
N SER A 10 -11.77 1.42 -17.46
CA SER A 10 -12.91 1.23 -16.57
C SER A 10 -13.05 2.38 -15.57
N GLN A 11 -14.27 2.58 -15.07
CA GLN A 11 -14.52 3.42 -13.91
C GLN A 11 -15.59 2.75 -13.08
N THR A 12 -15.67 3.16 -11.83
CA THR A 12 -16.70 2.59 -10.94
C THR A 12 -18.10 2.80 -11.51
N ALA A 13 -18.99 1.82 -11.31
CA ALA A 13 -20.40 1.96 -11.68
C ALA A 13 -21.17 2.93 -10.78
N GLY A 14 -20.58 3.28 -9.64
CA GLY A 14 -21.16 4.28 -8.73
C GLY A 14 -22.35 3.77 -7.92
N PRO A 15 -22.78 4.53 -6.91
CA PRO A 15 -23.84 4.06 -6.03
C PRO A 15 -25.22 4.11 -6.71
N TYR A 16 -25.33 4.83 -7.82
CA TYR A 16 -26.60 4.95 -8.51
C TYR A 16 -26.68 4.12 -9.80
N VAL A 17 -25.83 3.09 -9.91
CA VAL A 17 -25.84 2.14 -11.03
C VAL A 17 -27.29 1.65 -11.33
N HIS A 18 -28.12 1.59 -10.31
CA HIS A 18 -29.49 1.07 -10.44
CA HIS A 18 -29.46 1.03 -10.49
C HIS A 18 -30.34 1.89 -11.41
N ILE A 19 -30.07 3.21 -11.47
CA ILE A 19 -30.77 4.12 -12.38
CA ILE A 19 -30.76 4.12 -12.38
C ILE A 19 -30.71 3.57 -13.81
N GLY A 20 -29.55 3.04 -14.18
CA GLY A 20 -29.36 2.60 -15.54
C GLY A 20 -29.61 1.11 -15.75
N LEU A 21 -29.32 0.30 -14.74
CA LEU A 21 -29.21 -1.15 -14.92
C LEU A 21 -30.11 -2.00 -14.01
N ALA A 22 -30.77 -1.36 -13.06
CA ALA A 22 -31.68 -2.04 -12.10
C ALA A 22 -32.79 -1.09 -11.72
N LEU A 23 -33.64 -0.77 -12.69
CA LEU A 23 -34.53 0.39 -12.62
C LEU A 23 -35.45 0.45 -11.39
N GLU A 24 -36.06 -0.68 -11.10
CA GLU A 24 -36.93 -0.84 -9.95
CA GLU A 24 -36.95 -0.82 -9.94
C GLU A 24 -36.19 -0.47 -8.66
N ALA A 25 -34.97 -1.02 -8.52
CA ALA A 25 -34.16 -0.83 -7.32
C ALA A 25 -33.89 0.64 -7.06
N ALA A 26 -33.73 1.42 -8.13
CA ALA A 26 -33.49 2.86 -8.02
C ALA A 26 -34.70 3.60 -7.40
N GLY A 27 -35.86 2.96 -7.47
CA GLY A 27 -37.15 3.58 -7.12
C GLY A 27 -37.92 4.05 -8.33
N ASN A 28 -37.53 3.57 -9.53
CA ASN A 28 -38.05 4.14 -10.78
C ASN A 28 -38.91 3.19 -11.61
N PRO A 29 -39.74 3.75 -12.50
CA PRO A 29 -40.55 2.95 -13.41
C PRO A 29 -39.67 2.14 -14.38
N THR A 30 -40.14 0.95 -14.73
CA THR A 30 -39.39 0.09 -15.65
C THR A 30 -39.90 0.25 -17.06
N ARG A 31 -39.07 -0.16 -18.02
CA ARG A 31 -39.48 -0.18 -19.42
C ARG A 31 -40.16 -1.51 -19.69
N ASP A 32 -40.71 -1.67 -20.90
CA ASP A 32 -41.47 -2.87 -21.23
CA ASP A 32 -41.44 -2.87 -21.31
C ASP A 32 -40.59 -4.13 -21.17
N GLN A 33 -39.33 -4.04 -21.59
CA GLN A 33 -38.42 -5.20 -21.48
C GLN A 33 -37.21 -4.80 -20.64
N GLU A 34 -36.92 -5.58 -19.61
CA GLU A 34 -35.76 -5.36 -18.74
C GLU A 34 -34.96 -6.65 -18.63
N ILE A 35 -33.64 -6.52 -18.50
CA ILE A 35 -32.74 -7.66 -18.31
C ILE A 35 -32.61 -7.83 -16.81
N TRP A 36 -33.10 -8.96 -16.26
CA TRP A 36 -33.09 -9.08 -14.80
C TRP A 36 -32.74 -10.50 -14.33
N ASN A 37 -33.30 -10.93 -13.19
CA ASN A 37 -32.71 -12.05 -12.41
C ASN A 37 -33.39 -13.40 -12.61
N ARG A 38 -34.29 -13.49 -13.59
CA ARG A 38 -34.94 -14.76 -13.90
C ARG A 38 -34.44 -15.33 -15.20
N LEU A 39 -33.44 -16.19 -15.10
CA LEU A 39 -32.85 -16.78 -16.29
C LEU A 39 -33.71 -17.90 -16.85
N ALA A 40 -34.53 -18.52 -15.99
CA ALA A 40 -35.30 -19.68 -16.43
C ALA A 40 -36.79 -19.49 -16.16
N LYS A 41 -37.61 -19.73 -17.18
CA LYS A 41 -39.05 -19.85 -16.96
C LYS A 41 -39.35 -21.28 -16.46
N PRO A 42 -40.49 -21.47 -15.78
CA PRO A 42 -40.82 -22.81 -15.22
C PRO A 42 -40.62 -23.98 -16.19
N ASP A 43 -40.82 -23.71 -17.48
CA ASP A 43 -40.74 -24.71 -18.56
CA ASP A 43 -40.74 -24.69 -18.56
C ASP A 43 -39.32 -25.05 -19.02
N ALA A 44 -38.32 -24.36 -18.51
CA ALA A 44 -36.96 -24.61 -18.95
C ALA A 44 -36.53 -26.00 -18.48
N PRO A 45 -35.85 -26.78 -19.35
CA PRO A 45 -35.31 -28.06 -18.90
C PRO A 45 -34.16 -27.91 -17.88
N GLY A 46 -33.98 -28.93 -17.05
CA GLY A 46 -32.94 -28.93 -16.03
C GLY A 46 -33.48 -28.77 -14.61
N GLU A 47 -32.57 -28.71 -13.65
CA GLU A 47 -32.92 -28.61 -12.26
C GLU A 47 -33.07 -27.13 -11.87
N HIS A 48 -34.31 -26.71 -11.56
CA HIS A 48 -34.57 -25.31 -11.17
C HIS A 48 -34.03 -24.99 -9.79
N ILE A 49 -33.26 -23.91 -9.70
CA ILE A 49 -32.63 -23.53 -8.44
C ILE A 49 -32.73 -22.03 -8.15
N LEU A 50 -32.74 -21.70 -6.86
CA LEU A 50 -32.63 -20.35 -6.37
C LEU A 50 -31.19 -20.12 -5.93
N LEU A 51 -30.60 -19.00 -6.36
CA LEU A 51 -29.30 -18.56 -5.84
C LEU A 51 -29.49 -17.29 -5.07
N LEU A 52 -28.77 -17.13 -3.98
CA LEU A 52 -28.85 -15.93 -3.19
C LEU A 52 -27.52 -15.66 -2.51
N GLY A 53 -27.29 -14.43 -2.08
CA GLY A 53 -26.04 -14.13 -1.42
C GLY A 53 -25.95 -12.71 -0.93
N GLN A 54 -24.95 -12.49 -0.09
CA GLN A 54 -24.61 -11.18 0.40
C GLN A 54 -23.14 -10.86 0.07
N VAL A 55 -22.83 -9.58 0.01
CA VAL A 55 -21.49 -9.12 -0.37
C VAL A 55 -20.91 -8.30 0.78
N TYR A 56 -19.69 -8.59 1.18
CA TYR A 56 -19.07 -7.94 2.35
C TYR A 56 -17.82 -7.20 1.95
N ASP A 57 -17.58 -6.05 2.58
CA ASP A 57 -16.32 -5.33 2.40
C ASP A 57 -15.25 -5.79 3.39
N GLY A 58 -14.11 -5.11 3.38
CA GLY A 58 -12.95 -5.55 4.15
C GLY A 58 -13.11 -5.38 5.64
N ASN A 59 -14.10 -4.60 6.04
CA ASN A 59 -14.42 -4.46 7.47
C ASN A 59 -15.55 -5.39 7.92
N GLY A 60 -15.97 -6.29 7.02
CA GLY A 60 -17.06 -7.23 7.31
C GLY A 60 -18.46 -6.66 7.23
N HIS A 61 -18.58 -5.49 6.60
CA HIS A 61 -19.88 -4.83 6.45
C HIS A 61 -20.51 -5.09 5.09
N LEU A 62 -21.83 -5.17 5.08
CA LEU A 62 -22.55 -5.44 3.84
C LEU A 62 -22.35 -4.33 2.81
N VAL A 63 -22.19 -4.77 1.57
CA VAL A 63 -22.11 -3.88 0.43
C VAL A 63 -23.52 -3.84 -0.12
N ARG A 64 -24.24 -2.78 0.25
CA ARG A 64 -25.65 -2.73 0.02
C ARG A 64 -25.98 -2.20 -1.35
N ASP A 65 -24.98 -1.80 -2.13
CA ASP A 65 -25.26 -1.20 -3.43
C ASP A 65 -24.59 -1.98 -4.57
N SER A 66 -24.40 -3.29 -4.35
CA SER A 66 -23.76 -4.20 -5.32
C SER A 66 -24.63 -4.41 -6.54
N PHE A 67 -24.00 -4.57 -7.69
CA PHE A 67 -24.71 -4.92 -8.93
C PHE A 67 -23.95 -6.10 -9.54
N LEU A 68 -24.66 -7.18 -9.91
CA LEU A 68 -24.00 -8.41 -10.37
C LEU A 68 -24.52 -8.82 -11.74
N GLU A 69 -23.60 -9.23 -12.63
CA GLU A 69 -24.03 -9.81 -13.89
C GLU A 69 -23.59 -11.27 -13.90
N VAL A 70 -24.43 -12.14 -14.43
CA VAL A 70 -24.10 -13.57 -14.42
C VAL A 70 -24.22 -14.15 -15.81
N TRP A 71 -23.41 -15.19 -16.05
CA TRP A 71 -23.39 -15.82 -17.36
C TRP A 71 -23.16 -17.30 -17.10
N GLN A 72 -24.05 -18.17 -17.60
CA GLN A 72 -23.95 -19.59 -17.29
C GLN A 72 -24.46 -20.44 -18.44
N ALA A 73 -24.02 -21.70 -18.51
CA ALA A 73 -24.53 -22.61 -19.54
C ALA A 73 -25.94 -23.07 -19.16
N ASP A 74 -26.67 -23.57 -20.15
CA ASP A 74 -27.96 -24.20 -19.89
C ASP A 74 -27.68 -25.60 -19.29
N ALA A 75 -28.72 -26.38 -19.07
CA ALA A 75 -28.57 -27.68 -18.42
C ALA A 75 -27.77 -28.69 -19.25
N ASN A 76 -27.69 -28.50 -20.58
CA ASN A 76 -26.86 -29.30 -21.50
C ASN A 76 -25.39 -28.87 -21.53
N GLY A 77 -25.06 -27.78 -20.84
CA GLY A 77 -23.70 -27.29 -20.85
C GLY A 77 -23.42 -26.49 -22.11
N GLU A 78 -24.45 -25.85 -22.64
CA GLU A 78 -24.33 -24.99 -23.82
C GLU A 78 -24.66 -23.53 -23.46
N TYR A 79 -23.83 -22.59 -23.93
CA TYR A 79 -24.10 -21.18 -23.67
C TYR A 79 -25.08 -20.67 -24.71
N GLN A 80 -26.12 -19.99 -24.23
CA GLN A 80 -27.13 -19.48 -25.12
C GLN A 80 -27.02 -17.95 -25.19
N ASP A 81 -26.41 -17.48 -26.26
CA ASP A 81 -26.17 -16.03 -26.42
C ASP A 81 -27.31 -15.20 -27.03
N ALA A 82 -28.34 -15.86 -27.57
CA ALA A 82 -29.42 -15.14 -28.26
C ALA A 82 -30.45 -14.66 -27.24
N TYR A 83 -30.20 -13.49 -26.65
CA TYR A 83 -30.95 -13.05 -25.47
C TYR A 83 -32.37 -12.67 -25.90
N ASN A 84 -33.38 -13.23 -25.26
CA ASN A 84 -34.75 -12.91 -25.64
C ASN A 84 -35.65 -13.21 -24.46
N LEU A 85 -36.48 -12.25 -24.10
CA LEU A 85 -37.37 -12.44 -22.95
C LEU A 85 -38.45 -13.52 -23.21
N GLU A 86 -38.61 -13.88 -24.48
CA GLU A 86 -39.53 -14.97 -24.89
C GLU A 86 -38.93 -16.37 -24.62
N ASN A 87 -37.62 -16.43 -24.44
CA ASN A 87 -36.92 -17.71 -24.27
C ASN A 87 -37.31 -18.34 -22.95
N ALA A 88 -37.45 -19.67 -22.93
CA ALA A 88 -37.62 -20.39 -21.67
C ALA A 88 -36.35 -20.27 -20.82
N PHE A 89 -35.18 -20.15 -21.47
CA PHE A 89 -33.92 -19.99 -20.73
C PHE A 89 -33.00 -18.95 -21.40
N ASN A 90 -32.37 -18.10 -20.59
CA ASN A 90 -31.31 -17.21 -21.07
C ASN A 90 -30.07 -17.46 -20.26
N SER A 91 -28.92 -17.47 -20.90
CA SER A 91 -27.64 -17.70 -20.20
C SER A 91 -27.17 -16.50 -19.38
N PHE A 92 -27.77 -15.33 -19.63
CA PHE A 92 -27.34 -14.08 -19.01
C PHE A 92 -28.41 -13.52 -18.09
N GLY A 93 -27.98 -12.92 -16.98
CA GLY A 93 -28.93 -12.17 -16.15
C GLY A 93 -28.23 -11.15 -15.28
N ARG A 94 -29.05 -10.37 -14.57
CA ARG A 94 -28.56 -9.31 -13.72
C ARG A 94 -29.27 -9.38 -12.41
N THR A 95 -28.59 -8.99 -11.33
CA THR A 95 -29.25 -8.84 -10.04
C THR A 95 -28.55 -7.74 -9.20
N ALA A 96 -29.10 -7.40 -8.05
CA ALA A 96 -28.53 -6.33 -7.23
C ALA A 96 -28.83 -6.63 -5.78
N THR A 97 -28.02 -6.10 -4.88
CA THR A 97 -28.34 -6.30 -3.46
C THR A 97 -29.41 -5.34 -2.94
N THR A 98 -30.36 -5.84 -2.14
CA THR A 98 -31.30 -4.94 -1.44
C THR A 98 -30.56 -3.91 -0.53
N PHE A 99 -31.00 -2.67 -0.54
CA PHE A 99 -30.38 -1.61 0.28
C PHE A 99 -30.60 -1.85 1.76
N ASP A 100 -31.73 -2.50 2.08
CA ASP A 100 -32.11 -2.93 3.45
C ASP A 100 -31.35 -4.17 4.00
N ALA A 101 -31.58 -5.33 3.40
CA ALA A 101 -30.99 -6.59 3.85
C ALA A 101 -29.64 -6.91 3.20
N GLY A 102 -29.42 -6.31 2.02
CA GLY A 102 -28.19 -6.52 1.26
C GLY A 102 -28.11 -7.86 0.55
N GLU A 103 -29.25 -8.48 0.24
CA GLU A 103 -29.25 -9.82 -0.35
C GLU A 103 -29.66 -9.70 -1.81
N TRP A 104 -28.94 -10.41 -2.71
CA TRP A 104 -29.38 -10.53 -4.10
C TRP A 104 -29.95 -11.92 -4.30
N THR A 105 -30.78 -12.09 -5.32
CA THR A 105 -31.28 -13.42 -5.67
C THR A 105 -31.26 -13.64 -7.19
N LEU A 106 -31.18 -14.91 -7.59
CA LEU A 106 -31.31 -15.30 -9.00
C LEU A 106 -32.16 -16.55 -9.13
N HIS A 107 -32.94 -16.62 -10.19
CA HIS A 107 -33.78 -17.80 -10.47
C HIS A 107 -33.32 -18.41 -11.76
N THR A 108 -32.83 -19.66 -11.71
CA THR A 108 -32.17 -20.22 -12.87
C THR A 108 -32.26 -21.75 -12.85
N VAL A 109 -31.47 -22.42 -13.69
CA VAL A 109 -31.32 -23.87 -13.62
C VAL A 109 -29.84 -24.17 -13.38
N LYS A 110 -29.55 -25.34 -12.85
CA LYS A 110 -28.16 -25.70 -12.62
C LYS A 110 -27.46 -25.90 -13.98
N PRO A 111 -26.32 -25.22 -14.21
CA PRO A 111 -25.68 -25.41 -15.51
C PRO A 111 -25.05 -26.78 -15.67
N GLY A 112 -25.02 -27.27 -16.90
CA GLY A 112 -24.30 -28.51 -17.22
C GLY A 112 -22.82 -28.26 -17.37
N VAL A 113 -22.08 -29.34 -17.57
CA VAL A 113 -20.63 -29.32 -17.69
C VAL A 113 -20.16 -28.73 -19.02
N VAL A 114 -19.11 -27.92 -18.94
CA VAL A 114 -18.47 -27.29 -20.08
C VAL A 114 -16.98 -27.66 -20.07
N ASN A 115 -16.40 -28.05 -21.21
CA ASN A 115 -14.95 -28.32 -21.24
C ASN A 115 -14.16 -27.03 -21.36
N ASN A 116 -12.95 -27.00 -20.79
CA ASN A 116 -12.01 -25.91 -21.08
C ASN A 116 -11.43 -26.05 -22.49
N ALA A 117 -10.55 -25.14 -22.88
CA ALA A 117 -10.08 -25.11 -24.26
C ALA A 117 -9.28 -26.35 -24.59
N ALA A 118 -8.68 -26.97 -23.56
CA ALA A 118 -7.86 -28.17 -23.71
C ALA A 118 -8.68 -29.48 -23.69
N GLY A 119 -10.00 -29.36 -23.60
CA GLY A 119 -10.93 -30.51 -23.58
C GLY A 119 -11.19 -31.15 -22.22
N VAL A 120 -10.70 -30.51 -21.15
CA VAL A 120 -10.85 -31.04 -19.80
C VAL A 120 -12.13 -30.46 -19.18
N PRO A 121 -12.99 -31.32 -18.59
CA PRO A 121 -14.27 -30.80 -18.10
C PRO A 121 -14.16 -29.90 -16.85
N MET A 122 -14.87 -28.79 -16.91
CA MET A 122 -14.95 -27.89 -15.77
C MET A 122 -16.16 -28.30 -14.94
N ALA A 123 -16.05 -28.14 -13.62
CA ALA A 123 -17.22 -28.43 -12.76
C ALA A 123 -18.30 -27.39 -13.09
N PRO A 124 -19.59 -27.71 -12.84
CA PRO A 124 -20.67 -26.74 -13.12
C PRO A 124 -20.42 -25.40 -12.43
N HIS A 125 -20.56 -24.28 -13.15
CA HIS A 125 -20.28 -23.01 -12.54
C HIS A 125 -21.09 -21.91 -13.19
N ILE A 126 -21.26 -20.82 -12.42
CA ILE A 126 -21.88 -19.59 -12.89
CA ILE A 126 -21.83 -19.63 -12.98
C ILE A 126 -20.77 -18.54 -12.92
N ASN A 127 -20.58 -17.86 -14.05
CA ASN A 127 -19.59 -16.77 -14.09
C ASN A 127 -20.27 -15.51 -13.56
N ILE A 128 -19.58 -14.78 -12.67
CA ILE A 128 -20.17 -13.61 -12.03
C ILE A 128 -19.25 -12.42 -12.25
N SER A 129 -19.83 -11.27 -12.59
CA SER A 129 -19.10 -9.99 -12.55
C SER A 129 -19.74 -9.04 -11.56
N LEU A 130 -18.92 -8.51 -10.64
CA LEU A 130 -19.40 -7.67 -9.54
C LEU A 130 -18.96 -6.21 -9.71
N PHE A 131 -19.94 -5.31 -9.65
CA PHE A 131 -19.77 -3.87 -9.80
C PHE A 131 -20.35 -3.18 -8.56
N ALA A 132 -19.78 -2.04 -8.20
CA ALA A 132 -20.32 -1.22 -7.09
C ALA A 132 -19.53 0.05 -6.99
N ARG A 133 -20.11 1.04 -6.31
CA ARG A 133 -19.33 2.12 -5.72
C ARG A 133 -18.10 1.54 -5.00
N GLY A 134 -16.94 2.17 -5.24
CA GLY A 134 -15.69 1.75 -4.64
C GLY A 134 -14.93 0.68 -5.41
N ILE A 135 -15.59 0.06 -6.39
CA ILE A 135 -14.92 -0.96 -7.25
C ILE A 135 -14.61 -0.31 -8.59
N ASN A 136 -13.32 -0.04 -8.83
CA ASN A 136 -12.93 0.75 -10.01
C ASN A 136 -13.02 -0.02 -11.31
N ILE A 137 -12.72 -1.33 -11.23
CA ILE A 137 -12.94 -2.24 -12.34
C ILE A 137 -13.63 -3.49 -11.77
N HIS A 138 -14.64 -3.98 -12.48
CA HIS A 138 -15.42 -5.07 -11.93
C HIS A 138 -14.60 -6.30 -11.61
N LEU A 139 -15.07 -7.06 -10.64
CA LEU A 139 -14.36 -8.23 -10.14
C LEU A 139 -15.04 -9.47 -10.71
N HIS A 140 -14.24 -10.39 -11.25
CA HIS A 140 -14.74 -11.59 -11.87
C HIS A 140 -14.65 -12.73 -10.88
N THR A 141 -15.70 -13.52 -10.76
CA THR A 141 -15.56 -14.73 -9.95
C THR A 141 -16.37 -15.87 -10.54
N ARG A 142 -16.33 -17.04 -9.90
CA ARG A 142 -17.20 -18.15 -10.32
C ARG A 142 -17.90 -18.69 -9.10
N LEU A 143 -19.16 -19.04 -9.29
CA LEU A 143 -19.95 -19.75 -8.28
C LEU A 143 -20.00 -21.23 -8.68
N TYR A 144 -19.42 -22.10 -7.85
CA TYR A 144 -19.51 -23.54 -8.00
C TYR A 144 -20.47 -24.04 -6.91
N PHE A 145 -20.74 -25.35 -6.89
CA PHE A 145 -21.84 -25.89 -6.07
C PHE A 145 -21.33 -27.00 -5.14
N ASP A 146 -21.77 -26.99 -3.89
CA ASP A 146 -21.18 -27.94 -2.92
C ASP A 146 -21.69 -29.37 -3.06
N ASP A 147 -22.74 -29.53 -3.87
CA ASP A 147 -23.23 -30.86 -4.22
C ASP A 147 -22.55 -31.42 -5.49
N GLU A 148 -21.46 -30.76 -5.90
CA GLU A 148 -20.62 -31.22 -7.02
C GLU A 148 -19.19 -31.48 -6.57
N ALA A 149 -19.02 -31.91 -5.32
CA ALA A 149 -17.68 -31.92 -4.73
C ALA A 149 -16.68 -32.74 -5.54
N GLN A 150 -17.13 -33.86 -6.09
CA GLN A 150 -16.19 -34.73 -6.82
C GLN A 150 -15.73 -34.09 -8.14
N ALA A 151 -16.66 -33.42 -8.81
CA ALA A 151 -16.34 -32.67 -10.05
C ALA A 151 -15.48 -31.44 -9.73
N ASN A 152 -15.81 -30.74 -8.65
CA ASN A 152 -15.05 -29.54 -8.24
C ASN A 152 -13.60 -29.91 -7.99
N ALA A 153 -13.39 -31.08 -7.38
CA ALA A 153 -12.03 -31.54 -7.05
C ALA A 153 -11.11 -31.67 -8.29
N LYS A 154 -11.71 -31.92 -9.46
CA LYS A 154 -10.95 -32.12 -10.70
C LYS A 154 -11.06 -30.94 -11.67
N CYS A 155 -11.70 -29.85 -11.26
CA CYS A 155 -11.91 -28.73 -12.20
C CYS A 155 -10.57 -28.09 -12.50
N PRO A 156 -10.23 -27.95 -13.80
CA PRO A 156 -8.92 -27.37 -14.13
C PRO A 156 -8.83 -25.88 -13.83
N VAL A 157 -9.97 -25.18 -13.68
CA VAL A 157 -9.94 -23.79 -13.26
C VAL A 157 -9.75 -23.71 -11.73
N LEU A 158 -10.53 -24.46 -10.96
CA LEU A 158 -10.32 -24.42 -9.51
C LEU A 158 -8.89 -24.84 -9.15
N ASN A 159 -8.34 -25.73 -9.95
CA ASN A 159 -7.02 -26.26 -9.66
C ASN A 159 -5.88 -25.29 -9.99
N LEU A 160 -6.22 -24.18 -10.65
CA LEU A 160 -5.25 -23.10 -10.86
C LEU A 160 -5.11 -22.22 -9.62
N ILE A 161 -6.05 -22.34 -8.67
CA ILE A 161 -5.94 -21.63 -7.41
C ILE A 161 -4.93 -22.41 -6.57
N GLU A 162 -3.76 -21.81 -6.30
CA GLU A 162 -2.63 -22.57 -5.75
C GLU A 162 -2.94 -23.20 -4.38
N GLN A 163 -3.64 -22.44 -3.52
CA GLN A 163 -4.02 -22.90 -2.18
C GLN A 163 -5.40 -23.50 -2.08
N PRO A 164 -5.48 -24.77 -1.66
CA PRO A 164 -6.78 -25.43 -1.51
C PRO A 164 -7.80 -24.65 -0.67
N GLN A 165 -7.34 -23.99 0.40
CA GLN A 165 -8.23 -23.23 1.25
C GLN A 165 -8.97 -22.10 0.47
N ARG A 166 -8.28 -21.49 -0.48
CA ARG A 166 -8.91 -20.45 -1.30
C ARG A 166 -9.98 -21.00 -2.24
N ARG A 167 -9.84 -22.25 -2.67
CA ARG A 167 -10.88 -22.84 -3.54
C ARG A 167 -12.23 -22.88 -2.82
N GLU A 168 -12.22 -23.08 -1.50
CA GLU A 168 -13.47 -23.15 -0.75
C GLU A 168 -14.33 -21.88 -0.84
N THR A 169 -13.68 -20.75 -1.14
CA THR A 169 -14.41 -19.48 -1.22
C THR A 169 -15.35 -19.44 -2.41
N LEU A 170 -15.19 -20.36 -3.36
CA LEU A 170 -16.01 -20.34 -4.57
C LEU A 170 -17.13 -21.37 -4.53
N ILE A 171 -17.31 -22.04 -3.40
CA ILE A 171 -18.27 -23.14 -3.36
C ILE A 171 -19.53 -22.70 -2.64
N ALA A 172 -20.63 -22.59 -3.38
CA ALA A 172 -21.92 -22.17 -2.81
C ALA A 172 -22.51 -23.33 -1.99
N LYS A 173 -23.24 -23.00 -0.93
CA LYS A 173 -23.80 -24.00 0.00
C LYS A 173 -25.29 -24.25 -0.27
N ARG A 174 -25.61 -25.51 -0.53
CA ARG A 174 -26.97 -25.95 -0.83
C ARG A 174 -27.83 -25.92 0.42
N CYS A 175 -29.03 -25.41 0.24
CA CYS A 175 -30.04 -25.33 1.29
C CYS A 175 -31.40 -25.56 0.63
N GLU A 176 -32.47 -25.51 1.41
CA GLU A 176 -33.82 -25.54 0.87
C GLU A 176 -34.49 -24.23 1.27
N VAL A 177 -35.19 -23.60 0.32
CA VAL A 177 -35.89 -22.36 0.60
C VAL A 177 -37.31 -22.48 0.04
N ASP A 178 -38.29 -22.40 0.94
CA ASP A 178 -39.70 -22.65 0.59
C ASP A 178 -39.87 -23.89 -0.29
N GLY A 179 -39.29 -25.01 0.15
CA GLY A 179 -39.38 -26.28 -0.57
C GLY A 179 -38.63 -26.42 -1.89
N LYS A 180 -37.83 -25.41 -2.24
CA LYS A 180 -37.05 -25.42 -3.49
C LYS A 180 -35.54 -25.43 -3.19
N THR A 181 -34.78 -26.14 -4.01
CA THR A 181 -33.32 -26.19 -3.87
C THR A 181 -32.75 -24.79 -4.07
N ALA A 182 -31.91 -24.39 -3.13
CA ALA A 182 -31.28 -23.07 -3.18
C ALA A 182 -29.79 -23.24 -2.88
N TYR A 183 -28.97 -22.27 -3.29
CA TYR A 183 -27.57 -22.22 -2.84
C TYR A 183 -27.20 -20.80 -2.41
N ARG A 184 -26.50 -20.68 -1.30
CA ARG A 184 -26.00 -19.38 -0.85
C ARG A 184 -24.58 -19.20 -1.32
N PHE A 185 -24.33 -18.06 -1.97
CA PHE A 185 -22.96 -17.73 -2.39
C PHE A 185 -22.62 -16.31 -1.91
N ASP A 186 -21.93 -16.21 -0.79
CA ASP A 186 -21.55 -14.91 -0.26
C ASP A 186 -20.19 -14.56 -0.79
N ILE A 187 -19.95 -13.28 -1.00
CA ILE A 187 -18.68 -12.80 -1.55
C ILE A 187 -18.03 -11.88 -0.54
N ARG A 188 -16.74 -12.11 -0.27
CA ARG A 188 -15.99 -11.26 0.64
C ARG A 188 -14.93 -10.60 -0.21
N ILE A 189 -15.07 -9.28 -0.39
CA ILE A 189 -14.19 -8.58 -1.33
C ILE A 189 -12.77 -8.54 -0.79
N GLN A 190 -12.62 -8.50 0.53
CA GLN A 190 -11.33 -8.22 1.11
C GLN A 190 -11.19 -8.81 2.49
N GLY A 191 -10.01 -9.35 2.79
CA GLY A 191 -9.66 -9.77 4.15
C GLY A 191 -9.89 -11.25 4.41
N GLU A 192 -10.29 -11.57 5.65
CA GLU A 192 -10.57 -12.97 6.05
CA GLU A 192 -10.50 -12.98 5.99
C GLU A 192 -11.58 -13.61 5.09
N GLY A 193 -11.23 -14.75 4.51
CA GLY A 193 -12.12 -15.47 3.61
C GLY A 193 -12.31 -14.78 2.27
N GLU A 194 -11.36 -13.92 1.90
CA GLU A 194 -11.49 -13.14 0.66
C GLU A 194 -11.80 -14.07 -0.50
N THR A 195 -12.83 -13.74 -1.26
CA THR A 195 -13.26 -14.55 -2.42
C THR A 195 -12.22 -14.50 -3.50
N VAL A 196 -11.94 -15.64 -4.13
CA VAL A 196 -11.03 -15.60 -5.28
C VAL A 196 -11.64 -14.80 -6.44
N PHE A 197 -10.84 -13.89 -7.00
CA PHE A 197 -11.24 -13.13 -8.19
C PHE A 197 -10.25 -13.45 -9.31
N PHE A 198 -10.77 -13.49 -10.54
CA PHE A 198 -9.99 -13.94 -11.69
C PHE A 198 -9.60 -12.82 -12.61
N ASP A 199 -8.53 -13.04 -13.37
CA ASP A 199 -8.23 -12.21 -14.53
C ASP A 199 -8.19 -13.13 -15.74
N PHE A 200 -8.78 -12.69 -16.83
CA PHE A 200 -8.70 -13.42 -18.09
C PHE A 200 -8.91 -12.45 -19.23
N PRO B 1 -26.21 -22.31 -30.35
CA PRO B 1 -25.56 -21.76 -29.16
C PRO B 1 -24.16 -21.17 -29.45
N ALA B 2 -23.57 -20.50 -28.45
CA ALA B 2 -22.26 -19.85 -28.59
C ALA B 2 -21.10 -20.82 -28.72
N GLN B 3 -20.04 -20.38 -29.41
CA GLN B 3 -18.83 -21.19 -29.68
C GLN B 3 -17.55 -20.50 -29.20
N ASP B 4 -16.57 -21.31 -28.80
CA ASP B 4 -15.24 -20.83 -28.43
C ASP B 4 -14.29 -20.80 -29.66
N ASN B 5 -14.40 -19.75 -30.45
CA ASN B 5 -13.48 -19.63 -31.59
C ASN B 5 -12.74 -18.29 -31.61
N SER B 6 -12.82 -17.55 -30.51
CA SER B 6 -12.06 -16.32 -30.43
C SER B 6 -11.31 -16.15 -29.12
N ARG B 7 -10.31 -15.28 -29.16
CA ARG B 7 -9.51 -14.94 -28.00
C ARG B 7 -9.50 -13.42 -27.93
N PHE B 8 -9.37 -12.91 -26.72
CA PHE B 8 -9.40 -11.47 -26.50
C PHE B 8 -8.09 -11.02 -25.90
N VAL B 9 -7.56 -9.92 -26.43
CA VAL B 9 -6.28 -9.37 -25.95
C VAL B 9 -6.32 -9.18 -24.44
N ILE B 10 -5.24 -9.54 -23.74
CA ILE B 10 -5.24 -9.47 -22.27
C ILE B 10 -5.32 -8.01 -21.80
N ARG B 11 -6.09 -7.75 -20.75
CA ARG B 11 -6.26 -6.38 -20.26
C ARG B 11 -4.98 -5.84 -19.67
N ASP B 12 -4.72 -4.55 -19.90
CA ASP B 12 -3.63 -3.88 -19.20
C ASP B 12 -4.19 -3.26 -17.94
N ARG B 13 -3.94 -3.91 -16.80
CA ARG B 13 -4.48 -3.46 -15.55
C ARG B 13 -3.63 -2.37 -14.88
N ASN B 14 -2.65 -1.85 -15.61
CA ASN B 14 -2.05 -0.55 -15.24
C ASN B 14 -2.54 0.61 -16.09
N TRP B 15 -3.32 0.29 -17.10
CA TRP B 15 -4.01 1.28 -17.93
C TRP B 15 -5.37 1.55 -17.34
N HIS B 16 -6.12 0.47 -17.10
CA HIS B 16 -7.27 0.58 -16.20
C HIS B 16 -6.87 1.09 -14.82
N PRO B 17 -7.85 1.65 -14.07
CA PRO B 17 -7.58 1.97 -12.67
C PRO B 17 -7.28 0.70 -11.87
N LYS B 18 -6.35 0.80 -10.93
CA LYS B 18 -6.15 -0.29 -9.98
C LYS B 18 -7.31 -0.35 -8.98
N ALA B 19 -7.39 -1.45 -8.23
CA ALA B 19 -8.48 -1.58 -7.27
C ALA B 19 -8.30 -0.62 -6.10
N LEU B 20 -7.07 -0.54 -5.58
CA LEU B 20 -6.84 0.26 -4.38
C LEU B 20 -6.31 1.64 -4.79
N THR B 21 -7.17 2.65 -4.65
CA THR B 21 -6.87 4.02 -5.03
C THR B 21 -7.36 4.90 -3.87
N PRO B 22 -6.55 4.97 -2.79
CA PRO B 22 -7.09 5.46 -1.49
C PRO B 22 -7.74 6.85 -1.47
N ASP B 23 -7.35 7.74 -2.39
CA ASP B 23 -7.95 9.08 -2.45
C ASP B 23 -9.43 9.00 -2.79
N TYR B 24 -9.82 7.92 -3.49
CA TYR B 24 -11.22 7.54 -3.65
C TYR B 24 -11.56 6.62 -2.47
N LYS B 25 -12.11 7.21 -1.41
CA LYS B 25 -12.09 6.58 -0.10
C LYS B 25 -12.80 5.23 -0.03
N THR B 26 -13.90 5.09 -0.76
CA THR B 26 -14.65 3.85 -0.71
C THR B 26 -13.90 2.67 -1.34
N SER B 27 -12.84 2.94 -2.11
CA SER B 27 -12.09 1.85 -2.71
C SER B 27 -11.21 1.15 -1.68
N ILE B 28 -10.95 1.79 -0.54
CA ILE B 28 -10.03 1.22 0.44
C ILE B 28 -10.57 -0.11 0.96
N ALA B 29 -11.86 -0.15 1.33
CA ALA B 29 -12.44 -1.38 1.91
C ALA B 29 -13.05 -2.32 0.85
N ARG B 30 -13.10 -1.87 -0.41
CA ARG B 30 -13.82 -2.62 -1.47
C ARG B 30 -12.83 -3.05 -2.56
N SER B 31 -11.57 -3.17 -2.18
CA SER B 31 -10.52 -3.67 -3.09
C SER B 31 -9.90 -4.98 -2.55
N PRO B 32 -9.73 -5.98 -3.41
CA PRO B 32 -9.14 -7.23 -2.92
C PRO B 32 -7.69 -7.00 -2.48
N ARG B 33 -7.24 -7.72 -1.47
CA ARG B 33 -5.83 -7.61 -1.09
C ARG B 33 -5.00 -8.76 -1.66
N GLN B 34 -5.66 -9.84 -2.12
CA GLN B 34 -4.94 -10.94 -2.76
C GLN B 34 -4.87 -10.67 -4.25
N ALA B 35 -3.86 -11.25 -4.89
CA ALA B 35 -3.73 -11.08 -6.34
C ALA B 35 -4.89 -11.76 -7.05
N LEU B 36 -5.29 -11.19 -8.18
CA LEU B 36 -6.22 -11.88 -9.09
C LEU B 36 -5.57 -13.16 -9.57
N VAL B 37 -6.37 -14.19 -9.80
CA VAL B 37 -5.86 -15.46 -10.33
C VAL B 37 -6.11 -15.49 -11.82
N SER B 38 -5.03 -15.53 -12.61
CA SER B 38 -5.20 -15.63 -14.05
C SER B 38 -5.67 -17.01 -14.46
N ILE B 39 -6.66 -17.04 -15.35
CA ILE B 39 -7.11 -18.31 -15.94
C ILE B 39 -7.13 -18.19 -17.46
N PRO B 40 -6.99 -19.33 -18.15
CA PRO B 40 -6.92 -19.24 -19.62
C PRO B 40 -8.31 -19.01 -20.15
N GLN B 41 -8.45 -18.43 -21.34
CA GLN B 41 -9.78 -18.21 -21.88
C GLN B 41 -10.36 -19.57 -22.28
N SER B 42 -11.62 -19.78 -21.90
CA SER B 42 -12.43 -20.92 -22.33
C SER B 42 -13.70 -20.36 -22.88
N ILE B 43 -14.59 -21.23 -23.32
CA ILE B 43 -15.87 -20.78 -23.83
C ILE B 43 -16.67 -19.99 -22.78
N SER B 44 -16.42 -20.23 -21.49
CA SER B 44 -17.14 -19.47 -20.44
C SER B 44 -16.84 -17.98 -20.50
N GLU B 45 -15.61 -17.65 -20.90
CA GLU B 45 -15.12 -16.26 -20.91
C GLU B 45 -15.21 -15.60 -22.26
N THR B 46 -15.19 -16.39 -23.34
CA THR B 46 -15.09 -15.79 -24.68
C THR B 46 -16.43 -15.68 -25.41
N THR B 47 -17.50 -16.02 -24.69
CA THR B 47 -18.86 -15.85 -25.16
C THR B 47 -19.60 -14.86 -24.25
N GLY B 48 -20.78 -14.44 -24.69
CA GLY B 48 -21.55 -13.50 -23.91
C GLY B 48 -22.85 -13.26 -24.65
N PRO B 49 -23.78 -12.56 -24.00
CA PRO B 49 -25.12 -12.31 -24.58
C PRO B 49 -25.09 -11.33 -25.79
N ASN B 50 -26.00 -11.55 -26.74
CA ASN B 50 -26.21 -10.70 -27.90
C ASN B 50 -27.64 -10.22 -27.74
N PHE B 51 -27.83 -8.91 -27.81
CA PHE B 51 -29.09 -8.30 -27.45
C PHE B 51 -29.85 -7.83 -28.68
N SER B 52 -29.49 -8.36 -29.85
CA SER B 52 -30.19 -8.07 -31.10
C SER B 52 -31.70 -8.12 -30.99
N HIS B 53 -32.22 -9.06 -30.18
CA HIS B 53 -33.68 -9.22 -30.04
C HIS B 53 -34.29 -8.77 -28.72
N LEU B 54 -33.54 -7.97 -27.97
CA LEU B 54 -34.13 -7.22 -26.87
C LEU B 54 -35.04 -6.14 -27.46
N GLY B 55 -36.20 -5.95 -26.85
CA GLY B 55 -37.21 -5.04 -27.39
C GLY B 55 -37.02 -3.64 -26.84
N PHE B 56 -36.59 -2.73 -27.70
CA PHE B 56 -36.36 -1.35 -27.26
C PHE B 56 -37.60 -0.51 -27.50
N GLY B 57 -37.95 0.34 -26.54
CA GLY B 57 -38.99 1.35 -26.72
C GLY B 57 -38.54 2.46 -27.66
N ALA B 58 -39.52 3.16 -28.25
CA ALA B 58 -39.21 4.16 -29.26
C ALA B 58 -38.30 5.29 -28.74
N HIS B 59 -38.41 5.61 -27.45
CA HIS B 59 -37.59 6.70 -26.89
C HIS B 59 -36.45 6.22 -26.00
N ASP B 60 -36.07 4.94 -26.10
CA ASP B 60 -35.10 4.41 -25.13
C ASP B 60 -33.76 5.17 -25.16
N HIS B 61 -33.41 5.72 -26.32
CA HIS B 61 -32.13 6.41 -26.51
C HIS B 61 -32.28 7.92 -26.40
N ASP B 62 -33.48 8.37 -26.04
CA ASP B 62 -33.82 9.82 -26.10
C ASP B 62 -34.32 10.33 -24.76
N LEU B 63 -33.38 10.84 -23.97
CA LEU B 63 -33.68 11.26 -22.58
C LEU B 63 -34.45 12.58 -22.54
N LEU B 64 -34.58 13.24 -23.69
CA LEU B 64 -35.47 14.43 -23.70
C LEU B 64 -36.97 14.08 -23.78
N LEU B 65 -37.26 12.86 -24.20
CA LEU B 65 -38.66 12.42 -24.36
C LEU B 65 -39.04 11.19 -23.54
N ASN B 66 -38.04 10.48 -23.01
CA ASN B 66 -38.32 9.20 -22.32
C ASN B 66 -38.77 9.29 -20.85
N PHE B 67 -38.86 10.51 -20.31
CA PHE B 67 -39.45 10.74 -18.98
C PHE B 67 -40.38 11.94 -19.08
N ASN B 68 -41.31 11.87 -20.02
CA ASN B 68 -42.15 13.01 -20.33
C ASN B 68 -43.31 13.11 -19.36
N ASN B 69 -43.28 14.15 -18.54
CA ASN B 69 -44.36 14.44 -17.61
C ASN B 69 -44.99 15.81 -17.86
N GLY B 70 -45.12 16.15 -19.13
CA GLY B 70 -45.80 17.39 -19.55
C GLY B 70 -44.92 18.45 -20.18
N GLY B 71 -43.61 18.20 -20.25
CA GLY B 71 -42.72 19.20 -20.80
C GLY B 71 -41.34 18.66 -21.10
N LEU B 72 -40.48 19.54 -21.60
CA LEU B 72 -39.09 19.15 -21.86
C LEU B 72 -38.23 19.35 -20.63
N PRO B 73 -37.18 18.54 -20.48
CA PRO B 73 -36.28 18.79 -19.34
C PRO B 73 -35.51 20.09 -19.53
N ILE B 74 -35.14 20.71 -18.41
CA ILE B 74 -34.32 21.92 -18.37
C ILE B 74 -32.84 21.56 -18.47
N GLY B 75 -32.11 22.29 -19.31
CA GLY B 75 -30.67 22.11 -19.40
C GLY B 75 -30.14 22.08 -20.83
N GLU B 76 -28.84 21.83 -20.94
CA GLU B 76 -28.15 21.91 -22.24
C GLU B 76 -28.45 20.68 -23.10
N ARG B 77 -29.22 20.91 -24.17
CA ARG B 77 -29.58 19.85 -25.09
C ARG B 77 -28.38 19.39 -25.88
N ILE B 78 -28.08 18.10 -25.81
CA ILE B 78 -26.92 17.50 -26.50
C ILE B 78 -27.20 16.13 -27.07
N ILE B 79 -26.56 15.85 -28.20
CA ILE B 79 -26.44 14.48 -28.70
C ILE B 79 -25.11 13.95 -28.16
N VAL B 80 -25.11 12.70 -27.70
CA VAL B 80 -23.87 12.03 -27.39
C VAL B 80 -23.80 10.83 -28.33
N ALA B 81 -22.78 10.82 -29.19
CA ALA B 81 -22.68 9.78 -30.22
C ALA B 81 -21.25 9.30 -30.33
N GLY B 82 -21.05 8.11 -30.89
CA GLY B 82 -19.70 7.67 -31.18
C GLY B 82 -19.73 6.27 -31.76
N ARG B 83 -18.55 5.65 -31.77
CA ARG B 83 -18.43 4.34 -32.42
C ARG B 83 -17.83 3.41 -31.39
N VAL B 84 -18.27 2.17 -31.37
CA VAL B 84 -17.63 1.13 -30.56
C VAL B 84 -16.79 0.26 -31.51
N VAL B 85 -15.50 0.20 -31.24
CA VAL B 85 -14.58 -0.64 -32.01
C VAL B 85 -13.78 -1.49 -31.03
N ASP B 86 -13.06 -2.49 -31.54
CA ASP B 86 -12.11 -3.21 -30.69
C ASP B 86 -10.70 -2.71 -30.92
N GLN B 87 -9.72 -3.28 -30.22
CA GLN B 87 -8.36 -2.72 -30.24
C GLN B 87 -7.66 -2.85 -31.60
N TYR B 88 -8.18 -3.76 -32.43
CA TYR B 88 -7.71 -3.90 -33.81
C TYR B 88 -8.37 -2.92 -34.77
N GLY B 89 -9.27 -2.10 -34.22
CA GLY B 89 -10.01 -1.11 -35.00
C GLY B 89 -11.26 -1.64 -35.65
N LYS B 90 -11.65 -2.86 -35.33
CA LYS B 90 -12.81 -3.48 -35.94
C LYS B 90 -14.09 -2.97 -35.28
N PRO B 91 -15.08 -2.50 -36.08
CA PRO B 91 -16.33 -2.08 -35.46
C PRO B 91 -17.01 -3.22 -34.70
N VAL B 92 -17.78 -2.85 -33.68
CA VAL B 92 -18.52 -3.81 -32.85
C VAL B 92 -20.00 -3.52 -33.08
N PRO B 93 -20.62 -4.23 -34.04
CA PRO B 93 -22.02 -3.94 -34.40
C PRO B 93 -23.01 -4.65 -33.48
N ASN B 94 -24.26 -4.17 -33.45
CA ASN B 94 -25.33 -4.81 -32.71
CA ASN B 94 -25.35 -4.78 -32.67
C ASN B 94 -24.98 -5.11 -31.22
N THR B 95 -24.26 -4.19 -30.57
CA THR B 95 -23.85 -4.35 -29.17
C THR B 95 -24.65 -3.40 -28.27
N LEU B 96 -24.91 -3.81 -27.03
CA LEU B 96 -25.73 -3.01 -26.14
C LEU B 96 -24.91 -1.90 -25.46
N VAL B 97 -25.38 -0.67 -25.62
CA VAL B 97 -24.81 0.50 -24.94
C VAL B 97 -25.88 1.09 -24.04
N GLU B 98 -25.59 1.11 -22.74
CA GLU B 98 -26.49 1.67 -21.74
C GLU B 98 -25.80 2.87 -21.08
N MET B 99 -26.60 3.86 -20.71
CA MET B 99 -26.04 5.08 -20.13
C MET B 99 -27.00 5.61 -19.08
N TRP B 100 -26.45 6.25 -18.05
CA TRP B 100 -27.30 6.92 -17.05
C TRP B 100 -26.56 8.10 -16.47
N GLN B 101 -27.30 9.03 -15.86
CA GLN B 101 -26.69 10.29 -15.45
C GLN B 101 -27.58 11.07 -14.52
N ALA B 102 -26.99 12.08 -13.90
CA ALA B 102 -27.74 13.08 -13.15
C ALA B 102 -28.41 14.08 -14.09
N ASN B 103 -29.25 14.96 -13.53
CA ASN B 103 -29.86 16.01 -14.33
C ASN B 103 -28.96 17.22 -14.47
N ALA B 104 -29.50 18.31 -15.02
CA ALA B 104 -28.68 19.52 -15.29
C ALA B 104 -28.02 20.09 -14.03
N GLY B 105 -28.61 19.81 -12.88
CA GLY B 105 -28.17 20.32 -11.59
C GLY B 105 -27.30 19.37 -10.80
N GLY B 106 -26.98 18.20 -11.37
CA GLY B 106 -26.21 17.19 -10.64
C GLY B 106 -26.99 16.33 -9.64
N ARG B 107 -28.31 16.35 -9.76
CA ARG B 107 -29.19 15.53 -8.93
C ARG B 107 -29.59 14.25 -9.69
N TYR B 108 -29.39 13.11 -9.04
CA TYR B 108 -29.79 11.82 -9.57
C TYR B 108 -31.20 11.44 -9.14
N ARG B 109 -31.94 10.85 -10.07
CA ARG B 109 -33.23 10.27 -9.77
C ARG B 109 -33.06 8.88 -9.18
N HIS B 110 -32.66 8.85 -7.92
CA HIS B 110 -32.40 7.64 -7.16
C HIS B 110 -32.74 7.97 -5.74
N LYS B 111 -33.48 7.08 -5.10
CA LYS B 111 -33.91 7.26 -3.71
C LYS B 111 -32.77 7.60 -2.73
N ASN B 112 -31.55 7.17 -3.04
CA ASN B 112 -30.41 7.43 -2.15
C ASN B 112 -29.71 8.79 -2.35
N ASP B 113 -30.08 9.53 -3.40
CA ASP B 113 -29.46 10.85 -3.62
C ASP B 113 -30.24 11.95 -2.94
N ARG B 114 -29.63 12.55 -1.92
CA ARG B 114 -30.28 13.60 -1.13
CA ARG B 114 -30.28 13.60 -1.13
C ARG B 114 -29.69 14.99 -1.35
N TYR B 115 -28.85 15.13 -2.39
CA TYR B 115 -28.30 16.46 -2.74
C TYR B 115 -29.46 17.47 -2.88
N LEU B 116 -29.20 18.67 -2.43
CA LEU B 116 -30.23 19.67 -2.33
C LEU B 116 -30.73 20.25 -3.65
N ALA B 117 -30.00 20.08 -4.73
CA ALA B 117 -30.44 20.57 -6.02
C ALA B 117 -31.66 19.75 -6.48
N PRO B 118 -32.67 20.42 -7.08
CA PRO B 118 -33.95 19.76 -7.32
C PRO B 118 -33.92 18.74 -8.44
N LEU B 119 -34.82 17.77 -8.35
CA LEU B 119 -35.12 16.92 -9.47
C LEU B 119 -35.79 17.75 -10.55
N ASP B 120 -35.68 17.28 -11.78
CA ASP B 120 -36.36 17.87 -12.93
C ASP B 120 -37.52 16.92 -13.26
N PRO B 121 -38.78 17.42 -13.23
CA PRO B 121 -39.94 16.52 -13.42
C PRO B 121 -40.01 15.81 -14.76
N ASN B 122 -39.30 16.33 -15.76
CA ASN B 122 -39.29 15.73 -17.10
C ASN B 122 -37.95 15.12 -17.49
N PHE B 123 -37.15 14.77 -16.48
CA PHE B 123 -35.88 14.08 -16.72
C PHE B 123 -35.73 12.86 -15.82
N GLY B 124 -35.49 11.71 -16.44
CA GLY B 124 -35.26 10.45 -15.71
C GLY B 124 -33.77 10.13 -15.60
N GLY B 125 -33.05 10.12 -16.71
CA GLY B 125 -31.58 9.94 -16.64
C GLY B 125 -31.06 8.60 -17.14
N VAL B 126 -31.88 7.83 -17.84
CA VAL B 126 -31.44 6.53 -18.37
C VAL B 126 -31.71 6.38 -19.87
N GLY B 127 -30.70 5.91 -20.60
CA GLY B 127 -30.84 5.56 -22.01
C GLY B 127 -30.23 4.21 -22.36
N ARG B 128 -30.68 3.62 -23.46
CA ARG B 128 -30.00 2.45 -24.01
C ARG B 128 -30.20 2.39 -25.50
N CYS B 129 -29.25 1.78 -26.19
CA CYS B 129 -29.20 1.71 -27.65
CA CYS B 129 -29.38 1.53 -27.61
C CYS B 129 -28.43 0.43 -28.05
N LEU B 130 -28.68 -0.08 -29.25
CA LEU B 130 -27.80 -1.08 -29.84
C LEU B 130 -26.99 -0.38 -30.89
N THR B 131 -25.69 -0.66 -30.96
CA THR B 131 -24.89 -0.10 -32.06
C THR B 131 -25.42 -0.61 -33.39
N ASP B 132 -25.30 0.23 -34.42
CA ASP B 132 -25.73 -0.18 -35.77
C ASP B 132 -24.73 -1.13 -36.41
N SER B 133 -24.97 -1.48 -37.67
CA SER B 133 -24.13 -2.47 -38.35
C SER B 133 -22.71 -1.98 -38.54
N ASP B 134 -22.47 -0.69 -38.33
CA ASP B 134 -21.14 -0.13 -38.46
C ASP B 134 -20.51 0.28 -37.12
N GLY B 135 -21.15 -0.09 -36.01
CA GLY B 135 -20.60 0.18 -34.68
C GLY B 135 -21.02 1.48 -34.04
N TYR B 136 -21.89 2.26 -34.68
CA TYR B 136 -22.28 3.57 -34.15
C TYR B 136 -23.49 3.56 -33.21
N TYR B 137 -23.45 4.41 -32.19
CA TYR B 137 -24.61 4.57 -31.30
C TYR B 137 -24.89 6.07 -31.23
N SER B 138 -26.07 6.43 -30.72
CA SER B 138 -26.45 7.84 -30.54
CA SER B 138 -26.41 7.84 -30.48
C SER B 138 -27.50 7.98 -29.45
N PHE B 139 -27.29 8.93 -28.52
CA PHE B 139 -28.26 9.32 -27.53
C PHE B 139 -28.55 10.82 -27.64
N ARG B 140 -29.74 11.24 -27.23
CA ARG B 140 -30.05 12.65 -27.05
C ARG B 140 -30.37 12.86 -25.58
N THR B 141 -29.74 13.87 -24.97
CA THR B 141 -29.90 14.05 -23.54
C THR B 141 -29.68 15.52 -23.11
N ILE B 142 -29.63 15.76 -21.79
CA ILE B 142 -29.23 17.03 -21.22
C ILE B 142 -27.82 16.85 -20.66
N LYS B 143 -26.95 17.85 -20.82
CA LYS B 143 -25.62 17.74 -20.20
C LYS B 143 -25.78 17.68 -18.67
N PRO B 144 -25.24 16.64 -18.01
CA PRO B 144 -25.39 16.58 -16.55
C PRO B 144 -24.55 17.65 -15.83
N GLY B 145 -24.99 18.10 -14.66
CA GLY B 145 -24.18 19.00 -13.86
C GLY B 145 -23.23 18.27 -12.94
N PRO B 146 -22.19 18.96 -12.46
CA PRO B 146 -21.30 18.40 -11.46
C PRO B 146 -22.10 18.08 -10.22
N HIS B 147 -21.57 17.19 -9.41
CA HIS B 147 -22.27 16.60 -8.24
CA HIS B 147 -22.24 16.94 -8.18
C HIS B 147 -21.29 16.62 -7.05
N PRO B 148 -21.64 17.22 -5.90
CA PRO B 148 -20.76 17.11 -4.76
C PRO B 148 -20.95 15.74 -4.14
N TRP B 149 -19.94 15.27 -3.43
CA TRP B 149 -20.03 13.97 -2.78
C TRP B 149 -19.15 13.91 -1.55
N ARG B 150 -19.52 13.02 -0.62
CA ARG B 150 -18.83 12.93 0.66
C ARG B 150 -17.53 12.09 0.59
N ASN B 151 -16.55 12.58 -0.13
CA ASN B 151 -15.26 11.95 -0.17
C ASN B 151 -14.35 12.80 0.72
N GLY B 152 -13.52 13.64 0.13
CA GLY B 152 -12.90 14.74 0.88
C GLY B 152 -13.95 15.81 1.27
N PRO B 153 -13.53 16.83 2.05
CA PRO B 153 -14.52 17.79 2.53
C PRO B 153 -15.11 18.73 1.45
N ASN B 154 -14.48 18.83 0.29
CA ASN B 154 -15.04 19.68 -0.78
C ASN B 154 -14.78 19.07 -2.15
N ASP B 155 -15.24 17.83 -2.33
CA ASP B 155 -15.05 17.12 -3.58
C ASP B 155 -16.31 17.20 -4.45
N TRP B 156 -16.09 17.36 -5.75
CA TRP B 156 -17.14 17.53 -6.73
C TRP B 156 -16.80 16.70 -7.95
N ARG B 157 -17.71 15.83 -8.36
CA ARG B 157 -17.49 15.10 -9.62
C ARG B 157 -17.60 16.10 -10.77
N PRO B 158 -16.75 15.96 -11.80
CA PRO B 158 -17.01 16.68 -13.05
C PRO B 158 -18.32 16.18 -13.62
N ALA B 159 -18.93 16.96 -14.50
CA ALA B 159 -20.09 16.47 -15.27
C ALA B 159 -19.74 15.10 -15.86
N HIS B 160 -20.61 14.10 -15.71
CA HIS B 160 -20.26 12.79 -16.26
C HIS B 160 -21.49 11.94 -16.57
N ILE B 161 -21.34 11.05 -17.55
CA ILE B 161 -22.41 10.12 -17.91
C ILE B 161 -21.82 8.72 -17.77
N TYR B 162 -22.54 7.83 -17.10
CA TYR B 162 -22.05 6.44 -16.96
C TYR B 162 -22.39 5.71 -18.24
N PHE B 163 -21.48 4.85 -18.70
CA PHE B 163 -21.74 4.00 -19.87
C PHE B 163 -21.49 2.56 -19.52
N GLY B 164 -22.36 1.67 -19.98
CA GLY B 164 -22.04 0.23 -19.93
C GLY B 164 -22.11 -0.33 -21.34
N ILE B 165 -21.12 -1.15 -21.73
CA ILE B 165 -21.05 -1.70 -23.08
C ILE B 165 -20.85 -3.20 -22.97
N SER B 166 -21.70 -3.99 -23.64
CA SER B 166 -21.57 -5.45 -23.55
C SER B 166 -20.41 -5.98 -24.38
N GLY B 167 -20.37 -5.63 -25.65
CA GLY B 167 -19.42 -6.21 -26.55
C GLY B 167 -19.68 -7.69 -26.80
N PRO B 168 -18.75 -8.36 -27.50
CA PRO B 168 -19.01 -9.74 -27.98
C PRO B 168 -18.92 -10.83 -26.91
N SER B 169 -18.38 -10.52 -25.75
CA SER B 169 -18.28 -11.54 -24.70
C SER B 169 -18.27 -10.94 -23.31
N ILE B 170 -18.43 -11.79 -22.30
CA ILE B 170 -18.30 -11.26 -20.93
C ILE B 170 -16.88 -10.78 -20.63
N ALA B 171 -15.90 -11.22 -21.41
CA ALA B 171 -14.55 -10.71 -21.29
C ALA B 171 -14.43 -9.26 -21.78
N THR B 172 -15.31 -8.82 -22.68
CA THR B 172 -15.23 -7.43 -23.20
C THR B 172 -16.09 -6.42 -22.45
N LYS B 173 -17.07 -6.91 -21.68
CA LYS B 173 -18.02 -6.02 -21.02
C LYS B 173 -17.31 -4.97 -20.16
N LEU B 174 -17.83 -3.75 -20.16
CA LEU B 174 -17.13 -2.65 -19.49
C LEU B 174 -18.15 -1.66 -18.97
N ILE B 175 -17.91 -1.12 -17.78
CA ILE B 175 -18.58 0.10 -17.37
C ILE B 175 -17.52 1.19 -17.22
N THR B 176 -17.84 2.38 -17.72
CA THR B 176 -16.91 3.52 -17.58
C THR B 176 -17.70 4.82 -17.36
N GLN B 177 -16.99 5.96 -17.30
CA GLN B 177 -17.66 7.25 -17.20
C GLN B 177 -17.09 8.15 -18.28
N LEU B 178 -18.00 8.85 -18.96
CA LEU B 178 -17.69 9.86 -19.97
C LEU B 178 -17.58 11.20 -19.23
N TYR B 179 -16.57 11.99 -19.57
CA TYR B 179 -16.41 13.36 -19.06
C TYR B 179 -16.44 14.30 -20.25
N PHE B 180 -16.48 15.61 -19.99
CA PHE B 180 -16.68 16.58 -21.09
C PHE B 180 -15.49 17.50 -21.32
N GLU B 181 -15.13 17.67 -22.60
CA GLU B 181 -13.98 18.47 -23.01
C GLU B 181 -13.89 19.80 -22.23
N GLY B 182 -12.73 20.00 -21.59
CA GLY B 182 -12.41 21.27 -20.96
C GLY B 182 -12.88 21.46 -19.54
N ASP B 183 -13.62 20.49 -19.00
CA ASP B 183 -14.18 20.63 -17.66
C ASP B 183 -13.05 20.74 -16.64
N PRO B 184 -12.95 21.90 -15.95
CA PRO B 184 -11.84 22.10 -15.04
C PRO B 184 -11.90 21.20 -13.79
N LEU B 185 -13.04 20.55 -13.54
CA LEU B 185 -13.11 19.56 -12.43
C LEU B 185 -12.37 18.24 -12.68
N ILE B 186 -12.14 17.93 -13.95
CA ILE B 186 -11.57 16.62 -14.31
C ILE B 186 -10.19 16.35 -13.63
N PRO B 187 -9.26 17.33 -13.66
CA PRO B 187 -7.96 16.99 -13.05
C PRO B 187 -7.96 16.89 -11.52
N MET B 188 -9.05 17.35 -10.89
CA MET B 188 -9.11 17.40 -9.43
C MET B 188 -9.86 16.20 -8.84
N CYS B 189 -10.47 15.36 -9.67
CA CYS B 189 -11.38 14.31 -9.19
C CYS B 189 -10.66 13.02 -8.82
N PRO B 190 -10.81 12.56 -7.57
CA PRO B 190 -10.13 11.31 -7.18
C PRO B 190 -10.67 10.07 -7.88
N ILE B 191 -11.87 10.12 -8.45
CA ILE B 191 -12.33 8.99 -9.25
C ILE B 191 -11.65 9.00 -10.63
N VAL B 192 -11.62 10.15 -11.30
CA VAL B 192 -10.81 10.27 -12.53
C VAL B 192 -9.39 9.78 -12.28
N LYS B 193 -8.80 10.23 -11.17
CA LYS B 193 -7.40 9.98 -10.91
C LYS B 193 -7.14 8.56 -10.39
N SER B 194 -8.18 7.74 -10.29
CA SER B 194 -7.99 6.30 -10.05
C SER B 194 -7.25 5.70 -11.21
N ILE B 195 -7.35 6.36 -12.37
CA ILE B 195 -6.57 6.02 -13.54
C ILE B 195 -5.20 6.72 -13.43
N ALA B 196 -4.13 5.93 -13.37
CA ALA B 196 -2.79 6.52 -13.09
C ALA B 196 -2.21 7.21 -14.31
N ASN B 197 -2.49 6.70 -15.50
CA ASN B 197 -1.86 7.21 -16.72
C ASN B 197 -2.69 8.37 -17.33
N PRO B 198 -2.12 9.59 -17.40
CA PRO B 198 -2.96 10.68 -17.93
C PRO B 198 -3.46 10.48 -19.36
N GLU B 199 -2.76 9.67 -20.16
CA GLU B 199 -3.23 9.38 -21.53
C GLU B 199 -4.49 8.52 -21.50
N ALA B 200 -4.62 7.68 -20.48
CA ALA B 200 -5.83 6.88 -20.32
C ALA B 200 -7.01 7.74 -19.94
N VAL B 201 -6.77 8.73 -19.06
CA VAL B 201 -7.80 9.68 -18.67
C VAL B 201 -8.36 10.39 -19.91
N GLN B 202 -7.47 10.78 -20.82
CA GLN B 202 -7.89 11.49 -22.04
C GLN B 202 -8.88 10.69 -22.89
N GLN B 203 -8.79 9.36 -22.78
CA GLN B 203 -9.64 8.49 -23.55
C GLN B 203 -11.11 8.53 -23.07
N LEU B 204 -11.35 9.07 -21.88
CA LEU B 204 -12.70 9.21 -21.35
C LEU B 204 -13.31 10.59 -21.56
N ILE B 205 -12.60 11.46 -22.26
CA ILE B 205 -13.08 12.83 -22.38
C ILE B 205 -13.75 12.98 -23.74
N ALA B 206 -15.07 13.17 -23.72
CA ALA B 206 -15.84 13.38 -24.95
C ALA B 206 -15.52 14.73 -25.56
N LYS B 207 -15.41 14.79 -26.89
CA LYS B 207 -15.04 16.04 -27.56
CA LYS B 207 -15.02 16.02 -27.57
C LYS B 207 -16.26 16.73 -28.15
N LEU B 208 -16.32 18.06 -28.01
CA LEU B 208 -17.38 18.84 -28.65
C LEU B 208 -17.34 18.52 -30.13
N ASP B 209 -18.50 18.25 -30.71
CA ASP B 209 -18.59 17.77 -32.09
C ASP B 209 -19.60 18.64 -32.85
N MET B 210 -19.15 19.82 -33.31
CA MET B 210 -20.09 20.79 -33.93
C MET B 210 -20.67 20.21 -35.21
N ASN B 211 -19.89 19.35 -35.87
CA ASN B 211 -20.32 18.75 -37.14
C ASN B 211 -21.60 17.92 -36.97
N ASN B 212 -21.85 17.44 -35.75
CA ASN B 212 -22.99 16.57 -35.47
C ASN B 212 -24.18 17.25 -34.74
N ALA B 213 -24.04 18.55 -34.51
CA ALA B 213 -25.05 19.32 -33.85
C ALA B 213 -26.24 19.56 -34.78
N ASN B 214 -27.39 19.82 -34.18
CA ASN B 214 -28.57 20.31 -34.89
C ASN B 214 -28.66 21.81 -34.69
N PRO B 215 -28.36 22.61 -35.74
CA PRO B 215 -28.40 24.06 -35.55
C PRO B 215 -29.70 24.52 -34.92
N MET B 216 -29.63 25.52 -34.04
CA MET B 216 -30.79 26.11 -33.38
C MET B 216 -31.55 25.14 -32.49
N ASP B 217 -30.88 24.07 -32.07
CA ASP B 217 -31.58 22.96 -31.41
C ASP B 217 -30.71 22.29 -30.33
N CYS B 218 -29.68 21.57 -30.74
CA CYS B 218 -28.84 20.86 -29.74
C CYS B 218 -27.39 20.76 -30.19
N LEU B 219 -26.46 20.81 -29.23
CA LEU B 219 -25.05 20.57 -29.51
C LEU B 219 -24.81 19.05 -29.56
N ALA B 220 -23.56 18.65 -29.75
CA ALA B 220 -23.22 17.22 -29.82
C ALA B 220 -21.81 17.02 -29.27
N TYR B 221 -21.64 15.87 -28.65
CA TYR B 221 -20.35 15.41 -28.16
C TYR B 221 -20.05 14.05 -28.78
N ARG B 222 -18.77 13.77 -28.98
CA ARG B 222 -18.37 12.48 -29.55
C ARG B 222 -17.56 11.66 -28.52
N PHE B 223 -17.96 10.41 -28.33
CA PHE B 223 -17.28 9.54 -27.39
C PHE B 223 -17.15 8.18 -28.05
N ASP B 224 -15.93 7.87 -28.48
CA ASP B 224 -15.66 6.54 -29.06
C ASP B 224 -15.15 5.62 -27.96
N ILE B 225 -15.54 4.35 -28.07
CA ILE B 225 -15.24 3.36 -27.07
C ILE B 225 -14.42 2.26 -27.72
N VAL B 226 -13.34 1.83 -27.07
CA VAL B 226 -12.51 0.74 -27.57
C VAL B 226 -12.57 -0.45 -26.61
N LEU B 227 -13.09 -1.58 -27.11
CA LEU B 227 -13.11 -2.83 -26.36
C LEU B 227 -11.91 -3.72 -26.69
N ARG B 228 -11.69 -4.75 -25.87
CA ARG B 228 -10.53 -5.62 -26.07
C ARG B 228 -10.50 -6.19 -27.49
N GLY B 229 -9.31 -6.28 -28.06
CA GLY B 229 -9.18 -6.79 -29.43
C GLY B 229 -9.57 -8.25 -29.46
N GLN B 230 -10.29 -8.63 -30.52
CA GLN B 230 -10.73 -10.01 -30.70
C GLN B 230 -9.96 -10.65 -31.86
N ARG B 231 -9.46 -11.86 -31.66
CA ARG B 231 -8.75 -12.58 -32.71
C ARG B 231 -9.24 -14.03 -32.75
N LYS B 232 -8.98 -14.71 -33.86
CA LYS B 232 -9.24 -16.15 -33.92
C LYS B 232 -8.17 -16.92 -33.14
N THR B 233 -8.54 -18.09 -32.64
CA THR B 233 -7.56 -19.01 -32.05
C THR B 233 -6.55 -19.45 -33.13
N HIS B 234 -5.32 -19.72 -32.73
CA HIS B 234 -4.34 -20.31 -33.64
C HIS B 234 -3.40 -21.24 -32.91
N PHE B 235 -3.07 -22.37 -33.53
CA PHE B 235 -2.08 -23.32 -33.02
C PHE B 235 -2.32 -23.76 -31.58
N GLU B 236 -3.58 -23.95 -31.21
CA GLU B 236 -3.92 -24.47 -29.88
C GLU B 236 -4.11 -25.99 -29.90
N ASN B 237 -3.69 -26.65 -28.81
CA ASN B 237 -3.83 -28.12 -28.61
C ASN B 237 -3.04 -28.96 -29.62
N CYS B 238 -1.91 -28.41 -30.07
CA CYS B 238 -1.02 -29.07 -31.04
C CYS B 238 0.41 -28.53 -30.87
N PRO C 1 -7.85 26.95 -12.66
CA PRO C 1 -8.64 27.32 -11.48
C PRO C 1 -7.86 28.28 -10.58
N ILE C 2 -8.55 28.84 -9.60
CA ILE C 2 -7.92 29.72 -8.63
C ILE C 2 -7.08 28.89 -7.67
N GLU C 3 -5.80 29.21 -7.61
CA GLU C 3 -4.87 28.55 -6.71
C GLU C 3 -4.33 29.57 -5.71
N LEU C 4 -4.54 29.33 -4.42
CA LEU C 4 -4.06 30.24 -3.37
C LEU C 4 -2.60 29.90 -3.05
N LEU C 5 -1.99 30.63 -2.13
CA LEU C 5 -0.70 30.20 -1.57
C LEU C 5 -0.88 28.82 -0.92
N PRO C 6 0.04 27.88 -1.17
CA PRO C 6 -0.06 26.59 -0.48
C PRO C 6 0.24 26.69 1.02
N GLU C 7 -0.49 25.90 1.79
CA GLU C 7 -0.28 25.81 3.23
C GLU C 7 1.12 25.22 3.50
N THR C 8 1.78 25.69 4.55
CA THR C 8 3.03 25.06 5.02
C THR C 8 2.71 23.60 5.32
N PRO C 9 3.49 22.66 4.77
CA PRO C 9 3.19 21.23 5.03
C PRO C 9 3.54 20.81 6.44
N SER C 10 2.75 19.87 6.96
CA SER C 10 2.96 19.28 8.26
C SER C 10 4.19 18.38 8.28
N GLN C 11 4.78 18.21 9.46
CA GLN C 11 5.75 17.13 9.70
C GLN C 11 5.45 16.57 11.08
N THR C 12 5.96 15.36 11.31
CA THR C 12 5.82 14.75 12.65
C THR C 12 6.33 15.65 13.77
N ALA C 13 5.63 15.62 14.90
CA ALA C 13 6.06 16.33 16.11
C ALA C 13 7.30 15.70 16.76
N GLY C 14 7.59 14.45 16.36
CA GLY C 14 8.77 13.70 16.83
C GLY C 14 8.68 13.20 18.27
N PRO C 15 9.60 12.32 18.67
CA PRO C 15 9.53 11.73 20.02
C PRO C 15 9.89 12.70 21.14
N TYR C 16 10.53 13.82 20.80
CA TYR C 16 10.93 14.80 21.81
C TYR C 16 10.06 16.06 21.81
N VAL C 17 8.83 15.93 21.30
CA VAL C 17 7.82 17.00 21.32
C VAL C 17 7.69 17.63 22.73
N HIS C 18 7.94 16.84 23.76
CA HIS C 18 7.77 17.31 25.15
C HIS C 18 8.71 18.45 25.49
N ILE C 19 9.89 18.50 24.85
CA ILE C 19 10.82 19.62 25.07
C ILE C 19 10.12 20.95 24.84
N GLY C 20 9.29 21.01 23.80
CA GLY C 20 8.65 22.26 23.46
C GLY C 20 7.28 22.45 24.09
N LEU C 21 6.55 21.35 24.26
CA LEU C 21 5.11 21.43 24.58
C LEU C 21 4.67 20.74 25.87
N ALA C 22 5.59 20.05 26.53
CA ALA C 22 5.30 19.26 27.75
C ALA C 22 6.56 19.15 28.58
N LEU C 23 7.04 20.30 29.02
CA LEU C 23 8.40 20.45 29.56
C LEU C 23 8.72 19.53 30.72
N GLU C 24 7.78 19.44 31.66
CA GLU C 24 7.95 18.52 32.79
C GLU C 24 8.21 17.09 32.33
N ALA C 25 7.41 16.63 31.37
CA ALA C 25 7.49 15.25 30.86
C ALA C 25 8.83 14.98 30.18
N ALA C 26 9.43 16.02 29.57
CA ALA C 26 10.75 15.90 28.96
C ALA C 26 11.84 15.66 30.01
N GLY C 27 11.51 16.01 31.24
CA GLY C 27 12.45 16.01 32.35
C GLY C 27 13.02 17.38 32.64
N ASN C 28 12.38 18.43 32.12
CA ASN C 28 12.98 19.75 32.19
C ASN C 28 12.21 20.68 33.12
N PRO C 29 12.87 21.75 33.58
CA PRO C 29 12.18 22.78 34.36
C PRO C 29 11.08 23.46 33.57
N THR C 30 9.98 23.80 34.24
CA THR C 30 8.91 24.54 33.59
C THR C 30 9.07 26.05 33.69
N ARG C 31 8.36 26.77 32.84
CA ARG C 31 8.31 28.19 32.89
C ARG C 31 7.18 28.59 33.85
N ASP C 32 7.10 29.88 34.16
CA ASP C 32 6.10 30.39 35.09
CA ASP C 32 6.09 30.38 35.10
C ASP C 32 4.69 29.99 34.66
N GLN C 33 4.42 30.10 33.35
CA GLN C 33 3.11 29.72 32.84
C GLN C 33 3.19 28.66 31.73
N GLU C 34 2.42 27.58 31.94
CA GLU C 34 2.40 26.48 30.98
C GLU C 34 0.97 26.15 30.63
N ILE C 35 0.78 25.74 29.37
CA ILE C 35 -0.53 25.32 28.86
C ILE C 35 -0.59 23.81 29.09
N TRP C 36 -1.48 23.36 29.97
CA TRP C 36 -1.46 21.94 30.35
C TRP C 36 -2.85 21.34 30.53
N ASN C 37 -2.98 20.36 31.42
CA ASN C 37 -4.12 19.42 31.37
C ASN C 37 -5.21 19.64 32.40
N ARG C 38 -5.18 20.80 33.07
CA ARG C 38 -6.21 21.16 34.04
CA ARG C 38 -6.21 21.16 34.04
C ARG C 38 -7.02 22.33 33.47
N LEU C 39 -8.12 21.99 32.81
CA LEU C 39 -8.96 22.96 32.10
C LEU C 39 -9.83 23.75 33.07
N ALA C 40 -10.16 23.13 34.20
CA ALA C 40 -11.13 23.74 35.12
C ALA C 40 -10.55 23.96 36.50
N LYS C 41 -10.75 25.16 37.06
CA LYS C 41 -10.47 25.39 38.48
C LYS C 41 -11.58 24.70 39.25
N PRO C 42 -11.31 24.35 40.52
CA PRO C 42 -12.30 23.64 41.33
C PRO C 42 -13.72 24.22 41.36
N ASP C 43 -13.86 25.55 41.28
CA ASP C 43 -15.21 26.16 41.28
C ASP C 43 -15.77 26.56 39.91
N ALA C 44 -15.18 26.08 38.82
CA ALA C 44 -15.78 26.27 37.50
C ALA C 44 -17.17 25.63 37.47
N PRO C 45 -18.12 26.26 36.78
CA PRO C 45 -19.46 25.65 36.70
C PRO C 45 -19.46 24.30 35.98
N GLY C 46 -20.38 23.43 36.37
CA GLY C 46 -20.56 22.17 35.66
C GLY C 46 -20.09 20.96 36.42
N GLU C 47 -20.19 19.80 35.76
CA GLU C 47 -19.83 18.53 36.38
C GLU C 47 -18.37 18.27 36.13
N HIS C 48 -17.58 18.28 37.20
CA HIS C 48 -16.15 18.03 37.08
C HIS C 48 -15.84 16.56 36.81
N ILE C 49 -15.04 16.32 35.78
CA ILE C 49 -14.72 14.95 35.35
C ILE C 49 -13.23 14.81 35.05
N LEU C 50 -12.74 13.58 35.21
CA LEU C 50 -11.41 13.18 34.78
C LEU C 50 -11.56 12.43 33.46
N LEU C 51 -10.70 12.76 32.50
CA LEU C 51 -10.63 11.98 31.25
C LEU C 51 -9.27 11.32 31.25
N LEU C 52 -9.22 10.08 30.76
CA LEU C 52 -7.93 9.40 30.63
C LEU C 52 -8.00 8.39 29.50
N GLY C 53 -6.84 8.00 28.99
CA GLY C 53 -6.86 7.03 27.91
C GLY C 53 -5.45 6.61 27.54
N GLN C 54 -5.39 5.55 26.72
CA GLN C 54 -4.12 5.07 26.21
C GLN C 54 -4.27 5.03 24.69
N VAL C 55 -3.13 5.00 23.99
CA VAL C 55 -3.13 5.12 22.54
C VAL C 55 -2.39 3.89 22.03
N TYR C 56 -2.98 3.22 21.04
CA TYR C 56 -2.41 1.96 20.52
C TYR C 56 -2.04 2.07 19.06
N ASP C 57 -0.93 1.41 18.69
CA ASP C 57 -0.53 1.33 17.29
C ASP C 57 -1.16 0.10 16.62
N GLY C 58 -0.78 -0.14 15.36
CA GLY C 58 -1.42 -1.16 14.53
C GLY C 58 -1.08 -2.56 14.99
N ASN C 59 -0.08 -2.67 15.85
CA ASN C 59 0.32 -3.97 16.40
C ASN C 59 -0.25 -4.18 17.80
N GLY C 60 -1.12 -3.26 18.22
CA GLY C 60 -1.72 -3.31 19.57
C GLY C 60 -0.78 -2.88 20.70
N HIS C 61 0.31 -2.20 20.36
CA HIS C 61 1.26 -1.71 21.36
C HIS C 61 1.05 -0.26 21.72
N LEU C 62 1.34 0.09 22.97
CA LEU C 62 1.13 1.45 23.44
C LEU C 62 2.03 2.45 22.70
N VAL C 63 1.45 3.59 22.34
CA VAL C 63 2.20 4.71 21.77
C VAL C 63 2.54 5.58 22.95
N ARG C 64 3.73 5.39 23.51
CA ARG C 64 4.06 5.98 24.80
C ARG C 64 4.48 7.43 24.73
N ASP C 65 4.71 7.94 23.52
CA ASP C 65 5.15 9.32 23.31
C ASP C 65 4.06 10.21 22.64
N SER C 66 2.79 9.87 22.87
CA SER C 66 1.64 10.63 22.31
C SER C 66 1.54 12.00 22.96
N PHE C 67 1.14 12.99 22.17
CA PHE C 67 0.87 14.34 22.67
C PHE C 67 -0.50 14.72 22.13
N LEU C 68 -1.38 15.24 23.01
CA LEU C 68 -2.76 15.50 22.63
C LEU C 68 -3.14 16.92 22.95
N GLU C 69 -3.86 17.55 22.02
CA GLU C 69 -4.50 18.84 22.30
C GLU C 69 -6.01 18.69 22.27
N VAL C 70 -6.68 19.36 23.22
CA VAL C 70 -8.12 19.25 23.29
C VAL C 70 -8.79 20.62 23.26
N TRP C 71 -10.05 20.64 22.84
CA TRP C 71 -10.80 21.87 22.66
C TRP C 71 -12.26 21.49 22.88
N GLN C 72 -12.89 22.13 23.85
CA GLN C 72 -14.25 21.76 24.20
C GLN C 72 -15.01 22.98 24.72
N ALA C 73 -16.33 22.92 24.57
CA ALA C 73 -17.21 23.90 25.18
C ALA C 73 -17.20 23.77 26.71
N ASP C 74 -17.49 24.88 27.39
CA ASP C 74 -17.66 24.84 28.84
C ASP C 74 -19.01 24.19 29.14
N ALA C 75 -19.36 24.11 30.43
CA ALA C 75 -20.60 23.44 30.84
C ALA C 75 -21.87 24.09 30.29
N ASN C 76 -21.78 25.40 30.02
CA ASN C 76 -22.89 26.16 29.41
C ASN C 76 -22.88 26.18 27.87
N GLY C 77 -22.06 25.33 27.26
CA GLY C 77 -21.98 25.23 25.81
C GLY C 77 -21.26 26.40 25.16
N GLU C 78 -20.38 27.06 25.90
CA GLU C 78 -19.64 28.21 25.33
C GLU C 78 -18.17 27.86 25.16
N TYR C 79 -17.60 28.24 24.01
CA TYR C 79 -16.15 28.05 23.79
C TYR C 79 -15.41 29.24 24.36
N GLN C 80 -14.59 28.98 25.37
CA GLN C 80 -13.81 30.04 26.04
C GLN C 80 -12.44 30.12 25.38
N ASP C 81 -12.30 31.05 24.44
CA ASP C 81 -11.06 31.15 23.64
C ASP C 81 -10.02 32.12 24.17
N ALA C 82 -10.39 32.95 25.15
CA ALA C 82 -9.39 33.87 25.74
C ALA C 82 -8.54 33.15 26.78
N TYR C 83 -7.55 32.40 26.30
CA TYR C 83 -6.79 31.52 27.16
C TYR C 83 -6.09 32.28 28.28
N ASN C 84 -6.25 31.80 29.52
CA ASN C 84 -5.68 32.50 30.67
C ASN C 84 -5.61 31.52 31.85
N LEU C 85 -4.44 31.38 32.46
CA LEU C 85 -4.29 30.49 33.61
C LEU C 85 -5.11 30.91 34.81
N GLU C 86 -5.59 32.16 34.78
CA GLU C 86 -6.51 32.68 35.82
C GLU C 86 -7.99 32.41 35.59
N ASN C 87 -8.36 31.94 34.39
CA ASN C 87 -9.76 31.63 34.09
C ASN C 87 -10.26 30.50 34.96
N ALA C 88 -11.53 30.58 35.37
CA ALA C 88 -12.18 29.44 35.98
C ALA C 88 -12.16 28.23 35.03
N PHE C 89 -12.31 28.49 33.73
CA PHE C 89 -12.34 27.39 32.75
C PHE C 89 -11.62 27.82 31.46
N ASN C 90 -10.78 26.93 30.95
CA ASN C 90 -10.22 27.12 29.61
C ASN C 90 -10.74 26.02 28.73
N SER C 91 -11.20 26.39 27.54
CA SER C 91 -11.73 25.41 26.59
C SER C 91 -10.59 24.60 25.95
N PHE C 92 -9.36 25.13 26.04
CA PHE C 92 -8.17 24.48 25.46
C PHE C 92 -7.26 23.84 26.51
N GLY C 93 -6.74 22.65 26.20
CA GLY C 93 -5.70 22.09 27.04
C GLY C 93 -4.77 21.16 26.28
N ARG C 94 -3.72 20.73 26.96
CA ARG C 94 -2.73 19.81 26.42
C ARG C 94 -2.48 18.70 27.40
N THR C 95 -2.14 17.52 26.88
CA THR C 95 -1.70 16.41 27.73
C THR C 95 -0.77 15.46 26.92
N ALA C 96 -0.21 14.46 27.58
CA ALA C 96 0.72 13.57 26.93
C ALA C 96 0.68 12.26 27.68
N THR C 97 0.98 11.17 26.99
CA THR C 97 1.00 9.87 27.65
C THR C 97 2.24 9.73 28.51
N THR C 98 2.07 9.13 29.71
CA THR C 98 3.24 8.79 30.52
C THR C 98 4.10 7.74 29.79
N PHE C 99 5.41 7.79 29.95
CA PHE C 99 6.27 6.90 29.15
C PHE C 99 6.23 5.47 29.65
N ASP C 100 6.01 5.27 30.96
CA ASP C 100 5.93 3.93 31.56
CA ASP C 100 5.97 3.91 31.47
C ASP C 100 4.59 3.23 31.31
N ALA C 101 3.51 3.89 31.65
CA ALA C 101 2.16 3.31 31.53
C ALA C 101 1.44 3.66 30.23
N GLY C 102 1.91 4.70 29.54
CA GLY C 102 1.29 5.14 28.30
C GLY C 102 -0.06 5.78 28.44
N GLU C 103 -0.32 6.37 29.61
CA GLU C 103 -1.66 6.92 29.91
C GLU C 103 -1.63 8.45 29.99
N TRP C 104 -2.59 9.10 29.32
CA TRP C 104 -2.76 10.55 29.45
C TRP C 104 -3.95 10.83 30.37
N THR C 105 -3.97 12.00 30.99
CA THR C 105 -5.11 12.41 31.83
C THR C 105 -5.42 13.88 31.57
N LEU C 106 -6.68 14.25 31.69
CA LEU C 106 -7.13 15.61 31.59
C LEU C 106 -8.17 15.86 32.67
N HIS C 107 -8.14 17.05 33.26
CA HIS C 107 -9.11 17.40 34.32
C HIS C 107 -10.00 18.52 33.77
N THR C 108 -11.30 18.29 33.69
CA THR C 108 -12.18 19.21 32.98
C THR C 108 -13.59 19.19 33.52
N VAL C 109 -14.54 19.74 32.78
CA VAL C 109 -15.95 19.58 33.09
C VAL C 109 -16.63 18.97 31.89
N LYS C 110 -17.80 18.35 32.06
CA LYS C 110 -18.47 17.81 30.92
C LYS C 110 -19.00 18.94 30.04
N PRO C 111 -18.70 18.90 28.72
CA PRO C 111 -19.09 20.02 27.88
C PRO C 111 -20.60 20.10 27.67
N GLY C 112 -21.11 21.32 27.56
CA GLY C 112 -22.48 21.59 27.15
C GLY C 112 -22.68 21.38 25.65
N VAL C 113 -23.94 21.28 25.26
CA VAL C 113 -24.35 21.04 23.87
C VAL C 113 -24.15 22.34 23.04
N VAL C 114 -23.54 22.19 21.86
CA VAL C 114 -23.47 23.28 20.88
C VAL C 114 -24.10 22.86 19.55
N ASN C 115 -24.65 23.83 18.80
CA ASN C 115 -25.24 23.47 17.51
C ASN C 115 -24.24 23.49 16.38
N ASN C 116 -24.50 22.68 15.35
CA ASN C 116 -23.70 22.73 14.12
C ASN C 116 -24.13 23.96 13.29
N ALA C 117 -23.56 24.11 12.10
CA ALA C 117 -23.79 25.34 11.34
C ALA C 117 -25.23 25.43 10.84
N ALA C 118 -25.90 24.30 10.71
CA ALA C 118 -27.31 24.27 10.27
C ALA C 118 -28.31 24.42 11.43
N GLY C 119 -27.79 24.63 12.63
CA GLY C 119 -28.59 24.85 13.85
C GLY C 119 -29.02 23.56 14.55
N VAL C 120 -28.45 22.43 14.11
CA VAL C 120 -28.79 21.13 14.70
C VAL C 120 -27.86 20.85 15.89
N PRO C 121 -28.42 20.49 17.07
CA PRO C 121 -27.55 20.23 18.24
C PRO C 121 -26.58 19.05 18.05
N MET C 122 -25.34 19.23 18.47
CA MET C 122 -24.37 18.13 18.49
C MET C 122 -24.35 17.53 19.89
N ALA C 123 -24.05 16.24 19.99
CA ALA C 123 -23.97 15.61 21.30
C ALA C 123 -22.73 16.19 22.01
N PRO C 124 -22.74 16.20 23.35
CA PRO C 124 -21.58 16.72 24.09
C PRO C 124 -20.29 16.04 23.62
N HIS C 125 -19.28 16.83 23.28
CA HIS C 125 -18.04 16.24 22.73
C HIS C 125 -16.80 17.07 23.07
N ILE C 126 -15.66 16.41 23.03
CA ILE C 126 -14.38 17.09 23.19
C ILE C 126 -13.64 16.87 21.86
N ASN C 127 -13.14 17.94 21.25
CA ASN C 127 -12.35 17.80 19.99
C ASN C 127 -10.92 17.48 20.40
N ILE C 128 -10.33 16.46 19.77
CA ILE C 128 -8.97 16.01 20.12
C ILE C 128 -8.09 16.04 18.89
N SER C 129 -6.86 16.54 19.03
CA SER C 129 -5.83 16.37 17.98
C SER C 129 -4.66 15.57 18.54
N LEU C 130 -4.26 14.51 17.84
CA LEU C 130 -3.23 13.58 18.30
C LEU C 130 -1.95 13.74 17.44
N PHE C 131 -0.83 13.92 18.13
CA PHE C 131 0.51 14.14 17.53
C PHE C 131 1.46 13.08 18.12
N ALA C 132 2.43 12.61 17.33
CA ALA C 132 3.43 11.73 17.87
C ALA C 132 4.49 11.47 16.80
N ARG C 133 5.65 10.99 17.25
CA ARG C 133 6.57 10.24 16.39
C ARG C 133 5.77 9.27 15.50
N GLY C 134 6.07 9.27 14.19
CA GLY C 134 5.39 8.36 13.26
C GLY C 134 4.10 8.88 12.69
N ILE C 135 3.59 9.98 13.24
CA ILE C 135 2.36 10.60 12.77
C ILE C 135 2.74 11.88 11.98
N ASN C 136 2.63 11.82 10.66
CA ASN C 136 3.17 12.89 9.79
C ASN C 136 2.31 14.14 9.83
N ILE C 137 1.01 13.94 9.92
CA ILE C 137 0.07 15.04 10.12
C ILE C 137 -0.92 14.61 11.23
N HIS C 138 -1.18 15.51 12.17
CA HIS C 138 -1.97 15.14 13.34
C HIS C 138 -3.32 14.57 12.98
N LEU C 139 -3.83 13.71 13.86
CA LEU C 139 -5.13 13.04 13.63
C LEU C 139 -6.21 13.71 14.46
N HIS C 140 -7.33 14.07 13.83
CA HIS C 140 -8.44 14.70 14.53
C HIS C 140 -9.46 13.65 14.96
N THR C 141 -9.98 13.74 16.18
CA THR C 141 -11.09 12.85 16.55
C THR C 141 -12.02 13.59 17.52
N ARG C 142 -13.07 12.94 17.97
CA ARG C 142 -13.93 13.54 18.99
C ARG C 142 -14.19 12.47 20.03
N LEU C 143 -14.24 12.90 21.28
CA LEU C 143 -14.61 12.06 22.41
C LEU C 143 -16.06 12.43 22.78
N TYR C 144 -16.95 11.47 22.68
CA TYR C 144 -18.33 11.62 23.17
C TYR C 144 -18.50 10.72 24.41
N PHE C 145 -19.67 10.74 25.05
CA PHE C 145 -19.81 10.17 26.38
C PHE C 145 -20.89 9.09 26.38
N ASP C 146 -20.59 7.94 26.99
CA ASP C 146 -21.53 6.80 26.89
C ASP C 146 -22.82 7.01 27.68
N ASP C 147 -22.87 8.04 28.53
CA ASP C 147 -24.11 8.33 29.28
C ASP C 147 -24.91 9.43 28.61
N GLU C 148 -24.58 9.70 27.34
CA GLU C 148 -25.34 10.64 26.52
C GLU C 148 -25.93 9.89 25.32
N ALA C 149 -26.34 8.64 25.55
CA ALA C 149 -26.82 7.79 24.44
C ALA C 149 -27.89 8.47 23.56
N GLN C 150 -28.86 9.15 24.16
CA GLN C 150 -29.95 9.76 23.38
C GLN C 150 -29.43 10.86 22.46
N ALA C 151 -28.59 11.72 23.01
CA ALA C 151 -27.96 12.80 22.23
C ALA C 151 -27.04 12.24 21.14
N ASN C 152 -26.24 11.22 21.48
CA ASN C 152 -25.28 10.62 20.54
C ASN C 152 -25.98 10.06 19.31
N ALA C 153 -27.14 9.43 19.55
CA ALA C 153 -27.91 8.82 18.47
C ALA C 153 -28.43 9.84 17.47
N LYS C 154 -28.58 11.09 17.90
CA LYS C 154 -29.12 12.17 17.06
C LYS C 154 -28.02 13.12 16.54
N CYS C 155 -26.77 12.88 16.90
CA CYS C 155 -25.68 13.82 16.54
C CYS C 155 -25.42 13.85 15.04
N PRO C 156 -25.51 15.04 14.41
CA PRO C 156 -25.33 15.14 12.97
C PRO C 156 -23.90 14.87 12.53
N VAL C 157 -22.95 14.91 13.47
CA VAL C 157 -21.56 14.55 13.12
C VAL C 157 -21.35 13.04 13.25
N LEU C 158 -21.76 12.47 14.39
CA LEU C 158 -21.70 11.01 14.53
C LEU C 158 -22.43 10.29 13.38
N ASN C 159 -23.54 10.85 12.93
CA ASN C 159 -24.34 10.22 11.89
C ASN C 159 -23.72 10.33 10.49
N LEU C 160 -22.65 11.10 10.34
CA LEU C 160 -21.90 11.12 9.09
C LEU C 160 -20.94 9.91 8.97
N ILE C 161 -20.76 9.17 10.06
CA ILE C 161 -19.96 7.95 9.99
C ILE C 161 -20.87 6.84 9.46
N GLU C 162 -20.57 6.31 8.27
CA GLU C 162 -21.50 5.41 7.55
C GLU C 162 -21.87 4.18 8.38
N GLN C 163 -20.88 3.54 9.03
CA GLN C 163 -21.15 2.30 9.78
C GLN C 163 -21.34 2.53 11.27
N PRO C 164 -22.52 2.14 11.80
CA PRO C 164 -22.74 2.20 13.25
C PRO C 164 -21.61 1.64 14.11
N GLN C 165 -20.96 0.57 13.67
CA GLN C 165 -19.91 -0.03 14.47
C GLN C 165 -18.75 0.95 14.69
N ARG C 166 -18.47 1.77 13.67
CA ARG C 166 -17.36 2.73 13.79
C ARG C 166 -17.74 3.89 14.69
N ARG C 167 -19.02 4.24 14.75
CA ARG C 167 -19.47 5.26 15.71
C ARG C 167 -19.06 4.91 17.15
N GLU C 168 -19.11 3.61 17.50
CA GLU C 168 -18.78 3.14 18.86
C GLU C 168 -17.35 3.48 19.28
N THR C 169 -16.44 3.65 18.31
CA THR C 169 -15.03 3.96 18.62
C THR C 169 -14.89 5.36 19.24
N LEU C 170 -15.91 6.22 19.10
CA LEU C 170 -15.81 7.58 19.61
C LEU C 170 -16.49 7.76 20.98
N ILE C 171 -16.98 6.68 21.55
CA ILE C 171 -17.80 6.82 22.76
C ILE C 171 -16.97 6.43 23.98
N ALA C 172 -16.62 7.42 24.81
CA ALA C 172 -15.82 7.18 26.01
C ALA C 172 -16.67 6.46 27.08
N LYS C 173 -16.01 5.65 27.89
CA LYS C 173 -16.71 4.78 28.86
C LYS C 173 -16.64 5.41 30.24
N ARG C 174 -17.80 5.62 30.87
CA ARG C 174 -17.83 6.20 32.23
C ARG C 174 -17.31 5.16 33.19
N CYS C 175 -16.46 5.62 34.11
CA CYS C 175 -15.84 4.77 35.11
C CYS C 175 -15.52 5.66 36.31
N GLU C 176 -14.71 5.14 37.22
CA GLU C 176 -14.29 5.92 38.38
C GLU C 176 -12.83 5.73 38.64
N VAL C 177 -12.14 6.85 38.83
CA VAL C 177 -10.72 6.84 39.14
C VAL C 177 -10.57 7.47 40.52
N ASP C 178 -10.03 6.69 41.44
CA ASP C 178 -9.98 7.09 42.86
C ASP C 178 -11.32 7.59 43.40
N GLY C 179 -12.38 6.95 42.98
CA GLY C 179 -13.70 7.26 43.48
C GLY C 179 -14.39 8.41 42.78
N LYS C 180 -13.71 9.04 41.82
CA LYS C 180 -14.28 10.20 41.16
C LYS C 180 -14.67 9.94 39.71
N THR C 181 -15.68 10.68 39.25
CA THR C 181 -16.26 10.43 37.95
C THR C 181 -15.18 10.62 36.90
N ALA C 182 -15.09 9.64 36.01
CA ALA C 182 -14.10 9.67 34.92
C ALA C 182 -14.67 9.06 33.66
N TYR C 183 -14.05 9.32 32.51
CA TYR C 183 -14.40 8.60 31.29
C TYR C 183 -13.10 8.19 30.63
N ARG C 184 -13.06 6.94 30.19
CA ARG C 184 -11.89 6.41 29.48
C ARG C 184 -12.11 6.50 27.99
N PHE C 185 -11.12 7.02 27.29
CA PHE C 185 -11.20 7.15 25.86
C PHE C 185 -9.90 6.63 25.28
N ASP C 186 -9.87 5.35 24.94
CA ASP C 186 -8.70 4.79 24.27
C ASP C 186 -8.76 5.04 22.77
N ILE C 187 -7.61 5.25 22.14
CA ILE C 187 -7.53 5.51 20.70
C ILE C 187 -6.72 4.39 20.08
N ARG C 188 -7.21 3.83 18.98
CA ARG C 188 -6.48 2.79 18.25
C ARG C 188 -6.24 3.38 16.88
N ILE C 189 -4.98 3.64 16.61
CA ILE C 189 -4.62 4.33 15.38
C ILE C 189 -4.91 3.48 14.17
N GLN C 190 -4.77 2.16 14.31
CA GLN C 190 -4.77 1.32 13.12
C GLN C 190 -5.22 -0.07 13.44
N GLY C 191 -6.08 -0.63 12.59
CA GLY C 191 -6.40 -2.05 12.70
C GLY C 191 -7.74 -2.34 13.35
N GLU C 192 -7.80 -3.41 14.14
CA GLU C 192 -9.05 -3.78 14.84
CA GLU C 192 -9.07 -3.76 14.79
C GLU C 192 -9.50 -2.66 15.76
N GLY C 193 -10.76 -2.25 15.62
CA GLY C 193 -11.34 -1.18 16.45
C GLY C 193 -10.73 0.19 16.19
N GLU C 194 -10.16 0.37 14.99
CA GLU C 194 -9.54 1.64 14.60
C GLU C 194 -10.47 2.83 14.88
N THR C 195 -9.96 3.82 15.60
CA THR C 195 -10.73 5.02 15.93
C THR C 195 -11.04 5.84 14.69
N VAL C 196 -12.27 6.35 14.60
CA VAL C 196 -12.65 7.28 13.52
C VAL C 196 -11.80 8.55 13.63
N PHE C 197 -11.18 8.95 12.53
CA PHE C 197 -10.44 10.22 12.46
C PHE C 197 -11.10 11.07 11.39
N PHE C 198 -11.13 12.38 11.63
CA PHE C 198 -11.88 13.31 10.79
C PHE C 198 -11.01 14.18 9.94
N ASP C 199 -11.58 14.62 8.83
CA ASP C 199 -11.01 15.71 8.05
C ASP C 199 -12.02 16.83 8.04
N PHE C 200 -11.56 18.06 8.20
CA PHE C 200 -12.44 19.22 8.06
C PHE C 200 -11.58 20.42 7.76
N PRO D 1 -17.34 34.84 24.57
CA PRO D 1 -16.86 33.53 24.09
C PRO D 1 -16.76 33.51 22.57
N ALA D 2 -16.25 32.41 22.03
CA ALA D 2 -15.92 32.32 20.62
C ALA D 2 -17.19 32.10 19.76
N GLN D 3 -17.17 32.64 18.54
CA GLN D 3 -18.32 32.48 17.63
C GLN D 3 -17.91 31.85 16.29
N ASP D 4 -18.84 31.17 15.63
CA ASP D 4 -18.59 30.63 14.30
C ASP D 4 -18.83 31.75 13.26
N ASN D 5 -17.75 32.31 12.73
CA ASN D 5 -17.92 33.44 11.81
C ASN D 5 -17.06 33.31 10.54
N SER D 6 -16.41 32.16 10.36
CA SER D 6 -15.55 32.01 9.19
C SER D 6 -15.40 30.57 8.77
N ARG D 7 -14.87 30.37 7.57
CA ARG D 7 -14.63 29.03 7.06
C ARG D 7 -13.17 28.97 6.62
N PHE D 8 -12.61 27.78 6.63
CA PHE D 8 -11.18 27.61 6.33
C PHE D 8 -11.02 26.73 5.10
N VAL D 9 -10.17 27.14 4.19
CA VAL D 9 -9.94 26.40 2.95
C VAL D 9 -9.57 24.97 3.27
N ILE D 10 -10.16 24.01 2.54
CA ILE D 10 -9.90 22.59 2.81
C ILE D 10 -8.41 22.26 2.59
N ARG D 11 -7.86 21.41 3.48
CA ARG D 11 -6.47 21.01 3.34
C ARG D 11 -6.24 20.16 2.11
N ASP D 12 -5.08 20.35 1.48
CA ASP D 12 -4.68 19.46 0.38
C ASP D 12 -3.82 18.38 0.99
N ARG D 13 -4.39 17.19 1.18
CA ARG D 13 -3.67 16.13 1.87
C ARG D 13 -2.74 15.36 0.94
N ASN D 14 -2.59 15.83 -0.30
CA ASN D 14 -1.48 15.39 -1.16
C ASN D 14 -0.31 16.38 -1.19
N TRP D 15 -0.51 17.53 -0.56
CA TRP D 15 0.55 18.54 -0.39
C TRP D 15 1.24 18.26 0.94
N HIS D 16 0.45 18.16 2.01
CA HIS D 16 0.94 17.57 3.26
C HIS D 16 1.44 16.15 3.03
N PRO D 17 2.30 15.66 3.93
CA PRO D 17 2.71 14.25 3.87
C PRO D 17 1.48 13.35 4.09
N LYS D 18 1.44 12.21 3.41
CA LYS D 18 0.41 11.22 3.72
C LYS D 18 0.77 10.53 5.03
N ALA D 19 -0.19 9.79 5.59
CA ALA D 19 0.05 9.09 6.85
C ALA D 19 1.05 7.94 6.68
N LEU D 20 0.86 7.10 5.64
CA LEU D 20 1.71 5.95 5.43
C LEU D 20 2.85 6.27 4.48
N THR D 21 4.05 6.34 5.04
CA THR D 21 5.28 6.69 4.30
C THR D 21 6.37 5.70 4.78
N PRO D 22 6.38 4.47 4.23
CA PRO D 22 7.09 3.37 4.91
C PRO D 22 8.59 3.54 5.12
N ASP D 23 9.25 4.38 4.32
CA ASP D 23 10.69 4.61 4.50
C ASP D 23 10.95 5.28 5.87
N TYR D 24 9.93 5.98 6.39
CA TYR D 24 9.91 6.50 7.76
C TYR D 24 9.22 5.41 8.59
N LYS D 25 10.02 4.55 9.18
CA LYS D 25 9.55 3.22 9.60
C LYS D 25 8.44 3.26 10.63
N THR D 26 8.50 4.21 11.55
CA THR D 26 7.51 4.31 12.63
CA THR D 26 7.49 4.26 12.60
C THR D 26 6.12 4.69 12.09
N SER D 27 6.07 5.25 10.88
CA SER D 27 4.77 5.61 10.31
C SER D 27 3.97 4.37 9.90
N ILE D 28 4.61 3.21 9.74
CA ILE D 28 3.91 2.02 9.23
C ILE D 28 2.82 1.59 10.20
N ALA D 29 3.16 1.51 11.49
CA ALA D 29 2.17 1.07 12.50
C ALA D 29 1.35 2.21 13.10
N ARG D 30 1.70 3.46 12.76
CA ARG D 30 1.04 4.64 13.40
C ARG D 30 0.25 5.47 12.38
N SER D 31 -0.16 4.81 11.31
CA SER D 31 -0.99 5.43 10.26
C SER D 31 -2.35 4.72 10.17
N PRO D 32 -3.45 5.48 10.09
CA PRO D 32 -4.76 4.81 9.98
C PRO D 32 -4.86 4.05 8.68
N ARG D 33 -5.58 2.94 8.67
CA ARG D 33 -5.83 2.21 7.43
C ARG D 33 -7.19 2.54 6.84
N GLN D 34 -8.10 3.11 7.65
CA GLN D 34 -9.39 3.53 7.15
C GLN D 34 -9.30 4.97 6.68
N ALA D 35 -10.19 5.34 5.77
CA ALA D 35 -10.18 6.71 5.28
C ALA D 35 -10.64 7.64 6.41
N LEU D 36 -10.09 8.86 6.41
CA LEU D 36 -10.63 9.94 7.25
C LEU D 36 -12.10 10.21 6.87
N VAL D 37 -12.91 10.57 7.86
CA VAL D 37 -14.32 10.89 7.63
C VAL D 37 -14.43 12.42 7.54
N SER D 38 -14.89 12.93 6.40
CA SER D 38 -15.02 14.37 6.21
C SER D 38 -16.26 14.86 6.97
N ILE D 39 -16.10 15.96 7.67
CA ILE D 39 -17.25 16.59 8.35
C ILE D 39 -17.28 18.07 8.02
N PRO D 40 -18.49 18.68 7.99
CA PRO D 40 -18.58 20.10 7.69
C PRO D 40 -18.03 20.94 8.83
N GLN D 41 -17.61 22.17 8.55
CA GLN D 41 -17.10 23.00 9.62
C GLN D 41 -18.24 23.51 10.51
N SER D 42 -18.05 23.39 11.82
CA SER D 42 -18.99 23.95 12.80
C SER D 42 -18.18 24.81 13.74
N ILE D 43 -18.84 25.44 14.71
CA ILE D 43 -18.13 26.22 15.71
C ILE D 43 -17.02 25.44 16.40
N SER D 44 -17.18 24.12 16.51
CA SER D 44 -16.17 23.28 17.16
C SER D 44 -14.81 23.32 16.41
N GLU D 45 -14.86 23.43 15.11
CA GLU D 45 -13.67 23.39 14.26
C GLU D 45 -13.18 24.79 13.85
N THR D 46 -14.06 25.77 13.80
CA THR D 46 -13.67 27.08 13.26
C THR D 46 -13.28 28.08 14.35
N THR D 47 -13.26 27.63 15.62
CA THR D 47 -12.78 28.41 16.76
C THR D 47 -11.54 27.73 17.36
N GLY D 48 -10.85 28.45 18.22
CA GLY D 48 -9.67 27.92 18.87
C GLY D 48 -9.15 28.93 19.85
N PRO D 49 -8.18 28.52 20.66
CA PRO D 49 -7.64 29.38 21.71
C PRO D 49 -6.85 30.54 21.14
N ASN D 50 -6.96 31.67 21.81
CA ASN D 50 -6.10 32.82 21.57
C ASN D 50 -5.27 33.04 22.82
N PHE D 51 -3.99 33.34 22.62
CA PHE D 51 -3.01 33.32 23.69
C PHE D 51 -2.51 34.69 24.06
N SER D 52 -3.28 35.72 23.69
CA SER D 52 -2.90 37.11 24.02
C SER D 52 -2.69 37.31 25.53
N HIS D 53 -3.39 36.54 26.35
CA HIS D 53 -3.36 36.71 27.80
C HIS D 53 -2.49 35.69 28.53
N LEU D 54 -1.73 34.92 27.77
CA LEU D 54 -0.75 34.02 28.37
C LEU D 54 0.44 34.88 28.78
N GLY D 55 1.01 34.58 29.95
CA GLY D 55 2.08 35.42 30.50
C GLY D 55 3.42 34.90 30.03
N PHE D 56 4.08 35.63 29.14
CA PHE D 56 5.39 35.18 28.63
C PHE D 56 6.51 35.76 29.49
N GLY D 57 7.52 34.96 29.79
CA GLY D 57 8.74 35.45 30.44
C GLY D 57 9.59 36.26 29.48
N ALA D 58 10.49 37.06 30.07
CA ALA D 58 11.33 37.99 29.32
C ALA D 58 12.17 37.33 28.23
N HIS D 59 12.66 36.12 28.49
CA HIS D 59 13.53 35.45 27.53
C HIS D 59 12.84 34.28 26.85
N ASP D 60 11.52 34.24 26.82
CA ASP D 60 10.83 33.04 26.28
C ASP D 60 11.17 32.76 24.82
N HIS D 61 11.55 33.80 24.11
CA HIS D 61 11.87 33.68 22.67
C HIS D 61 13.38 33.70 22.41
N ASP D 62 14.18 33.66 23.47
CA ASP D 62 15.64 33.83 23.31
C ASP D 62 16.37 32.64 23.94
N LEU D 63 16.70 31.65 23.11
CA LEU D 63 17.32 30.43 23.62
C LEU D 63 18.78 30.63 24.02
N LEU D 64 19.35 31.81 23.74
CA LEU D 64 20.71 32.10 24.19
C LEU D 64 20.72 32.50 25.67
N LEU D 65 19.56 32.87 26.21
CA LEU D 65 19.47 33.38 27.58
C LEU D 65 18.46 32.67 28.45
N ASN D 66 17.62 31.82 27.85
CA ASN D 66 16.53 31.21 28.62
C ASN D 66 16.86 29.91 29.31
N PHE D 67 18.12 29.46 29.19
CA PHE D 67 18.64 28.31 29.93
C PHE D 67 20.04 28.65 30.44
N ASN D 68 20.14 29.77 31.15
CA ASN D 68 21.43 30.37 31.53
C ASN D 68 21.93 29.72 32.80
N ASN D 69 23.00 28.93 32.67
CA ASN D 69 23.60 28.29 33.83
C ASN D 69 25.06 28.71 34.00
N GLY D 70 25.32 29.99 33.69
CA GLY D 70 26.63 30.62 33.89
C GLY D 70 27.35 31.07 32.62
N GLY D 71 26.78 30.75 31.47
CA GLY D 71 27.43 31.13 30.24
C GLY D 71 26.48 31.10 29.07
N LEU D 72 27.05 31.39 27.90
CA LEU D 72 26.31 31.31 26.66
C LEU D 72 26.41 29.91 26.07
N PRO D 73 25.38 29.49 25.33
CA PRO D 73 25.47 28.21 24.60
C PRO D 73 26.53 28.26 23.50
N ILE D 74 27.15 27.11 23.23
CA ILE D 74 28.13 26.97 22.17
C ILE D 74 27.43 26.72 20.86
N GLY D 75 27.91 27.31 19.79
CA GLY D 75 27.18 27.12 18.52
C GLY D 75 26.90 28.36 17.69
N GLU D 76 26.35 28.15 16.50
CA GLU D 76 26.16 29.23 15.52
C GLU D 76 24.99 30.09 15.97
N ARG D 77 25.30 31.30 16.44
CA ARG D 77 24.26 32.23 16.87
C ARG D 77 23.41 32.67 15.68
N ILE D 78 22.10 32.47 15.78
CA ILE D 78 21.18 32.85 14.71
C ILE D 78 19.88 33.42 15.22
N ILE D 79 19.35 34.37 14.46
CA ILE D 79 17.95 34.79 14.61
C ILE D 79 17.15 33.94 13.63
N VAL D 80 16.02 33.39 14.08
CA VAL D 80 15.06 32.77 13.17
C VAL D 80 13.79 33.63 13.22
N ALA D 81 13.43 34.22 12.09
CA ALA D 81 12.34 35.20 12.05
C ALA D 81 11.47 34.98 10.86
N GLY D 82 10.24 35.51 10.89
CA GLY D 82 9.41 35.35 9.73
C GLY D 82 8.03 35.90 9.98
N ARG D 83 7.12 35.61 9.05
CA ARG D 83 5.76 36.12 9.12
C ARG D 83 4.82 34.92 9.01
N VAL D 84 3.74 34.97 9.78
CA VAL D 84 2.65 33.99 9.66
C VAL D 84 1.51 34.68 8.89
N VAL D 85 1.15 34.11 7.75
CA VAL D 85 0.03 34.61 6.94
C VAL D 85 -0.88 33.44 6.62
N ASP D 86 -2.11 33.73 6.17
CA ASP D 86 -2.94 32.67 5.62
C ASP D 86 -2.84 32.56 4.10
N GLN D 87 -3.61 31.65 3.53
CA GLN D 87 -3.43 31.34 2.10
C GLN D 87 -3.89 32.48 1.19
N TYR D 88 -4.68 33.40 1.74
CA TYR D 88 -5.09 34.60 1.03
C TYR D 88 -4.07 35.72 1.17
N GLY D 89 -2.97 35.43 1.86
CA GLY D 89 -1.92 36.41 2.14
C GLY D 89 -2.18 37.32 3.33
N LYS D 90 -3.23 37.06 4.10
CA LYS D 90 -3.53 37.94 5.22
C LYS D 90 -2.68 37.59 6.43
N PRO D 91 -2.07 38.61 7.08
CA PRO D 91 -1.27 38.30 8.27
C PRO D 91 -2.10 37.67 9.39
N VAL D 92 -1.44 36.86 10.21
CA VAL D 92 -2.09 36.21 11.34
C VAL D 92 -1.45 36.77 12.58
N PRO D 93 -2.05 37.85 13.14
CA PRO D 93 -1.44 38.52 14.29
C PRO D 93 -1.83 37.86 15.61
N ASN D 94 -1.03 38.14 16.64
CA ASN D 94 -1.31 37.66 17.99
CA ASN D 94 -1.22 37.64 18.01
C ASN D 94 -1.51 36.14 18.10
N THR D 95 -0.74 35.39 17.30
CA THR D 95 -0.86 33.93 17.26
C THR D 95 0.35 33.28 17.92
N LEU D 96 0.16 32.09 18.52
CA LEU D 96 1.21 31.45 19.31
C LEU D 96 2.14 30.67 18.39
N VAL D 97 3.43 30.97 18.46
CA VAL D 97 4.45 30.21 17.73
C VAL D 97 5.39 29.62 18.77
N GLU D 98 5.48 28.29 18.76
CA GLU D 98 6.38 27.56 19.69
C GLU D 98 7.42 26.84 18.86
N MET D 99 8.64 26.73 19.37
CA MET D 99 9.68 26.03 18.64
C MET D 99 10.57 25.28 19.61
N TRP D 100 11.14 24.15 19.16
CA TRP D 100 12.08 23.43 20.02
C TRP D 100 13.07 22.68 19.13
N GLN D 101 14.20 22.29 19.68
CA GLN D 101 15.31 21.79 18.86
C GLN D 101 16.38 21.14 19.72
N ALA D 102 17.27 20.39 19.07
CA ALA D 102 18.48 19.88 19.69
C ALA D 102 19.51 21.00 19.78
N ASN D 103 20.61 20.73 20.49
CA ASN D 103 21.71 21.70 20.57
C ASN D 103 22.59 21.66 19.32
N ALA D 104 23.72 22.37 19.37
CA ALA D 104 24.65 22.49 18.22
C ALA D 104 25.19 21.15 17.73
N GLY D 105 25.19 20.13 18.60
CA GLY D 105 25.71 18.81 18.27
C GLY D 105 24.63 17.79 17.93
N GLY D 106 23.38 18.22 17.86
CA GLY D 106 22.29 17.28 17.55
C GLY D 106 21.82 16.48 18.74
N ARG D 107 22.18 16.92 19.96
CA ARG D 107 21.68 16.27 21.18
C ARG D 107 20.47 17.04 21.76
N TYR D 108 19.39 16.31 22.05
CA TYR D 108 18.20 16.88 22.65
C TYR D 108 18.24 16.80 24.17
N ARG D 109 17.74 17.84 24.79
CA ARG D 109 17.61 17.85 26.25
C ARG D 109 16.28 17.19 26.59
N HIS D 110 16.27 15.87 26.51
CA HIS D 110 15.09 15.09 26.75
C HIS D 110 15.60 13.77 27.32
N LYS D 111 14.87 13.26 28.32
CA LYS D 111 15.28 12.06 29.04
C LYS D 111 15.47 10.84 28.13
N ASN D 112 14.76 10.81 27.00
CA ASN D 112 14.81 9.66 26.10
C ASN D 112 15.86 9.74 24.99
N ASP D 113 16.61 10.85 24.91
CA ASP D 113 17.69 10.96 23.89
C ASP D 113 19.04 10.51 24.49
N ARG D 114 19.58 9.39 24.03
CA ARG D 114 20.90 8.94 24.54
C ARG D 114 21.98 8.99 23.47
N TYR D 115 21.81 9.84 22.46
CA TYR D 115 22.89 10.10 21.51
C TYR D 115 24.13 10.55 22.27
N LEU D 116 25.29 10.08 21.83
CA LEU D 116 26.53 10.28 22.54
C LEU D 116 27.07 11.69 22.54
N ALA D 117 26.57 12.53 21.65
CA ALA D 117 27.02 13.93 21.59
C ALA D 117 26.57 14.64 22.86
N PRO D 118 27.44 15.50 23.43
CA PRO D 118 27.11 16.01 24.76
C PRO D 118 25.99 17.06 24.80
N LEU D 119 25.32 17.15 25.94
CA LEU D 119 24.46 18.29 26.21
C LEU D 119 25.32 19.54 26.38
N ASP D 120 24.70 20.70 26.20
CA ASP D 120 25.34 21.98 26.42
C ASP D 120 24.73 22.53 27.71
N PRO D 121 25.55 22.76 28.76
CA PRO D 121 24.93 23.19 30.04
C PRO D 121 24.14 24.51 29.97
N ASN D 122 24.37 25.32 28.93
CA ASN D 122 23.64 26.58 28.77
C ASN D 122 22.62 26.60 27.65
N PHE D 123 22.23 25.42 27.17
CA PHE D 123 21.23 25.34 26.12
C PHE D 123 20.10 24.41 26.50
N GLY D 124 18.88 24.95 26.45
CA GLY D 124 17.66 24.20 26.80
C GLY D 124 16.98 23.62 25.57
N GLY D 125 16.60 24.49 24.65
CA GLY D 125 16.06 24.04 23.36
C GLY D 125 14.60 24.38 23.09
N VAL D 126 13.98 25.24 23.91
CA VAL D 126 12.57 25.65 23.66
C VAL D 126 12.37 27.15 23.66
N GLY D 127 11.56 27.62 22.72
CA GLY D 127 11.16 29.00 22.66
C GLY D 127 9.68 29.16 22.35
N ARG D 128 9.12 30.32 22.69
CA ARG D 128 7.78 30.65 22.25
C ARG D 128 7.63 32.15 22.15
N CYS D 129 6.67 32.57 21.32
CA CYS D 129 6.35 33.98 21.19
CA CYS D 129 6.46 33.97 20.98
C CYS D 129 5.01 34.14 20.50
N LEU D 130 4.45 35.35 20.59
CA LEU D 130 3.18 35.65 19.91
C LEU D 130 3.56 36.50 18.73
N THR D 131 2.97 36.26 17.56
CA THR D 131 3.21 37.13 16.41
C THR D 131 2.73 38.54 16.75
N ASP D 132 3.40 39.54 16.20
CA ASP D 132 2.99 40.94 16.44
C ASP D 132 1.75 41.30 15.60
N SER D 133 1.32 42.56 15.65
CA SER D 133 0.07 42.95 14.98
C SER D 133 0.10 42.82 13.46
N ASP D 134 1.30 42.65 12.89
CA ASP D 134 1.54 42.49 11.47
CA ASP D 134 1.41 42.44 11.45
C ASP D 134 1.90 41.03 11.09
N GLY D 135 1.82 40.12 12.05
CA GLY D 135 2.08 38.69 11.78
C GLY D 135 3.52 38.21 11.97
N TYR D 136 4.42 39.07 12.44
CA TYR D 136 5.83 38.69 12.55
C TYR D 136 6.23 38.08 13.89
N TYR D 137 7.14 37.10 13.85
CA TYR D 137 7.71 36.54 15.06
C TYR D 137 9.23 36.57 14.91
N SER D 138 9.94 36.35 16.03
CA SER D 138 11.40 36.22 16.01
CA SER D 138 11.40 36.29 16.04
C SER D 138 11.92 35.50 17.25
N PHE D 139 12.89 34.62 17.02
CA PHE D 139 13.58 33.88 18.07
C PHE D 139 15.06 34.10 17.88
N ARG D 140 15.80 33.96 18.97
CA ARG D 140 17.25 33.94 18.87
C ARG D 140 17.72 32.60 19.42
N THR D 141 18.62 31.94 18.71
CA THR D 141 18.97 30.58 19.11
C THR D 141 20.35 30.20 18.56
N ILE D 142 20.69 28.93 18.74
CA ILE D 142 21.86 28.26 18.17
CA ILE D 142 21.84 28.41 18.02
C ILE D 142 21.36 27.41 16.99
N LYS D 143 22.11 27.33 15.89
CA LYS D 143 21.70 26.42 14.82
C LYS D 143 21.84 24.98 15.33
N PRO D 144 20.77 24.17 15.27
CA PRO D 144 20.90 22.78 15.73
C PRO D 144 21.77 21.94 14.77
N GLY D 145 22.44 20.93 15.31
CA GLY D 145 23.20 20.00 14.48
C GLY D 145 22.33 18.84 13.99
N PRO D 146 22.78 18.16 12.92
CA PRO D 146 22.10 16.96 12.47
C PRO D 146 22.15 15.91 13.54
N HIS D 147 21.23 14.97 13.47
CA HIS D 147 20.96 13.98 14.55
CA HIS D 147 21.24 13.93 14.47
C HIS D 147 20.85 12.59 13.91
N PRO D 148 21.61 11.58 14.36
CA PRO D 148 21.37 10.26 13.78
C PRO D 148 20.18 9.63 14.48
N TRP D 149 19.55 8.66 13.83
CA TRP D 149 18.38 8.05 14.42
C TRP D 149 18.18 6.65 13.87
N ARG D 150 17.52 5.82 14.68
CA ARG D 150 17.42 4.40 14.35
C ARG D 150 16.28 4.12 13.38
N ASN D 151 16.47 4.51 12.13
CA ASN D 151 15.51 4.21 11.09
C ASN D 151 16.20 3.17 10.19
N GLY D 152 16.78 3.61 9.07
CA GLY D 152 17.72 2.77 8.32
C GLY D 152 19.03 2.69 9.10
N PRO D 153 19.99 1.86 8.62
CA PRO D 153 21.24 1.69 9.36
C PRO D 153 22.17 2.94 9.41
N ASN D 154 21.96 3.92 8.54
CA ASN D 154 22.82 5.12 8.56
C ASN D 154 22.03 6.36 8.23
N ASP D 155 20.97 6.60 9.00
CA ASP D 155 20.05 7.70 8.73
C ASP D 155 20.36 8.88 9.66
N TRP D 156 20.33 10.09 9.10
CA TRP D 156 20.65 11.31 9.83
C TRP D 156 19.65 12.39 9.50
N ARG D 157 19.03 12.98 10.50
CA ARG D 157 18.15 14.13 10.22
C ARG D 157 19.01 15.32 9.80
N PRO D 158 18.54 16.10 8.79
CA PRO D 158 19.18 17.40 8.57
C PRO D 158 19.00 18.25 9.82
N ALA D 159 19.80 19.30 9.96
CA ALA D 159 19.56 20.28 11.02
C ALA D 159 18.11 20.74 10.94
N HIS D 160 17.40 20.77 12.07
CA HIS D 160 15.97 21.19 12.01
C HIS D 160 15.47 21.76 13.32
N ILE D 161 14.48 22.63 13.23
CA ILE D 161 13.79 23.18 14.40
C ILE D 161 12.30 22.87 14.23
N TYR D 162 11.70 22.30 15.27
CA TYR D 162 10.24 22.04 15.27
C TYR D 162 9.52 23.34 15.52
N PHE D 163 8.44 23.54 14.77
CA PHE D 163 7.53 24.69 14.97
C PHE D 163 6.12 24.20 15.21
N GLY D 164 5.44 24.85 16.15
CA GLY D 164 3.98 24.66 16.30
C GLY D 164 3.32 26.03 16.24
N ILE D 165 2.27 26.17 15.45
CA ILE D 165 1.60 27.46 15.23
C ILE D 165 0.12 27.22 15.48
N SER D 166 -0.51 28.06 16.32
CA SER D 166 -1.92 27.86 16.66
C SER D 166 -2.84 28.34 15.55
N GLY D 167 -2.67 29.61 15.16
CA GLY D 167 -3.57 30.26 14.21
C GLY D 167 -4.95 30.50 14.83
N PRO D 168 -5.90 30.92 13.99
CA PRO D 168 -7.21 31.36 14.48
C PRO D 168 -8.13 30.26 14.97
N SER D 169 -7.81 28.99 14.66
CA SER D 169 -8.74 27.91 15.05
C SER D 169 -8.00 26.60 15.17
N ILE D 170 -8.68 25.60 15.76
CA ILE D 170 -8.08 24.25 15.80
C ILE D 170 -7.94 23.69 14.39
N ALA D 171 -8.71 24.24 13.44
CA ALA D 171 -8.58 23.85 12.04
C ALA D 171 -7.27 24.31 11.40
N THR D 172 -6.70 25.39 11.92
CA THR D 172 -5.46 25.92 11.34
C THR D 172 -4.21 25.41 12.04
N LYS D 173 -4.35 24.86 13.25
CA LYS D 173 -3.17 24.50 14.04
C LYS D 173 -2.25 23.52 13.27
N LEU D 174 -0.94 23.74 13.38
CA LEU D 174 0.04 22.98 12.60
C LEU D 174 1.30 22.76 13.41
N ILE D 175 1.87 21.56 13.27
CA ILE D 175 3.26 21.35 13.69
C ILE D 175 4.04 21.00 12.42
N THR D 176 5.23 21.57 12.30
CA THR D 176 6.07 21.25 11.15
C THR D 176 7.54 21.28 11.58
N GLN D 177 8.45 21.12 10.61
CA GLN D 177 9.89 21.24 10.90
C GLN D 177 10.49 22.19 9.89
N LEU D 178 11.30 23.10 10.40
CA LEU D 178 12.10 24.02 9.59
C LEU D 178 13.45 23.37 9.28
N TYR D 179 13.90 23.45 8.02
CA TYR D 179 15.22 22.98 7.63
C TYR D 179 16.01 24.19 7.12
N PHE D 180 17.30 24.02 6.87
CA PHE D 180 18.16 25.16 6.54
C PHE D 180 18.72 25.12 5.13
N GLU D 181 18.70 26.29 4.49
CA GLU D 181 19.10 26.45 3.11
C GLU D 181 20.41 25.71 2.83
N GLY D 182 20.37 24.83 1.85
CA GLY D 182 21.56 24.17 1.30
C GLY D 182 22.00 22.91 2.01
N ASP D 183 21.32 22.53 3.09
CA ASP D 183 21.78 21.38 3.90
C ASP D 183 21.71 20.12 3.02
N PRO D 184 22.87 19.44 2.81
CA PRO D 184 22.85 18.30 1.88
C PRO D 184 22.13 17.07 2.42
N LEU D 185 21.79 17.08 3.71
CA LEU D 185 21.02 15.98 4.30
C LEU D 185 19.54 16.01 3.89
N ILE D 186 19.06 17.17 3.45
CA ILE D 186 17.60 17.33 3.21
C ILE D 186 17.06 16.32 2.16
N PRO D 187 17.73 16.21 1.00
CA PRO D 187 17.16 15.28 -0.02
C PRO D 187 17.20 13.81 0.38
N MET D 188 17.98 13.47 1.39
CA MET D 188 18.21 12.09 1.80
C MET D 188 17.30 11.64 2.95
N CYS D 189 16.56 12.57 3.55
CA CYS D 189 15.84 12.26 4.78
C CYS D 189 14.44 11.67 4.56
N PRO D 190 14.16 10.47 5.11
CA PRO D 190 12.86 9.86 4.92
C PRO D 190 11.71 10.63 5.57
N ILE D 191 12.00 11.45 6.57
CA ILE D 191 10.98 12.32 7.15
C ILE D 191 10.67 13.50 6.23
N VAL D 192 11.71 14.16 5.71
CA VAL D 192 11.47 15.18 4.68
C VAL D 192 10.68 14.55 3.53
N LYS D 193 11.12 13.37 3.10
CA LYS D 193 10.52 12.71 1.93
C LYS D 193 9.13 12.12 2.20
N SER D 194 8.62 12.25 3.43
CA SER D 194 7.22 11.92 3.68
C SER D 194 6.32 12.87 2.86
N ILE D 195 6.87 14.03 2.53
CA ILE D 195 6.23 14.99 1.64
C ILE D 195 6.56 14.62 0.18
N ALA D 196 5.53 14.25 -0.59
CA ALA D 196 5.74 13.68 -1.93
C ALA D 196 6.13 14.74 -2.97
N ASN D 197 5.64 15.96 -2.79
CA ASN D 197 5.82 17.03 -3.79
C ASN D 197 7.07 17.83 -3.45
N PRO D 198 8.07 17.85 -4.35
CA PRO D 198 9.29 18.58 -3.96
C PRO D 198 9.09 20.10 -3.75
N GLU D 199 8.08 20.69 -4.38
CA GLU D 199 7.78 22.11 -4.16
C GLU D 199 7.29 22.34 -2.72
N ALA D 200 6.64 21.33 -2.15
CA ALA D 200 6.15 21.47 -0.78
C ALA D 200 7.34 21.38 0.15
N VAL D 201 8.27 20.51 -0.17
CA VAL D 201 9.50 20.43 0.64
C VAL D 201 10.22 21.80 0.69
N GLN D 202 10.26 22.50 -0.43
CA GLN D 202 10.90 23.82 -0.47
C GLN D 202 10.30 24.83 0.49
N GLN D 203 9.02 24.64 0.82
CA GLN D 203 8.32 25.56 1.69
CA GLN D 203 8.29 25.54 1.71
C GLN D 203 8.82 25.45 3.14
N LEU D 204 9.53 24.37 3.44
CA LEU D 204 10.05 24.14 4.80
C LEU D 204 11.52 24.53 4.96
N ILE D 205 12.10 25.10 3.92
CA ILE D 205 13.52 25.41 3.97
C ILE D 205 13.71 26.89 4.22
N ALA D 206 14.28 27.21 5.39
CA ALA D 206 14.51 28.59 5.77
C ALA D 206 15.67 29.13 4.97
N LYS D 207 15.54 30.39 4.56
CA LYS D 207 16.62 31.00 3.78
C LYS D 207 17.53 31.88 4.62
N LEU D 208 18.82 31.82 4.34
CA LEU D 208 19.75 32.76 4.95
C LEU D 208 19.26 34.20 4.70
N ASP D 209 19.28 35.04 5.73
CA ASP D 209 18.70 36.39 5.66
C ASP D 209 19.72 37.38 6.19
N MET D 210 20.68 37.78 5.35
CA MET D 210 21.78 38.64 5.82
C MET D 210 21.27 40.00 6.27
N ASN D 211 20.17 40.44 5.66
CA ASN D 211 19.56 41.74 5.94
C ASN D 211 19.12 41.86 7.40
N ASN D 212 18.87 40.71 8.02
CA ASN D 212 18.35 40.67 9.39
C ASN D 212 19.40 40.27 10.42
N ALA D 213 20.63 40.09 9.96
CA ALA D 213 21.70 39.67 10.83
C ALA D 213 22.14 40.84 11.70
N ASN D 214 22.72 40.54 12.86
CA ASN D 214 23.42 41.54 13.66
C ASN D 214 24.90 41.43 13.38
N PRO D 215 25.49 42.41 12.69
CA PRO D 215 26.91 42.26 12.39
C PRO D 215 27.78 41.98 13.61
N MET D 216 28.83 41.18 13.42
CA MET D 216 29.75 40.81 14.49
C MET D 216 29.07 40.09 15.65
N ASP D 217 27.90 39.48 15.39
CA ASP D 217 27.11 38.97 16.49
C ASP D 217 26.37 37.69 16.11
N CYS D 218 25.38 37.79 15.23
CA CYS D 218 24.59 36.60 14.86
C CYS D 218 24.08 36.70 13.47
N LEU D 219 23.94 35.56 12.80
CA LEU D 219 23.34 35.51 11.47
C LEU D 219 21.82 35.42 11.64
N ALA D 220 21.09 35.31 10.54
CA ALA D 220 19.63 35.26 10.60
C ALA D 220 19.13 34.41 9.47
N TYR D 221 18.02 33.72 9.73
CA TYR D 221 17.32 32.91 8.76
C TYR D 221 15.87 33.35 8.75
N ARG D 222 15.23 33.26 7.59
CA ARG D 222 13.83 33.66 7.48
C ARG D 222 12.97 32.44 7.15
N PHE D 223 11.88 32.29 7.90
CA PHE D 223 10.97 31.17 7.69
C PHE D 223 9.54 31.70 7.79
N ASP D 224 8.88 31.82 6.65
CA ASP D 224 7.49 32.29 6.65
C ASP D 224 6.57 31.07 6.67
N ILE D 225 5.45 31.23 7.35
CA ILE D 225 4.53 30.14 7.56
C ILE D 225 3.20 30.54 6.98
N VAL D 226 2.56 29.62 6.27
CA VAL D 226 1.26 29.87 5.65
C VAL D 226 0.23 28.91 6.25
N LEU D 227 -0.78 29.49 6.89
CA LEU D 227 -1.91 28.70 7.45
C LEU D 227 -3.10 28.67 6.49
N ARG D 228 -4.05 27.78 6.74
CA ARG D 228 -5.23 27.70 5.87
C ARG D 228 -5.91 29.04 5.71
N GLY D 229 -6.35 29.30 4.47
CA GLY D 229 -7.06 30.54 4.16
C GLY D 229 -8.36 30.65 4.92
N GLN D 230 -8.61 31.85 5.46
CA GLN D 230 -9.83 32.07 6.25
C GLN D 230 -10.76 33.00 5.48
N ARG D 231 -12.03 32.61 5.33
CA ARG D 231 -13.00 33.45 4.62
C ARG D 231 -14.28 33.59 5.43
N LYS D 232 -15.06 34.63 5.16
CA LYS D 232 -16.40 34.70 5.74
C LYS D 232 -17.32 33.62 5.18
N THR D 233 -18.34 33.24 5.94
CA THR D 233 -19.39 32.37 5.41
C THR D 233 -20.16 33.12 4.33
N HIS D 234 -20.76 32.39 3.39
CA HIS D 234 -21.63 33.02 2.40
C HIS D 234 -22.70 32.04 1.94
N PHE D 235 -23.91 32.57 1.77
CA PHE D 235 -25.06 31.79 1.28
C PHE D 235 -25.28 30.47 2.01
N GLU D 236 -25.08 30.42 3.32
CA GLU D 236 -25.34 29.17 4.04
C GLU D 236 -26.74 29.11 4.63
N ASN D 237 -27.36 27.93 4.59
CA ASN D 237 -28.70 27.66 5.16
C ASN D 237 -29.88 28.18 4.32
N CYS D 238 -29.56 28.69 3.13
CA CYS D 238 -30.54 29.29 2.20
C CYS D 238 -30.33 28.76 0.76
N PRO E 1 26.78 15.28 -2.72
CA PRO E 1 27.48 14.35 -1.80
C PRO E 1 28.26 13.34 -2.61
N ILE E 2 29.07 12.55 -1.92
CA ILE E 2 29.85 11.48 -2.56
C ILE E 2 28.95 10.31 -2.93
N GLU E 3 28.96 9.93 -4.21
CA GLU E 3 28.16 8.79 -4.68
C GLU E 3 29.09 7.73 -5.25
N LEU E 4 29.04 6.51 -4.72
CA LEU E 4 29.87 5.39 -5.19
C LEU E 4 29.20 4.67 -6.36
N LEU E 5 29.88 3.69 -6.95
CA LEU E 5 29.21 2.83 -7.93
C LEU E 5 28.01 2.19 -7.22
N PRO E 6 26.83 2.16 -7.87
CA PRO E 6 25.69 1.50 -7.25
C PRO E 6 25.85 0.00 -7.21
N GLU E 7 25.37 -0.62 -6.12
CA GLU E 7 25.36 -2.06 -5.97
C GLU E 7 24.45 -2.69 -7.03
N THR E 8 24.83 -3.85 -7.55
CA THR E 8 23.98 -4.62 -8.46
C THR E 8 22.70 -4.95 -7.73
N PRO E 9 21.54 -4.67 -8.36
CA PRO E 9 20.29 -4.87 -7.57
C PRO E 9 19.89 -6.34 -7.49
N SER E 10 19.25 -6.70 -6.38
CA SER E 10 18.80 -8.04 -6.12
C SER E 10 17.62 -8.38 -7.02
N GLN E 11 17.39 -9.68 -7.22
CA GLN E 11 16.15 -10.17 -7.83
C GLN E 11 15.81 -11.45 -7.10
N THR E 12 14.56 -11.89 -7.25
CA THR E 12 14.12 -13.14 -6.62
C THR E 12 14.96 -14.33 -7.08
N ALA E 13 15.20 -15.26 -6.16
CA ALA E 13 15.90 -16.49 -6.51
C ALA E 13 15.02 -17.44 -7.35
N GLY E 14 13.72 -17.16 -7.36
CA GLY E 14 12.77 -17.92 -8.17
C GLY E 14 12.47 -19.32 -7.65
N PRO E 15 11.43 -19.96 -8.22
CA PRO E 15 10.99 -21.27 -7.73
C PRO E 15 11.95 -22.40 -8.07
N TYR E 16 12.87 -22.16 -9.01
CA TYR E 16 13.80 -23.23 -9.44
C TYR E 16 15.21 -23.00 -8.92
N VAL E 17 15.34 -22.20 -7.87
CA VAL E 17 16.62 -21.92 -7.19
C VAL E 17 17.40 -23.23 -6.92
N HIS E 18 16.67 -24.32 -6.71
CA HIS E 18 17.33 -25.60 -6.41
C HIS E 18 18.22 -26.12 -7.53
N ILE E 19 17.87 -25.82 -8.78
CA ILE E 19 18.71 -26.19 -9.95
C ILE E 19 20.15 -25.78 -9.66
N GLY E 20 20.31 -24.56 -9.15
CA GLY E 20 21.64 -24.02 -8.95
C GLY E 20 22.25 -24.28 -7.59
N LEU E 21 21.42 -24.33 -6.56
CA LEU E 21 21.94 -24.25 -5.20
C LEU E 21 21.51 -25.39 -4.29
N ALA E 22 20.67 -26.29 -4.78
CA ALA E 22 20.18 -27.43 -3.98
C ALA E 22 19.85 -28.55 -4.96
N LEU E 23 20.91 -29.11 -5.54
CA LEU E 23 20.80 -29.93 -6.73
C LEU E 23 19.87 -31.15 -6.58
N GLU E 24 19.99 -31.85 -5.46
CA GLU E 24 19.16 -33.03 -5.20
C GLU E 24 17.67 -32.65 -5.17
N ALA E 25 17.37 -31.54 -4.49
CA ALA E 25 16.00 -31.03 -4.38
C ALA E 25 15.32 -30.78 -5.77
N ALA E 26 16.08 -30.31 -6.75
CA ALA E 26 15.54 -30.09 -8.11
C ALA E 26 15.17 -31.41 -8.80
N GLY E 27 15.71 -32.50 -8.25
CA GLY E 27 15.63 -33.84 -8.85
C GLY E 27 16.80 -34.15 -9.77
N ASN E 28 17.93 -33.46 -9.56
CA ASN E 28 19.10 -33.59 -10.42
C ASN E 28 20.31 -34.24 -9.74
N PRO E 29 21.22 -34.84 -10.53
CA PRO E 29 22.46 -35.37 -9.96
C PRO E 29 23.31 -34.31 -9.28
N THR E 30 24.00 -34.70 -8.23
CA THR E 30 24.93 -33.79 -7.56
C THR E 30 26.33 -33.91 -8.13
N ARG E 31 27.14 -32.90 -7.84
CA ARG E 31 28.52 -32.88 -8.21
C ARG E 31 29.30 -33.52 -7.06
N ASP E 32 30.60 -33.70 -7.23
CA ASP E 32 31.46 -34.30 -6.21
C ASP E 32 31.36 -33.62 -4.85
N GLN E 33 31.39 -32.27 -4.86
CA GLN E 33 31.32 -31.50 -3.64
C GLN E 33 30.16 -30.53 -3.72
N GLU E 34 29.32 -30.53 -2.69
CA GLU E 34 28.16 -29.64 -2.61
C GLU E 34 28.15 -28.98 -1.24
N ILE E 35 27.66 -27.75 -1.20
CA ILE E 35 27.55 -27.00 0.05
C ILE E 35 26.16 -27.29 0.55
N TRP E 36 26.04 -27.98 1.69
CA TRP E 36 24.71 -28.39 2.15
C TRP E 36 24.50 -28.20 3.65
N ASN E 37 23.66 -29.05 4.24
CA ASN E 37 23.04 -28.76 5.55
C ASN E 37 23.69 -29.43 6.77
N ARG E 38 24.86 -30.01 6.58
CA ARG E 38 25.58 -30.67 7.67
C ARG E 38 26.81 -29.84 8.01
N LEU E 39 26.66 -28.93 8.96
CA LEU E 39 27.76 -28.05 9.34
C LEU E 39 28.82 -28.79 10.17
N ALA E 40 28.37 -29.80 10.90
CA ALA E 40 29.26 -30.50 11.83
C ALA E 40 29.29 -32.00 11.55
N LYS E 41 30.49 -32.52 11.39
CA LYS E 41 30.75 -33.97 11.41
C LYS E 41 30.58 -34.46 12.86
N PRO E 42 30.29 -35.77 13.05
CA PRO E 42 30.03 -36.34 14.38
C PRO E 42 31.04 -36.00 15.48
N ASP E 43 32.30 -35.79 15.11
CA ASP E 43 33.37 -35.58 16.09
C ASP E 43 33.79 -34.11 16.25
N ALA E 44 32.96 -33.20 15.75
CA ALA E 44 33.17 -31.78 16.02
C ALA E 44 32.87 -31.54 17.51
N PRO E 45 33.68 -30.68 18.16
CA PRO E 45 33.41 -30.26 19.54
C PRO E 45 32.13 -29.42 19.67
N GLY E 46 31.48 -29.54 20.83
CA GLY E 46 30.28 -28.77 21.14
C GLY E 46 29.05 -29.64 21.23
N GLU E 47 27.93 -29.03 21.56
CA GLU E 47 26.69 -29.76 21.70
C GLU E 47 26.04 -29.93 20.34
N HIS E 48 25.95 -31.18 19.88
CA HIS E 48 25.36 -31.47 18.58
C HIS E 48 23.84 -31.33 18.60
N ILE E 49 23.33 -30.53 17.66
CA ILE E 49 21.91 -30.19 17.62
C ILE E 49 21.34 -30.33 16.20
N LEU E 50 20.09 -30.78 16.16
CA LEU E 50 19.28 -30.74 14.94
C LEU E 50 18.44 -29.47 14.95
N LEU E 51 18.48 -28.73 13.84
CA LEU E 51 17.57 -27.58 13.66
C LEU E 51 16.54 -27.89 12.59
N LEU E 52 15.32 -27.41 12.77
CA LEU E 52 14.27 -27.70 11.81
C LEU E 52 13.25 -26.58 11.82
N GLY E 53 12.50 -26.43 10.74
CA GLY E 53 11.53 -25.37 10.65
C GLY E 53 10.69 -25.37 9.39
N GLN E 54 9.59 -24.63 9.45
CA GLN E 54 8.73 -24.37 8.31
C GLN E 54 8.61 -22.86 8.11
N VAL E 55 8.24 -22.47 6.89
CA VAL E 55 8.19 -21.05 6.52
C VAL E 55 6.77 -20.78 6.09
N TYR E 56 6.18 -19.71 6.63
CA TYR E 56 4.77 -19.38 6.33
C TYR E 56 4.65 -18.05 5.63
N ASP E 57 3.73 -17.96 4.68
CA ASP E 57 3.39 -16.67 4.05
C ASP E 57 2.32 -15.90 4.85
N GLY E 58 1.88 -14.76 4.32
CA GLY E 58 0.95 -13.88 5.04
C GLY E 58 -0.45 -14.43 5.21
N ASN E 59 -0.77 -15.49 4.47
CA ASN E 59 -2.06 -16.18 4.59
C ASN E 59 -1.97 -17.43 5.44
N GLY E 60 -0.82 -17.59 6.10
CA GLY E 60 -0.54 -18.74 6.95
C GLY E 60 -0.28 -20.05 6.21
N HIS E 61 0.02 -19.96 4.90
CA HIS E 61 0.30 -21.14 4.09
C HIS E 61 1.80 -21.36 3.94
N LEU E 62 2.19 -22.64 3.92
CA LEU E 62 3.59 -23.03 3.83
C LEU E 62 4.27 -22.52 2.56
N VAL E 63 5.50 -22.04 2.73
CA VAL E 63 6.35 -21.64 1.60
C VAL E 63 7.23 -22.84 1.31
N ARG E 64 6.82 -23.61 0.31
CA ARG E 64 7.43 -24.90 0.05
C ARG E 64 8.65 -24.84 -0.79
N ASP E 65 8.98 -23.65 -1.31
CA ASP E 65 10.15 -23.52 -2.18
C ASP E 65 11.20 -22.57 -1.57
N SER E 66 11.25 -22.53 -0.23
CA SER E 66 12.22 -21.70 0.49
C SER E 66 13.64 -22.24 0.33
N PHE E 67 14.59 -21.32 0.27
CA PHE E 67 16.01 -21.65 0.28
C PHE E 67 16.67 -20.82 1.39
N LEU E 68 17.41 -21.48 2.28
CA LEU E 68 18.05 -20.81 3.41
C LEU E 68 19.56 -20.96 3.45
N GLU E 69 20.26 -19.87 3.72
CA GLU E 69 21.68 -19.90 4.01
C GLU E 69 21.95 -19.49 5.46
N VAL E 70 22.88 -20.20 6.11
CA VAL E 70 23.14 -19.98 7.53
C VAL E 70 24.62 -19.73 7.81
N TRP E 71 24.88 -18.93 8.83
CA TRP E 71 26.25 -18.57 9.17
C TRP E 71 26.29 -18.53 10.68
N GLN E 72 27.18 -19.31 11.28
CA GLN E 72 27.21 -19.37 12.75
C GLN E 72 28.62 -19.60 13.29
N ALA E 73 28.86 -19.20 14.54
CA ALA E 73 30.16 -19.48 15.16
C ALA E 73 30.25 -20.97 15.53
N ASP E 74 31.48 -21.48 15.70
CA ASP E 74 31.64 -22.84 16.21
C ASP E 74 31.29 -22.82 17.71
N ALA E 75 31.43 -23.95 18.41
CA ALA E 75 31.09 -24.01 19.83
C ALA E 75 31.91 -23.07 20.70
N ASN E 76 33.11 -22.72 20.23
CA ASN E 76 33.99 -21.78 20.95
C ASN E 76 33.77 -20.31 20.60
N GLY E 77 32.70 -20.01 19.87
CA GLY E 77 32.39 -18.62 19.52
C GLY E 77 33.30 -18.03 18.45
N GLU E 78 33.88 -18.89 17.60
CA GLU E 78 34.72 -18.42 16.49
C GLU E 78 34.13 -18.75 15.12
N TYR E 79 34.10 -17.75 14.24
CA TYR E 79 33.65 -17.96 12.86
C TYR E 79 34.76 -18.58 12.02
N GLN E 80 34.43 -19.70 11.39
CA GLN E 80 35.39 -20.44 10.58
C GLN E 80 35.08 -20.19 9.11
N ASP E 81 35.85 -19.31 8.46
CA ASP E 81 35.53 -18.94 7.08
C ASP E 81 36.17 -19.83 6.01
N ALA E 82 37.19 -20.61 6.38
CA ALA E 82 37.85 -21.49 5.43
C ALA E 82 36.98 -22.72 5.15
N TYR E 83 36.05 -22.56 4.21
CA TYR E 83 35.09 -23.62 3.93
C TYR E 83 35.77 -24.80 3.26
N ASN E 84 35.56 -25.99 3.80
CA ASN E 84 36.22 -27.21 3.30
C ASN E 84 35.41 -28.40 3.79
N LEU E 85 35.01 -29.28 2.88
CA LEU E 85 34.18 -30.44 3.25
C LEU E 85 34.94 -31.47 4.10
N GLU E 86 36.26 -31.28 4.19
CA GLU E 86 37.08 -32.10 5.07
C GLU E 86 36.96 -31.67 6.53
N ASN E 87 36.71 -30.38 6.77
CA ASN E 87 36.65 -29.82 8.12
C ASN E 87 35.65 -30.57 8.99
N ALA E 88 35.94 -30.68 10.28
CA ALA E 88 34.96 -31.29 11.18
C ALA E 88 33.79 -30.32 11.38
N PHE E 89 34.06 -29.02 11.25
CA PHE E 89 33.02 -27.99 11.34
C PHE E 89 33.20 -26.90 10.29
N ASN E 90 32.08 -26.50 9.69
CA ASN E 90 32.02 -25.31 8.83
C ASN E 90 30.97 -24.35 9.37
N SER E 91 31.31 -23.06 9.39
CA SER E 91 30.41 -22.04 9.91
C SER E 91 29.24 -21.73 8.96
N PHE E 92 29.38 -22.13 7.70
CA PHE E 92 28.38 -21.86 6.66
C PHE E 92 27.66 -23.12 6.21
N GLY E 93 26.36 -23.00 5.91
CA GLY E 93 25.61 -24.10 5.33
C GLY E 93 24.40 -23.61 4.56
N ARG E 94 23.74 -24.54 3.89
CA ARG E 94 22.58 -24.26 3.08
C ARG E 94 21.54 -25.33 3.34
N THR E 95 20.27 -24.93 3.30
CA THR E 95 19.16 -25.88 3.37
C THR E 95 17.95 -25.39 2.55
N ALA E 96 16.90 -26.19 2.45
CA ALA E 96 15.75 -25.83 1.65
C ALA E 96 14.56 -26.59 2.18
N THR E 97 13.37 -26.03 2.01
CA THR E 97 12.16 -26.72 2.44
C THR E 97 11.72 -27.83 1.48
N THR E 98 11.36 -29.00 2.02
CA THR E 98 10.77 -30.07 1.20
C THR E 98 9.48 -29.60 0.52
N PHE E 99 9.27 -30.01 -0.72
CA PHE E 99 8.09 -29.60 -1.48
C PHE E 99 6.80 -30.19 -0.93
N ASP E 100 6.86 -31.40 -0.36
CA ASP E 100 5.67 -32.02 0.26
C ASP E 100 5.31 -31.48 1.66
N ALA E 101 6.26 -31.55 2.59
CA ALA E 101 6.03 -31.19 3.99
C ALA E 101 6.34 -29.72 4.33
N GLY E 102 7.21 -29.11 3.53
CA GLY E 102 7.64 -27.74 3.76
C GLY E 102 8.65 -27.57 4.87
N GLU E 103 9.36 -28.63 5.25
CA GLU E 103 10.28 -28.56 6.39
C GLU E 103 11.73 -28.52 5.93
N TRP E 104 12.53 -27.62 6.52
CA TRP E 104 13.98 -27.65 6.32
C TRP E 104 14.66 -28.23 7.56
N THR E 105 15.86 -28.78 7.37
CA THR E 105 16.68 -29.25 8.50
C THR E 105 18.14 -28.84 8.36
N LEU E 106 18.80 -28.70 9.50
CA LEU E 106 20.24 -28.43 9.59
C LEU E 106 20.83 -29.32 10.69
N HIS E 107 22.06 -29.76 10.49
CA HIS E 107 22.81 -30.55 11.48
C HIS E 107 24.07 -29.79 11.84
N THR E 108 24.17 -29.35 13.09
CA THR E 108 25.20 -28.41 13.50
C THR E 108 25.56 -28.59 14.98
N VAL E 109 26.30 -27.63 15.53
CA VAL E 109 26.53 -27.56 16.97
C VAL E 109 26.01 -26.22 17.48
N LYS E 110 25.77 -26.11 18.78
CA LYS E 110 25.28 -24.85 19.32
C LYS E 110 26.43 -23.85 19.28
N PRO E 111 26.20 -22.67 18.67
CA PRO E 111 27.28 -21.69 18.60
C PRO E 111 27.61 -21.12 19.97
N GLY E 112 28.90 -20.85 20.19
CA GLY E 112 29.36 -20.10 21.36
C GLY E 112 29.08 -18.61 21.26
N VAL E 113 29.27 -17.92 22.38
CA VAL E 113 29.02 -16.48 22.48
C VAL E 113 30.05 -15.67 21.69
N VAL E 114 29.56 -14.66 20.98
CA VAL E 114 30.39 -13.74 20.19
C VAL E 114 30.11 -12.32 20.66
N ASN E 115 31.15 -11.49 20.81
CA ASN E 115 30.93 -10.09 21.20
C ASN E 115 30.59 -9.21 20.00
N ASN E 116 29.72 -8.22 20.20
CA ASN E 116 29.53 -7.17 19.17
C ASN E 116 30.76 -6.24 19.04
N ALA E 117 30.67 -5.24 18.16
CA ALA E 117 31.80 -4.35 17.89
C ALA E 117 32.16 -3.48 19.09
N ALA E 118 31.20 -3.30 20.01
CA ALA E 118 31.43 -2.52 21.23
C ALA E 118 31.94 -3.37 22.39
N GLY E 119 32.12 -4.67 22.14
CA GLY E 119 32.66 -5.60 23.13
C GLY E 119 31.60 -6.24 24.03
N VAL E 120 30.33 -5.99 23.72
CA VAL E 120 29.23 -6.56 24.50
C VAL E 120 28.85 -7.94 23.95
N PRO E 121 28.79 -8.95 24.83
CA PRO E 121 28.44 -10.31 24.35
C PRO E 121 27.02 -10.38 23.76
N MET E 122 26.90 -11.04 22.61
CA MET E 122 25.60 -11.36 22.03
C MET E 122 25.19 -12.77 22.46
N ALA E 123 23.90 -13.05 22.55
CA ALA E 123 23.45 -14.40 22.92
C ALA E 123 23.79 -15.36 21.78
N PRO E 124 23.92 -16.67 22.06
CA PRO E 124 24.16 -17.61 20.97
C PRO E 124 23.14 -17.47 19.85
N HIS E 125 23.60 -17.35 18.61
CA HIS E 125 22.68 -17.17 17.47
C HIS E 125 23.22 -17.79 16.19
N ILE E 126 22.31 -18.09 15.28
CA ILE E 126 22.65 -18.50 13.92
C ILE E 126 22.09 -17.41 13.00
N ASN E 127 22.92 -16.87 12.12
CA ASN E 127 22.47 -15.89 11.13
C ASN E 127 21.83 -16.64 9.97
N ILE E 128 20.67 -16.19 9.51
CA ILE E 128 19.91 -16.85 8.48
C ILE E 128 19.56 -15.84 7.40
N SER E 129 19.78 -16.20 6.14
CA SER E 129 19.22 -15.44 5.01
C SER E 129 18.22 -16.34 4.27
N LEU E 130 17.02 -15.80 4.04
CA LEU E 130 15.92 -16.54 3.43
C LEU E 130 15.66 -16.03 2.01
N PHE E 131 15.65 -16.95 1.05
CA PHE E 131 15.41 -16.64 -0.38
C PHE E 131 14.22 -17.48 -0.86
N ALA E 132 13.44 -16.97 -1.83
CA ALA E 132 12.37 -17.76 -2.42
C ALA E 132 11.70 -16.99 -3.55
N ARG E 133 10.98 -17.72 -4.38
CA ARG E 133 9.96 -17.12 -5.26
C ARG E 133 9.14 -16.12 -4.44
N GLY E 134 8.93 -14.93 -5.00
CA GLY E 134 8.16 -13.87 -4.32
C GLY E 134 8.92 -12.99 -3.35
N ILE E 135 10.16 -13.35 -3.04
CA ILE E 135 11.04 -12.58 -2.18
C ILE E 135 12.09 -11.87 -3.07
N ASN E 136 11.96 -10.56 -3.21
CA ASN E 136 12.76 -9.82 -4.21
C ASN E 136 14.20 -9.60 -3.75
N ILE E 137 14.36 -9.42 -2.44
CA ILE E 137 15.68 -9.33 -1.83
C ILE E 137 15.59 -10.19 -0.57
N HIS E 138 16.63 -10.98 -0.32
CA HIS E 138 16.58 -11.96 0.77
C HIS E 138 16.35 -11.30 2.12
N LEU E 139 15.75 -12.05 3.02
CA LEU E 139 15.39 -11.57 4.35
C LEU E 139 16.42 -12.10 5.34
N HIS E 140 16.98 -11.21 6.17
CA HIS E 140 17.95 -11.58 7.19
C HIS E 140 17.23 -11.79 8.51
N THR E 141 17.53 -12.87 9.21
CA THR E 141 17.05 -13.02 10.59
C THR E 141 18.10 -13.70 11.47
N ARG E 142 17.76 -13.94 12.74
CA ARG E 142 18.66 -14.66 13.63
C ARG E 142 17.83 -15.68 14.36
N LEU E 143 18.41 -16.84 14.57
CA LEU E 143 17.82 -17.88 15.39
C LEU E 143 18.58 -17.89 16.71
N TYR E 144 17.85 -17.61 17.79
CA TYR E 144 18.38 -17.72 19.16
C TYR E 144 17.73 -18.94 19.83
N PHE E 145 18.14 -19.25 21.05
CA PHE E 145 17.72 -20.52 21.68
C PHE E 145 16.93 -20.31 22.97
N ASP E 146 15.83 -21.04 23.15
CA ASP E 146 14.95 -20.81 24.31
C ASP E 146 15.58 -21.25 25.64
N ASP E 147 16.66 -22.00 25.57
CA ASP E 147 17.37 -22.44 26.77
C ASP E 147 18.56 -21.53 27.09
N GLU E 148 18.58 -20.37 26.45
CA GLU E 148 19.55 -19.33 26.74
C GLU E 148 18.85 -18.07 27.23
N ALA E 149 17.83 -18.23 28.07
CA ALA E 149 17.02 -17.07 28.46
C ALA E 149 17.82 -15.91 29.05
N GLN E 150 18.79 -16.21 29.93
CA GLN E 150 19.56 -15.15 30.60
C GLN E 150 20.37 -14.33 29.59
N ALA E 151 21.06 -15.02 28.69
CA ALA E 151 21.85 -14.38 27.61
C ALA E 151 20.96 -13.60 26.65
N ASN E 152 19.86 -14.21 26.21
CA ASN E 152 18.89 -13.55 25.33
C ASN E 152 18.41 -12.21 25.90
N ALA E 153 18.08 -12.20 27.19
CA ALA E 153 17.60 -11.00 27.85
C ALA E 153 18.61 -9.86 27.79
N LYS E 154 19.89 -10.21 27.70
CA LYS E 154 20.97 -9.22 27.69
C LYS E 154 21.57 -8.93 26.30
N CYS E 155 21.07 -9.60 25.27
CA CYS E 155 21.66 -9.48 23.92
C CYS E 155 21.46 -8.07 23.35
N PRO E 156 22.57 -7.40 22.97
CA PRO E 156 22.45 -6.02 22.49
C PRO E 156 21.74 -5.96 21.13
N VAL E 157 21.65 -7.09 20.44
CA VAL E 157 20.92 -7.10 19.15
C VAL E 157 19.42 -7.30 19.39
N LEU E 158 19.08 -8.31 20.18
CA LEU E 158 17.69 -8.51 20.61
C LEU E 158 17.11 -7.23 21.22
N ASN E 159 17.91 -6.51 22.00
CA ASN E 159 17.44 -5.34 22.67
C ASN E 159 17.23 -4.13 21.74
N LEU E 160 17.70 -4.22 20.50
CA LEU E 160 17.35 -3.20 19.51
C LEU E 160 15.95 -3.37 18.95
N ILE E 161 15.32 -4.51 19.19
CA ILE E 161 13.91 -4.69 18.79
C ILE E 161 13.04 -3.98 19.83
N GLU E 162 12.30 -2.95 19.39
CA GLU E 162 11.64 -2.00 20.31
C GLU E 162 10.58 -2.66 21.19
N GLN E 163 9.81 -3.59 20.61
CA GLN E 163 8.74 -4.31 21.32
C GLN E 163 9.16 -5.69 21.78
N PRO E 164 9.09 -5.95 23.10
CA PRO E 164 9.42 -7.26 23.65
C PRO E 164 8.74 -8.45 22.96
N GLN E 165 7.47 -8.29 22.58
CA GLN E 165 6.69 -9.33 21.94
C GLN E 165 7.38 -9.83 20.67
N ARG E 166 8.00 -8.91 19.93
CA ARG E 166 8.62 -9.27 18.65
C ARG E 166 9.92 -10.04 18.87
N ARG E 167 10.59 -9.80 20.00
CA ARG E 167 11.81 -10.56 20.29
C ARG E 167 11.52 -12.06 20.35
N GLU E 168 10.32 -12.43 20.80
CA GLU E 168 9.96 -13.82 20.97
C GLU E 168 9.96 -14.55 19.62
N THR E 169 9.78 -13.79 18.52
CA THR E 169 9.74 -14.44 17.19
C THR E 169 11.09 -15.05 16.78
N LEU E 170 12.17 -14.65 17.46
CA LEU E 170 13.51 -15.11 17.09
C LEU E 170 14.02 -16.21 18.01
N ILE E 171 13.18 -16.69 18.93
CA ILE E 171 13.62 -17.72 19.88
C ILE E 171 13.10 -19.12 19.47
N ALA E 172 14.04 -19.99 19.09
CA ALA E 172 13.72 -21.37 18.67
C ALA E 172 13.39 -22.23 19.90
N LYS E 173 12.51 -23.20 19.69
CA LYS E 173 11.97 -24.06 20.76
C LYS E 173 12.67 -25.41 20.85
N ARG E 174 13.33 -25.67 21.98
CA ARG E 174 14.01 -26.92 22.24
C ARG E 174 13.00 -28.06 22.32
N CYS E 175 13.33 -29.14 21.63
CA CYS E 175 12.54 -30.38 21.65
C CYS E 175 13.50 -31.58 21.52
N GLU E 176 12.91 -32.75 21.35
CA GLU E 176 13.68 -33.96 21.06
C GLU E 176 13.14 -34.65 19.81
N VAL E 177 14.04 -35.01 18.91
CA VAL E 177 13.69 -35.77 17.70
C VAL E 177 14.50 -37.07 17.70
N ASP E 178 13.81 -38.20 17.83
CA ASP E 178 14.44 -39.51 18.01
C ASP E 178 15.55 -39.51 19.07
N GLY E 179 15.21 -39.03 20.26
CA GLY E 179 16.13 -39.01 21.40
C GLY E 179 17.30 -38.04 21.30
N LYS E 180 17.32 -37.22 20.25
CA LYS E 180 18.42 -36.25 20.01
C LYS E 180 17.94 -34.80 20.17
N THR E 181 18.81 -33.94 20.72
CA THR E 181 18.47 -32.54 20.99
C THR E 181 18.16 -31.80 19.68
N ALA E 182 17.00 -31.12 19.65
CA ALA E 182 16.58 -30.36 18.48
C ALA E 182 15.98 -29.01 18.87
N TYR E 183 15.95 -28.08 17.92
CA TYR E 183 15.17 -26.84 18.09
C TYR E 183 14.33 -26.58 16.83
N ARG E 184 13.08 -26.15 17.03
CA ARG E 184 12.23 -25.73 15.93
C ARG E 184 12.29 -24.21 15.79
N PHE E 185 12.49 -23.74 14.56
CA PHE E 185 12.48 -22.32 14.31
C PHE E 185 11.62 -22.04 13.08
N ASP E 186 10.34 -21.72 13.30
CA ASP E 186 9.45 -21.38 12.20
C ASP E 186 9.59 -19.91 11.87
N ILE E 187 9.42 -19.57 10.59
CA ILE E 187 9.49 -18.18 10.15
C ILE E 187 8.16 -17.81 9.58
N ARG E 188 7.62 -16.65 9.99
CA ARG E 188 6.36 -16.13 9.44
C ARG E 188 6.75 -14.86 8.71
N ILE E 189 6.62 -14.88 7.40
CA ILE E 189 7.14 -13.76 6.62
C ILE E 189 6.28 -12.53 6.82
N GLN E 190 4.98 -12.73 7.05
CA GLN E 190 4.03 -11.64 7.04
C GLN E 190 2.85 -11.89 7.97
N GLY E 191 2.44 -10.88 8.72
CA GLY E 191 1.17 -10.90 9.44
C GLY E 191 1.32 -11.28 10.89
N GLU E 192 0.33 -11.99 11.43
CA GLU E 192 0.36 -12.40 12.84
CA GLU E 192 0.37 -12.39 12.84
C GLU E 192 1.63 -13.18 13.14
N GLY E 193 2.36 -12.76 14.18
CA GLY E 193 3.61 -13.41 14.58
C GLY E 193 4.77 -13.25 13.60
N GLU E 194 4.69 -12.21 12.78
CA GLU E 194 5.72 -11.93 11.75
C GLU E 194 7.11 -11.93 12.37
N THR E 195 8.00 -12.71 11.78
CA THR E 195 9.39 -12.81 12.25
C THR E 195 10.13 -11.50 12.04
N VAL E 196 10.93 -11.10 13.04
CA VAL E 196 11.78 -9.90 12.87
C VAL E 196 12.80 -10.15 11.76
N PHE E 197 12.90 -9.21 10.84
CA PHE E 197 13.94 -9.25 9.80
C PHE E 197 14.85 -8.04 9.98
N PHE E 198 16.15 -8.24 9.74
CA PHE E 198 17.15 -7.20 9.98
C PHE E 198 17.66 -6.51 8.71
N ASP E 199 18.10 -5.27 8.89
CA ASP E 199 18.90 -4.58 7.88
C ASP E 199 20.23 -4.25 8.52
N PHE E 200 21.31 -4.51 7.79
CA PHE E 200 22.64 -4.15 8.26
C PHE E 200 23.55 -4.00 7.05
N PRO F 1 40.51 -18.30 12.33
CA PRO F 1 39.11 -17.86 12.22
C PRO F 1 38.99 -16.43 11.66
N ALA F 2 37.77 -16.08 11.23
CA ALA F 2 37.52 -14.77 10.63
C ALA F 2 37.51 -13.67 11.70
N GLN F 3 37.84 -12.45 11.30
CA GLN F 3 37.78 -11.33 12.24
CA GLN F 3 37.89 -11.29 12.20
C GLN F 3 37.04 -10.12 11.69
N ASP F 4 36.54 -9.30 12.62
CA ASP F 4 35.84 -8.06 12.31
C ASP F 4 36.85 -6.95 12.06
N ASN F 5 37.13 -6.69 10.79
CA ASN F 5 38.09 -5.66 10.44
C ASN F 5 37.53 -4.66 9.42
N SER F 6 36.32 -4.91 8.92
CA SER F 6 35.77 -4.03 7.90
C SER F 6 34.30 -3.71 8.10
N ARG F 7 33.86 -2.68 7.40
CA ARG F 7 32.48 -2.24 7.41
C ARG F 7 32.02 -2.17 5.95
N PHE F 8 30.73 -2.41 5.73
CA PHE F 8 30.19 -2.45 4.39
C PHE F 8 29.18 -1.35 4.21
N VAL F 9 29.29 -0.60 3.11
CA VAL F 9 28.41 0.53 2.84
C VAL F 9 26.97 0.04 2.93
N ILE F 10 26.12 0.83 3.58
CA ILE F 10 24.71 0.45 3.80
C ILE F 10 23.99 0.30 2.44
N ARG F 11 23.16 -0.73 2.33
CA ARG F 11 22.36 -0.91 1.10
C ARG F 11 21.36 0.20 0.85
N ASP F 12 21.19 0.55 -0.43
CA ASP F 12 20.13 1.46 -0.82
C ASP F 12 18.93 0.60 -1.19
N ARG F 13 17.97 0.55 -0.26
CA ARG F 13 16.81 -0.32 -0.47
C ARG F 13 15.72 0.33 -1.31
N ASN F 14 16.02 1.50 -1.87
CA ASN F 14 15.21 2.04 -2.97
C ASN F 14 15.85 1.82 -4.33
N TRP F 15 17.08 1.32 -4.31
CA TRP F 15 17.79 0.91 -5.53
C TRP F 15 17.50 -0.55 -5.83
N HIS F 16 17.72 -1.41 -4.84
CA HIS F 16 17.17 -2.76 -4.88
C HIS F 16 15.64 -2.70 -5.02
N PRO F 17 15.03 -3.79 -5.48
CA PRO F 17 13.57 -3.86 -5.50
C PRO F 17 13.06 -3.85 -4.04
N LYS F 18 11.94 -3.17 -3.81
CA LYS F 18 11.24 -3.29 -2.53
C LYS F 18 10.65 -4.71 -2.36
N ALA F 19 10.22 -5.03 -1.14
CA ALA F 19 9.64 -6.36 -0.90
C ALA F 19 8.26 -6.49 -1.54
N LEU F 20 7.42 -5.48 -1.32
CA LEU F 20 6.05 -5.54 -1.86
C LEU F 20 5.95 -4.86 -3.22
N THR F 21 5.77 -5.69 -4.25
CA THR F 21 5.74 -5.20 -5.64
C THR F 21 4.59 -5.95 -6.30
N PRO F 22 3.34 -5.48 -6.07
CA PRO F 22 2.15 -6.34 -6.30
C PRO F 22 1.94 -6.88 -7.72
N ASP F 23 2.51 -6.23 -8.75
CA ASP F 23 2.39 -6.77 -10.11
C ASP F 23 3.09 -8.12 -10.26
N TYR F 24 4.12 -8.33 -9.42
CA TYR F 24 4.73 -9.63 -9.24
C TYR F 24 3.91 -10.28 -8.13
N LYS F 25 2.92 -11.08 -8.52
CA LYS F 25 1.82 -11.45 -7.61
C LYS F 25 2.28 -12.19 -6.35
N THR F 26 3.26 -13.08 -6.48
CA THR F 26 3.71 -13.89 -5.33
CA THR F 26 3.66 -13.87 -5.31
C THR F 26 4.38 -13.02 -4.25
N SER F 27 4.85 -11.84 -4.64
CA SER F 27 5.40 -10.92 -3.63
C SER F 27 4.36 -10.41 -2.61
N ILE F 28 3.09 -10.43 -2.97
CA ILE F 28 2.05 -9.87 -2.09
C ILE F 28 2.03 -10.56 -0.73
N ALA F 29 2.01 -11.90 -0.72
CA ALA F 29 1.94 -12.66 0.53
C ALA F 29 3.32 -13.00 1.11
N ARG F 30 4.39 -12.66 0.39
CA ARG F 30 5.73 -13.09 0.82
C ARG F 30 6.64 -11.89 1.12
N SER F 31 6.01 -10.76 1.45
CA SER F 31 6.73 -9.54 1.83
C SER F 31 6.37 -9.16 3.26
N PRO F 32 7.38 -8.80 4.07
CA PRO F 32 7.03 -8.45 5.47
C PRO F 32 6.21 -7.17 5.50
N ARG F 33 5.35 -7.01 6.49
CA ARG F 33 4.59 -5.77 6.61
C ARG F 33 5.19 -4.86 7.67
N GLN F 34 6.00 -5.41 8.57
CA GLN F 34 6.74 -4.60 9.55
CA GLN F 34 6.70 -4.56 9.53
C GLN F 34 8.04 -4.12 8.95
N ALA F 35 8.52 -2.97 9.40
CA ALA F 35 9.82 -2.47 8.96
C ALA F 35 10.92 -3.42 9.40
N LEU F 36 11.93 -3.54 8.55
CA LEU F 36 13.20 -4.17 8.93
C LEU F 36 13.76 -3.46 10.16
N VAL F 37 14.41 -4.21 11.01
CA VAL F 37 15.08 -3.64 12.17
C VAL F 37 16.58 -3.44 11.85
N SER F 38 17.05 -2.20 11.87
CA SER F 38 18.46 -1.89 11.56
C SER F 38 19.33 -2.30 12.74
N ILE F 39 20.40 -3.01 12.45
CA ILE F 39 21.36 -3.34 13.52
C ILE F 39 22.78 -2.95 13.11
N PRO F 40 23.67 -2.71 14.10
CA PRO F 40 25.02 -2.30 13.70
C PRO F 40 25.79 -3.51 13.20
N GLN F 41 26.79 -3.28 12.37
CA GLN F 41 27.58 -4.39 11.88
C GLN F 41 28.43 -4.94 13.02
N SER F 42 28.44 -6.27 13.16
CA SER F 42 29.36 -6.96 14.06
C SER F 42 30.07 -8.04 13.27
N ILE F 43 30.91 -8.81 13.97
CA ILE F 43 31.63 -9.90 13.32
C ILE F 43 30.65 -10.91 12.70
N SER F 44 29.44 -11.01 13.24
CA SER F 44 28.44 -11.89 12.64
C SER F 44 28.07 -11.52 11.20
N GLU F 45 28.02 -10.22 10.92
CA GLU F 45 27.57 -9.72 9.62
C GLU F 45 28.73 -9.42 8.68
N THR F 46 29.90 -9.12 9.22
CA THR F 46 31.02 -8.64 8.40
C THR F 46 32.01 -9.71 8.00
N THR F 47 31.69 -10.96 8.33
CA THR F 47 32.48 -12.12 7.93
C THR F 47 31.60 -13.04 7.10
N GLY F 48 32.22 -14.03 6.48
CA GLY F 48 31.50 -14.94 5.61
C GLY F 48 32.44 -16.00 5.07
N PRO F 49 31.86 -17.04 4.46
CA PRO F 49 32.63 -18.15 3.96
C PRO F 49 33.52 -17.74 2.79
N ASN F 50 34.73 -18.30 2.80
CA ASN F 50 35.60 -18.26 1.66
C ASN F 50 35.65 -19.66 1.06
N PHE F 51 35.47 -19.77 -0.26
CA PHE F 51 35.32 -21.06 -0.90
C PHE F 51 36.55 -21.48 -1.71
N SER F 52 37.71 -20.91 -1.37
CA SER F 52 38.98 -21.25 -2.06
C SER F 52 39.26 -22.75 -2.13
N HIS F 53 38.84 -23.49 -1.11
CA HIS F 53 39.16 -24.92 -1.04
C HIS F 53 37.97 -25.82 -1.28
N LEU F 54 36.90 -25.25 -1.82
CA LEU F 54 35.83 -26.09 -2.37
C LEU F 54 36.41 -26.71 -3.64
N GLY F 55 36.12 -27.98 -3.86
CA GLY F 55 36.72 -28.69 -4.98
C GLY F 55 35.78 -28.57 -6.17
N PHE F 56 36.23 -27.88 -7.20
CA PHE F 56 35.44 -27.72 -8.42
C PHE F 56 35.81 -28.78 -9.45
N GLY F 57 34.81 -29.40 -10.08
CA GLY F 57 35.04 -30.28 -11.22
C GLY F 57 35.51 -29.56 -12.46
N ALA F 58 36.12 -30.31 -13.38
CA ALA F 58 36.74 -29.73 -14.59
C ALA F 58 35.79 -28.86 -15.40
N HIS F 59 34.53 -29.27 -15.46
CA HIS F 59 33.53 -28.59 -16.29
C HIS F 59 32.49 -27.82 -15.47
N ASP F 60 32.80 -27.43 -14.25
CA ASP F 60 31.74 -26.83 -13.43
C ASP F 60 31.25 -25.49 -13.99
N HIS F 61 32.10 -24.84 -14.78
CA HIS F 61 31.78 -23.53 -15.37
C HIS F 61 31.37 -23.65 -16.83
N ASP F 62 31.24 -24.88 -17.32
CA ASP F 62 31.01 -25.12 -18.74
C ASP F 62 29.75 -25.96 -18.98
N LEU F 63 28.64 -25.25 -19.19
CA LEU F 63 27.34 -25.89 -19.35
C LEU F 63 27.18 -26.59 -20.69
N LEU F 64 28.13 -26.39 -21.61
CA LEU F 64 28.08 -27.17 -22.87
C LEU F 64 28.60 -28.60 -22.67
N LEU F 65 29.32 -28.81 -21.58
CA LEU F 65 29.98 -30.08 -21.32
C LEU F 65 29.65 -30.71 -19.97
N ASN F 66 29.04 -29.95 -19.07
CA ASN F 66 28.80 -30.51 -17.73
C ASN F 66 27.53 -31.34 -17.58
N PHE F 67 26.76 -31.51 -18.66
CA PHE F 67 25.60 -32.42 -18.68
C PHE F 67 25.61 -33.25 -19.95
N ASN F 68 26.73 -33.90 -20.19
CA ASN F 68 26.99 -34.54 -21.47
C ASN F 68 26.32 -35.90 -21.47
N ASN F 69 25.33 -36.06 -22.34
CA ASN F 69 24.67 -37.35 -22.50
C ASN F 69 24.74 -37.82 -23.95
N GLY F 70 25.90 -37.60 -24.55
CA GLY F 70 26.17 -38.09 -25.90
C GLY F 70 26.22 -37.02 -26.99
N GLY F 71 26.00 -35.76 -26.63
CA GLY F 71 26.09 -34.67 -27.59
C GLY F 71 26.17 -33.29 -26.96
N LEU F 72 26.20 -32.29 -27.81
CA LEU F 72 26.19 -30.92 -27.38
C LEU F 72 24.75 -30.44 -27.23
N PRO F 73 24.53 -29.48 -26.31
CA PRO F 73 23.17 -28.95 -26.25
C PRO F 73 22.85 -28.08 -27.47
N ILE F 74 21.57 -27.98 -27.78
CA ILE F 74 21.07 -27.17 -28.87
C ILE F 74 20.87 -25.74 -28.40
N GLY F 75 21.21 -24.76 -29.23
CA GLY F 75 20.97 -23.38 -28.87
C GLY F 75 22.19 -22.50 -29.08
N GLU F 76 22.02 -21.23 -28.74
CA GLU F 76 23.03 -20.20 -29.05
C GLU F 76 24.22 -20.31 -28.11
N ARG F 77 25.38 -20.71 -28.64
CA ARG F 77 26.57 -20.87 -27.82
C ARG F 77 27.09 -19.52 -27.40
N ILE F 78 27.25 -19.32 -26.10
CA ILE F 78 27.78 -18.06 -25.58
C ILE F 78 28.73 -18.23 -24.40
N ILE F 79 29.66 -17.31 -24.29
CA ILE F 79 30.41 -17.11 -23.06
C ILE F 79 29.74 -15.98 -22.28
N VAL F 80 29.58 -16.19 -20.98
CA VAL F 80 29.13 -15.14 -20.09
C VAL F 80 30.29 -14.82 -19.15
N ALA F 81 30.81 -13.62 -19.21
CA ALA F 81 32.02 -13.25 -18.47
C ALA F 81 31.89 -11.86 -17.85
N GLY F 82 32.68 -11.57 -16.83
CA GLY F 82 32.61 -10.24 -16.26
C GLY F 82 33.53 -10.15 -15.06
N ARG F 83 33.45 -9.03 -14.36
CA ARG F 83 34.29 -8.80 -13.21
C ARG F 83 33.39 -8.56 -12.01
N VAL F 84 33.82 -9.02 -10.84
CA VAL F 84 33.15 -8.67 -9.58
C VAL F 84 34.00 -7.64 -8.87
N VAL F 85 33.40 -6.49 -8.59
CA VAL F 85 34.08 -5.43 -7.87
C VAL F 85 33.17 -4.98 -6.73
N ASP F 86 33.71 -4.20 -5.80
CA ASP F 86 32.87 -3.53 -4.81
C ASP F 86 32.57 -2.09 -5.22
N GLN F 87 31.81 -1.36 -4.40
CA GLN F 87 31.35 -0.04 -4.81
C GLN F 87 32.47 0.98 -4.92
N TYR F 88 33.61 0.69 -4.28
CA TYR F 88 34.80 1.57 -4.36
C TYR F 88 35.62 1.25 -5.60
N GLY F 89 35.16 0.26 -6.36
CA GLY F 89 35.83 -0.21 -7.56
C GLY F 89 36.90 -1.23 -7.30
N LYS F 90 36.98 -1.75 -6.07
CA LYS F 90 38.01 -2.77 -5.77
C LYS F 90 37.57 -4.15 -6.26
N PRO F 91 38.48 -4.88 -6.95
CA PRO F 91 38.12 -6.25 -7.35
C PRO F 91 37.86 -7.18 -6.20
N VAL F 92 37.00 -8.17 -6.45
CA VAL F 92 36.62 -9.16 -5.44
C VAL F 92 37.15 -10.52 -5.88
N PRO F 93 38.39 -10.84 -5.48
CA PRO F 93 39.00 -12.07 -5.98
C PRO F 93 38.57 -13.29 -5.17
N ASN F 94 38.70 -14.47 -5.78
CA ASN F 94 38.49 -15.75 -5.07
C ASN F 94 37.10 -15.84 -4.43
N THR F 95 36.11 -15.26 -5.11
CA THR F 95 34.74 -15.28 -4.62
C THR F 95 33.86 -16.26 -5.43
N LEU F 96 32.84 -16.82 -4.78
CA LEU F 96 32.04 -17.84 -5.43
C LEU F 96 30.90 -17.22 -6.26
N VAL F 97 30.85 -17.59 -7.54
CA VAL F 97 29.81 -17.15 -8.45
C VAL F 97 29.10 -18.39 -8.96
N GLU F 98 27.78 -18.43 -8.72
CA GLU F 98 26.99 -19.56 -9.12
C GLU F 98 25.91 -19.05 -10.06
N MET F 99 25.50 -19.88 -11.03
CA MET F 99 24.51 -19.47 -12.00
C MET F 99 23.67 -20.67 -12.43
N TRP F 100 22.42 -20.40 -12.79
CA TRP F 100 21.54 -21.43 -13.28
C TRP F 100 20.49 -20.84 -14.21
N GLN F 101 19.91 -21.67 -15.05
CA GLN F 101 19.06 -21.15 -16.13
C GLN F 101 18.24 -22.23 -16.75
N ALA F 102 17.25 -21.82 -17.52
CA ALA F 102 16.51 -22.73 -18.39
C ALA F 102 17.34 -23.03 -19.64
N ASN F 103 16.84 -23.96 -20.44
CA ASN F 103 17.49 -24.30 -21.72
C ASN F 103 17.10 -23.33 -22.81
N ALA F 104 17.46 -23.66 -24.07
CA ALA F 104 17.23 -22.77 -25.19
C ALA F 104 15.76 -22.44 -25.44
N GLY F 105 14.87 -23.33 -24.98
CA GLY F 105 13.44 -23.19 -25.16
C GLY F 105 12.69 -22.66 -23.96
N GLY F 106 13.42 -22.24 -22.93
CA GLY F 106 12.78 -21.72 -21.71
C GLY F 106 12.30 -22.79 -20.74
N ARG F 107 12.75 -24.03 -20.93
CA ARG F 107 12.38 -25.14 -20.04
C ARG F 107 13.48 -25.39 -19.02
N TYR F 108 13.09 -25.44 -17.74
CA TYR F 108 14.02 -25.69 -16.65
C TYR F 108 14.08 -27.16 -16.32
N ARG F 109 15.27 -27.65 -15.97
CA ARG F 109 15.43 -29.03 -15.55
C ARG F 109 15.15 -29.09 -14.05
N HIS F 110 13.87 -29.04 -13.74
CA HIS F 110 13.39 -29.04 -12.37
C HIS F 110 12.05 -29.75 -12.40
N LYS F 111 11.84 -30.66 -11.45
CA LYS F 111 10.61 -31.45 -11.40
C LYS F 111 9.34 -30.61 -11.40
N ASN F 112 9.42 -29.36 -10.91
CA ASN F 112 8.24 -28.50 -10.81
C ASN F 112 7.93 -27.69 -12.08
N ASP F 113 8.83 -27.71 -13.07
CA ASP F 113 8.56 -27.01 -14.34
C ASP F 113 7.84 -27.91 -15.34
N ARG F 114 6.59 -27.59 -15.66
CA ARG F 114 5.81 -28.39 -16.59
CA ARG F 114 5.79 -28.38 -16.58
C ARG F 114 5.53 -27.68 -17.92
N TYR F 115 6.28 -26.62 -18.20
CA TYR F 115 6.12 -25.91 -19.46
C TYR F 115 6.33 -26.92 -20.60
N LEU F 116 5.55 -26.78 -21.64
CA LEU F 116 5.49 -27.79 -22.68
C LEU F 116 6.71 -27.87 -23.60
N ALA F 117 7.57 -26.86 -23.57
CA ALA F 117 8.80 -26.88 -24.36
C ALA F 117 9.72 -27.98 -23.83
N PRO F 118 10.33 -28.76 -24.74
CA PRO F 118 11.06 -29.93 -24.27
C PRO F 118 12.35 -29.62 -23.51
N LEU F 119 12.74 -30.56 -22.65
CA LEU F 119 14.07 -30.59 -22.12
C LEU F 119 15.08 -30.94 -23.24
N ASP F 120 16.32 -30.54 -23.02
CA ASP F 120 17.43 -30.84 -23.92
C ASP F 120 18.29 -31.90 -23.19
N PRO F 121 18.43 -33.11 -23.79
CA PRO F 121 19.11 -34.19 -23.09
C PRO F 121 20.56 -33.92 -22.74
N ASN F 122 21.18 -32.93 -23.40
CA ASN F 122 22.57 -32.57 -23.11
C ASN F 122 22.70 -31.21 -22.42
N PHE F 123 21.60 -30.74 -21.82
CA PHE F 123 21.66 -29.50 -21.04
C PHE F 123 21.11 -29.65 -19.63
N GLY F 124 21.93 -29.28 -18.65
CA GLY F 124 21.55 -29.28 -17.24
C GLY F 124 21.10 -27.92 -16.73
N GLY F 125 21.93 -26.90 -16.87
CA GLY F 125 21.50 -25.54 -16.51
C GLY F 125 22.17 -24.95 -15.29
N VAL F 126 23.22 -25.59 -14.76
CA VAL F 126 23.93 -25.05 -13.59
C VAL F 126 25.44 -24.94 -13.79
N GLY F 127 25.99 -23.79 -13.38
CA GLY F 127 27.42 -23.57 -13.36
C GLY F 127 27.89 -22.95 -12.05
N ARG F 128 29.18 -23.09 -11.77
CA ARG F 128 29.83 -22.37 -10.67
C ARG F 128 31.29 -22.15 -11.00
N CYS F 129 31.87 -21.12 -10.39
CA CYS F 129 33.25 -20.69 -10.68
CA CYS F 129 33.30 -20.86 -10.54
C CYS F 129 33.73 -19.85 -9.48
N LEU F 130 35.04 -19.72 -9.31
CA LEU F 130 35.56 -18.74 -8.35
C LEU F 130 36.14 -17.64 -9.20
N THR F 131 35.92 -16.38 -8.83
CA THR F 131 36.61 -15.30 -9.52
C THR F 131 38.13 -15.47 -9.37
N ASP F 132 38.87 -15.04 -10.39
CA ASP F 132 40.32 -15.13 -10.32
C ASP F 132 40.92 -14.04 -9.44
N SER F 133 42.25 -13.99 -9.35
CA SER F 133 42.89 -12.99 -8.50
C SER F 133 42.60 -11.53 -8.89
N ASP F 134 42.03 -11.30 -10.09
CA ASP F 134 41.71 -9.93 -10.51
C ASP F 134 40.21 -9.67 -10.51
N GLY F 135 39.44 -10.63 -10.01
CA GLY F 135 37.98 -10.49 -9.87
C GLY F 135 37.17 -10.98 -11.05
N TYR F 136 37.83 -11.58 -12.06
CA TYR F 136 37.11 -12.03 -13.26
C TYR F 136 36.54 -13.46 -13.16
N TYR F 137 35.37 -13.67 -13.75
CA TYR F 137 34.78 -15.01 -13.88
C TYR F 137 34.42 -15.22 -15.35
N SER F 138 34.17 -16.48 -15.71
CA SER F 138 33.55 -16.77 -17.00
C SER F 138 32.91 -18.15 -17.04
N PHE F 139 31.77 -18.21 -17.75
CA PHE F 139 31.02 -19.43 -17.98
C PHE F 139 30.82 -19.63 -19.47
N ARG F 140 30.66 -20.87 -19.91
CA ARG F 140 30.22 -21.11 -21.27
C ARG F 140 28.88 -21.84 -21.19
N THR F 141 27.91 -21.40 -22.00
CA THR F 141 26.57 -21.92 -21.90
C THR F 141 25.79 -21.72 -23.19
N ILE F 142 24.49 -22.00 -23.14
CA ILE F 142 23.63 -21.61 -24.23
CA ILE F 142 23.50 -21.76 -24.19
C ILE F 142 22.65 -20.55 -23.76
N LYS F 143 22.35 -19.62 -24.66
CA LYS F 143 21.43 -18.54 -24.29
C LYS F 143 20.07 -19.13 -23.94
N PRO F 144 19.55 -18.87 -22.71
CA PRO F 144 18.25 -19.37 -22.30
C PRO F 144 17.11 -18.69 -23.09
N GLY F 145 16.04 -19.44 -23.33
CA GLY F 145 14.86 -18.89 -23.97
C GLY F 145 13.93 -18.24 -22.94
N PRO F 146 13.08 -17.32 -23.40
CA PRO F 146 12.03 -16.76 -22.53
C PRO F 146 11.13 -17.88 -22.04
N HIS F 147 10.41 -17.61 -20.96
CA HIS F 147 9.64 -18.63 -20.23
CA HIS F 147 9.49 -18.61 -20.51
C HIS F 147 8.26 -18.02 -19.86
N PRO F 148 7.13 -18.66 -20.20
CA PRO F 148 5.89 -18.07 -19.75
C PRO F 148 5.71 -18.46 -18.29
N TRP F 149 4.90 -17.70 -17.57
CA TRP F 149 4.65 -18.04 -16.18
C TRP F 149 3.29 -17.52 -15.76
N ARG F 150 2.71 -18.17 -14.76
CA ARG F 150 1.37 -17.83 -14.31
C ARG F 150 1.36 -16.63 -13.36
N ASN F 151 1.53 -15.46 -13.92
CA ASN F 151 1.43 -14.25 -13.14
C ASN F 151 0.17 -13.58 -13.66
N GLY F 152 0.32 -12.59 -14.55
CA GLY F 152 -0.80 -12.16 -15.38
C GLY F 152 -1.14 -13.21 -16.44
N PRO F 153 -2.22 -13.00 -17.23
CA PRO F 153 -2.64 -14.04 -18.17
C PRO F 153 -1.71 -14.25 -19.39
N ASN F 154 -0.84 -13.31 -19.71
CA ASN F 154 0.11 -13.52 -20.80
C ASN F 154 1.48 -12.96 -20.44
N ASP F 155 2.06 -13.46 -19.35
CA ASP F 155 3.35 -12.95 -18.86
C ASP F 155 4.47 -13.88 -19.26
N TRP F 156 5.58 -13.29 -19.68
CA TRP F 156 6.74 -14.04 -20.19
C TRP F 156 8.00 -13.43 -19.61
N ARG F 157 8.83 -14.24 -18.97
CA ARG F 157 10.14 -13.73 -18.50
C ARG F 157 10.99 -13.49 -19.75
N PRO F 158 11.77 -12.38 -19.75
CA PRO F 158 12.83 -12.25 -20.76
C PRO F 158 13.82 -13.38 -20.56
N ALA F 159 14.66 -13.66 -21.56
CA ALA F 159 15.74 -14.60 -21.38
C ALA F 159 16.54 -14.16 -20.15
N HIS F 160 16.83 -15.09 -19.24
CA HIS F 160 17.58 -14.69 -18.05
C HIS F 160 18.41 -15.83 -17.46
N ILE F 161 19.47 -15.46 -16.76
CA ILE F 161 20.32 -16.43 -16.04
C ILE F 161 20.37 -15.94 -14.60
N TYR F 162 20.12 -16.84 -13.65
CA TYR F 162 20.25 -16.47 -12.22
C TYR F 162 21.69 -16.48 -11.82
N PHE F 163 22.09 -15.50 -11.00
CA PHE F 163 23.44 -15.41 -10.44
C PHE F 163 23.38 -15.34 -8.92
N GLY F 164 24.26 -16.10 -8.27
CA GLY F 164 24.49 -15.92 -6.84
C GLY F 164 25.95 -15.63 -6.61
N ILE F 165 26.25 -14.63 -5.80
CA ILE F 165 27.63 -14.22 -5.52
C ILE F 165 27.81 -14.10 -4.03
N SER F 166 28.84 -14.77 -3.47
CA SER F 166 29.09 -14.70 -2.02
C SER F 166 29.70 -13.38 -1.58
N GLY F 167 30.81 -13.01 -2.22
CA GLY F 167 31.55 -11.83 -1.76
C GLY F 167 32.24 -12.09 -0.42
N PRO F 168 32.85 -11.04 0.16
CA PRO F 168 33.65 -11.22 1.39
C PRO F 168 32.87 -11.48 2.70
N SER F 169 31.55 -11.25 2.71
CA SER F 169 30.78 -11.46 3.96
C SER F 169 29.33 -11.80 3.69
N ILE F 170 28.61 -12.27 4.71
CA ILE F 170 27.20 -12.53 4.50
C ILE F 170 26.45 -11.22 4.19
N ALA F 171 27.04 -10.08 4.57
CA ALA F 171 26.47 -8.77 4.26
C ALA F 171 26.55 -8.43 2.77
N THR F 172 27.50 -9.04 2.05
CA THR F 172 27.65 -8.75 0.59
C THR F 172 26.93 -9.75 -0.31
N LYS F 173 26.57 -10.91 0.24
CA LYS F 173 25.94 -11.99 -0.53
C LYS F 173 24.68 -11.49 -1.28
N LEU F 174 24.57 -11.90 -2.53
CA LEU F 174 23.53 -11.38 -3.44
C LEU F 174 23.05 -12.47 -4.38
N ILE F 175 21.74 -12.53 -4.62
CA ILE F 175 21.22 -13.28 -5.77
C ILE F 175 20.56 -12.25 -6.68
N THR F 176 20.84 -12.37 -7.98
CA THR F 176 20.21 -11.47 -8.96
C THR F 176 19.88 -12.23 -10.26
N GLN F 177 19.35 -11.52 -11.26
CA GLN F 177 19.14 -12.16 -12.55
C GLN F 177 19.78 -11.30 -13.63
N LEU F 178 20.50 -11.96 -14.53
CA LEU F 178 21.07 -11.33 -15.72
C LEU F 178 20.07 -11.38 -16.87
N TYR F 179 19.91 -10.26 -17.57
CA TYR F 179 19.12 -10.18 -18.80
C TYR F 179 20.04 -9.83 -19.96
N PHE F 180 19.51 -9.90 -21.18
CA PHE F 180 20.34 -9.75 -22.39
C PHE F 180 20.01 -8.53 -23.20
N GLU F 181 21.07 -7.86 -23.64
CA GLU F 181 20.96 -6.61 -24.38
C GLU F 181 19.87 -6.68 -25.48
N GLY F 182 18.96 -5.71 -25.44
CA GLY F 182 17.95 -5.53 -26.47
C GLY F 182 16.67 -6.34 -26.33
N ASP F 183 16.63 -7.28 -25.39
CA ASP F 183 15.46 -8.18 -25.28
C ASP F 183 14.19 -7.34 -25.07
N PRO F 184 13.24 -7.39 -26.05
CA PRO F 184 12.06 -6.57 -25.95
C PRO F 184 11.11 -6.96 -24.80
N LEU F 185 11.35 -8.12 -24.19
CA LEU F 185 10.54 -8.53 -23.03
C LEU F 185 10.93 -7.83 -21.73
N ILE F 186 12.11 -7.23 -21.68
CA ILE F 186 12.63 -6.65 -20.43
C ILE F 186 11.70 -5.53 -19.86
N PRO F 187 11.25 -4.58 -20.71
CA PRO F 187 10.40 -3.47 -20.23
C PRO F 187 9.03 -3.93 -19.72
N MET F 188 8.62 -5.13 -20.11
CA MET F 188 7.28 -5.65 -19.86
C MET F 188 7.21 -6.55 -18.61
N CYS F 189 8.37 -6.93 -18.06
CA CYS F 189 8.38 -7.98 -17.03
C CYS F 189 8.15 -7.42 -15.64
N PRO F 190 7.12 -7.92 -14.92
CA PRO F 190 6.85 -7.48 -13.53
C PRO F 190 7.96 -7.83 -12.53
N ILE F 191 8.79 -8.84 -12.82
CA ILE F 191 9.96 -9.14 -11.96
C ILE F 191 11.08 -8.12 -12.22
N VAL F 192 11.40 -7.85 -13.50
CA VAL F 192 12.31 -6.74 -13.78
C VAL F 192 11.82 -5.47 -13.08
N LYS F 193 10.54 -5.18 -13.26
CA LYS F 193 9.97 -3.91 -12.80
C LYS F 193 9.73 -3.86 -11.29
N SER F 194 10.08 -4.93 -10.57
CA SER F 194 10.17 -4.85 -9.12
C SER F 194 11.24 -3.82 -8.72
N ILE F 195 12.18 -3.60 -9.64
CA ILE F 195 13.16 -2.55 -9.49
C ILE F 195 12.55 -1.23 -10.00
N ALA F 196 12.39 -0.26 -9.10
CA ALA F 196 11.68 0.98 -9.43
C ALA F 196 12.48 1.92 -10.29
N ASN F 197 13.79 1.94 -10.09
CA ASN F 197 14.67 2.87 -10.79
C ASN F 197 15.15 2.30 -12.13
N PRO F 198 14.81 2.95 -13.26
CA PRO F 198 15.26 2.38 -14.56
C PRO F 198 16.76 2.27 -14.72
N GLU F 199 17.53 3.14 -14.06
CA GLU F 199 18.98 3.02 -14.10
C GLU F 199 19.49 1.77 -13.40
N ALA F 200 18.79 1.33 -12.35
CA ALA F 200 19.13 0.06 -11.71
C ALA F 200 18.82 -1.13 -12.60
N VAL F 201 17.72 -1.08 -13.33
CA VAL F 201 17.42 -2.17 -14.28
C VAL F 201 18.56 -2.31 -15.28
N GLN F 202 19.08 -1.18 -15.77
CA GLN F 202 20.18 -1.22 -16.75
C GLN F 202 21.38 -1.99 -16.25
N GLN F 203 21.60 -1.96 -14.93
CA GLN F 203 22.73 -2.66 -14.34
CA GLN F 203 22.72 -2.68 -14.30
C GLN F 203 22.63 -4.19 -14.46
N LEU F 204 21.44 -4.71 -14.75
CA LEU F 204 21.27 -6.15 -14.89
C LEU F 204 21.28 -6.63 -16.33
N ILE F 205 21.53 -5.71 -17.26
CA ILE F 205 21.44 -6.09 -18.67
C ILE F 205 22.89 -6.34 -19.18
N ALA F 206 23.18 -7.59 -19.49
CA ALA F 206 24.49 -8.01 -20.03
C ALA F 206 24.63 -7.49 -21.46
N LYS F 207 25.81 -6.99 -21.80
CA LYS F 207 26.03 -6.40 -23.12
C LYS F 207 26.70 -7.40 -24.04
N LEU F 208 26.28 -7.42 -25.30
CA LEU F 208 26.98 -8.22 -26.31
C LEU F 208 28.44 -7.80 -26.35
N ASP F 209 29.35 -8.78 -26.38
CA ASP F 209 30.79 -8.50 -26.19
C ASP F 209 31.54 -9.19 -27.34
N MET F 210 31.55 -8.56 -28.51
CA MET F 210 32.12 -9.22 -29.70
C MET F 210 33.61 -9.49 -29.48
N ASN F 211 34.24 -8.64 -28.68
CA ASN F 211 35.68 -8.69 -28.40
CA ASN F 211 35.68 -8.77 -28.46
C ASN F 211 36.08 -10.01 -27.71
N ASN F 212 35.13 -10.59 -26.98
CA ASN F 212 35.39 -11.80 -26.21
C ASN F 212 34.87 -13.06 -26.88
N ALA F 213 34.31 -12.93 -28.08
CA ALA F 213 33.75 -14.07 -28.77
C ALA F 213 34.86 -14.95 -29.34
N ASN F 214 34.54 -16.23 -29.54
CA ASN F 214 35.38 -17.14 -30.33
C ASN F 214 34.82 -17.22 -31.73
N PRO F 215 35.52 -16.61 -32.72
CA PRO F 215 35.03 -16.67 -34.10
C PRO F 215 34.66 -18.10 -34.55
N MET F 216 33.59 -18.23 -35.33
CA MET F 216 33.13 -19.51 -35.88
C MET F 216 32.74 -20.52 -34.79
N ASP F 217 32.42 -20.01 -33.59
CA ASP F 217 32.27 -20.89 -32.45
C ASP F 217 31.19 -20.38 -31.48
N CYS F 218 31.48 -19.30 -30.77
CA CYS F 218 30.53 -18.83 -29.76
C CYS F 218 30.57 -17.33 -29.61
N LEU F 219 29.40 -16.75 -29.36
CA LEU F 219 29.35 -15.33 -29.02
C LEU F 219 29.72 -15.12 -27.54
N ALA F 220 29.64 -13.88 -27.06
CA ALA F 220 30.00 -13.57 -25.68
C ALA F 220 29.19 -12.39 -25.19
N TYR F 221 28.82 -12.45 -23.91
CA TYR F 221 28.15 -11.34 -23.21
C TYR F 221 28.97 -10.96 -21.98
N ARG F 222 28.91 -9.68 -21.58
CA ARG F 222 29.67 -9.22 -20.43
C ARG F 222 28.68 -8.77 -19.35
N PHE F 223 28.89 -9.27 -18.13
CA PHE F 223 28.04 -8.94 -16.98
C PHE F 223 28.94 -8.67 -15.79
N ASP F 224 29.14 -7.40 -15.45
CA ASP F 224 29.95 -7.02 -14.30
C ASP F 224 29.03 -6.90 -13.11
N ILE F 225 29.55 -7.28 -11.95
CA ILE F 225 28.76 -7.27 -10.71
C ILE F 225 29.42 -6.35 -9.71
N VAL F 226 28.60 -5.53 -9.03
CA VAL F 226 29.09 -4.62 -8.01
C VAL F 226 28.48 -5.01 -6.67
N LEU F 227 29.34 -5.35 -5.71
CA LEU F 227 28.93 -5.68 -4.35
C LEU F 227 29.17 -4.48 -3.45
N ARG F 228 28.63 -4.56 -2.23
CA ARG F 228 28.69 -3.42 -1.32
C ARG F 228 30.13 -3.00 -1.07
N GLY F 229 30.36 -1.69 -1.04
CA GLY F 229 31.71 -1.16 -0.77
C GLY F 229 32.22 -1.59 0.60
N GLN F 230 33.48 -1.99 0.65
CA GLN F 230 34.10 -2.47 1.90
C GLN F 230 35.17 -1.44 2.33
N ARG F 231 35.10 -0.99 3.58
CA ARG F 231 36.08 -0.04 4.08
C ARG F 231 36.62 -0.51 5.42
N LYS F 232 37.76 0.04 5.85
CA LYS F 232 38.23 -0.23 7.21
C LYS F 232 37.37 0.49 8.25
N THR F 233 37.33 -0.06 9.46
CA THR F 233 36.74 0.63 10.60
C THR F 233 37.55 1.90 10.91
N HIS F 234 36.90 2.94 11.42
CA HIS F 234 37.63 4.15 11.84
C HIS F 234 36.91 4.84 12.99
N PHE F 235 37.70 5.28 13.98
CA PHE F 235 37.18 6.04 15.13
C PHE F 235 36.05 5.32 15.89
N GLU F 236 36.10 3.99 15.97
CA GLU F 236 35.08 3.25 16.72
C GLU F 236 35.42 3.06 18.21
N ASN F 237 34.39 3.17 19.06
CA ASN F 237 34.46 3.02 20.54
C ASN F 237 35.37 4.04 21.24
N CYS F 238 35.60 5.17 20.55
CA CYS F 238 36.40 6.29 21.07
C CYS F 238 35.70 7.61 20.70
S SO4 G . -37.13 -11.98 -6.53
O1 SO4 G . -38.57 -12.10 -6.78
O2 SO4 G . -36.65 -13.23 -5.92
O3 SO4 G . -36.48 -11.73 -7.80
O4 SO4 G . -36.88 -10.90 -5.60
C1 GOL H . -18.79 -18.23 1.44
C1 GOL H . -18.36 -18.41 1.26
O1 GOL H . -19.35 -18.28 2.72
O1 GOL H . -18.42 -18.85 2.60
C2 GOL H . -19.22 -19.42 0.58
C2 GOL H . -19.32 -19.24 0.43
O2 GOL H . -19.53 -20.55 1.37
O2 GOL H . -19.11 -18.98 -0.95
C3 GOL H . -20.49 -19.00 -0.12
C3 GOL H . -20.76 -18.96 0.87
O3 GOL H . -21.34 -18.46 0.87
O3 GOL H . -21.34 -20.16 1.34
C1 GOL I . -38.25 -13.72 -19.38
O1 GOL I . -39.24 -13.29 -18.48
C2 GOL I . -37.82 -15.15 -19.03
O2 GOL I . -37.49 -15.25 -17.66
C3 GOL I . -36.66 -15.58 -19.94
O3 GOL I . -35.92 -16.63 -19.35
C1 BME J . -12.53 -27.55 -3.25
C2 BME J . -11.25 -28.16 -2.70
O1 BME J . -12.86 -28.24 -4.46
S2 BME J . -10.49 -27.11 -1.42
FE FE K . -21.90 9.84 -10.47
C CO3 L . -14.88 2.06 -41.67
O1 CO3 L . -16.05 2.07 -42.24
O2 CO3 L . -14.13 3.12 -41.72
O3 CO3 L . -14.45 0.99 -41.05
C1 DHY M . -21.84 9.73 -5.29
C1 DHY M . -22.05 9.94 -5.33
C2 DHY M . -22.66 9.45 -6.38
C2 DHY M . -22.84 9.53 -6.41
C3 DHY M . -22.16 9.53 -7.67
C3 DHY M . -22.33 9.58 -7.70
C4 DHY M . -20.74 9.93 -7.88
C4 DHY M . -20.96 10.07 -7.92
C5 DHY M . -19.96 10.21 -6.77
C5 DHY M . -20.20 10.45 -6.82
C6 DHY M . -20.52 10.11 -5.50
C6 DHY M . -20.75 10.38 -5.55
C7 DHY M . -22.42 9.62 -3.88
C7 DHY M . -22.61 9.87 -3.92
C8 DHY M . -21.62 8.71 -2.96
C8 DHY M . -23.39 11.12 -3.59
O1 DHY M . -22.14 7.68 -2.50
O1 DHY M . -22.88 11.95 -2.80
O2 DHY M . -20.46 9.04 -2.65
O2 DHY M . -24.51 11.28 -4.09
O3 DHY M . -22.93 9.25 -8.75
O3 DHY M . -23.10 9.19 -8.75
O4 DHY M . -20.25 10.03 -9.13
O4 DHY M . -20.44 10.13 -9.18
S SO4 N . -2.07 14.89 36.49
O1 SO4 N . -2.97 15.77 35.78
O2 SO4 N . -1.99 15.33 37.89
O3 SO4 N . -2.59 13.51 36.43
O4 SO4 N . -0.75 14.95 35.88
C1 GOL O . -13.82 3.13 22.21
C1 GOL O . -14.07 2.64 22.60
O1 GOL O . -14.87 2.61 23.00
O1 GOL O . -15.18 3.51 22.56
C2 GOL O . -12.58 3.17 23.08
C2 GOL O . -13.63 2.50 24.06
O2 GOL O . -12.28 1.85 23.48
O2 GOL O . -14.68 2.92 24.89
C3 GOL O . -12.92 4.04 24.28
C3 GOL O . -12.43 3.41 24.32
O3 GOL O . -12.04 3.78 25.34
O3 GOL O . -12.35 3.67 25.70
C1 BME P . 13.86 24.04 29.87
C2 BME P . 13.78 25.24 30.81
O1 BME P . 12.57 23.45 29.77
S2 BME P . 12.89 26.56 29.96
C1 BME Q . -8.94 19.37 17.04
C2 BME Q . -8.83 19.23 18.58
O1 BME Q . -9.51 18.23 16.33
S2 BME Q . -7.67 20.32 19.49
FE FE R . 14.17 15.78 15.62
S SO4 S . 1.82 44.38 4.46
O1 SO4 S . 0.67 43.50 4.73
O2 SO4 S . 2.54 44.63 5.71
O3 SO4 S . 2.71 43.74 3.49
O4 SO4 S . 1.36 45.67 3.93
C1 GOL T . 9.56 29.70 2.60
C1 GOL T . 11.01 29.93 2.54
O1 GOL T . 9.88 28.68 3.53
O1 GOL T . 10.91 28.88 3.48
C2 GOL T . 9.86 31.04 3.27
C2 GOL T . 10.30 31.15 3.13
O2 GOL T . 10.28 30.76 4.57
O2 GOL T . 9.93 30.82 4.44
C3 GOL T . 11.00 31.76 2.55
C3 GOL T . 11.22 32.38 3.14
O3 GOL T . 12.11 31.87 3.44
O3 GOL T . 10.86 33.25 2.10
C1 DHY U . 14.42 10.61 16.65
C1 DHY U . 14.53 10.57 16.78
C2 DHY U . 14.31 11.84 17.31
C2 DHY U . 14.39 11.82 17.37
C3 DHY U . 14.24 13.02 16.59
C3 DHY U . 14.26 12.96 16.59
C4 DHY U . 14.29 12.97 15.11
C4 DHY U . 14.27 12.84 15.12
C5 DHY U . 14.39 11.74 14.50
C5 DHY U . 14.41 11.57 14.56
C6 DHY U . 14.45 10.58 15.26
C6 DHY U . 14.54 10.46 15.39
C7 DHY U . 14.47 9.32 17.45
C7 DHY U . 14.65 9.35 17.71
C8 DHY U . 15.83 8.67 17.57
C8 DHY U . 14.86 7.99 17.06
O1 DHY U . 16.78 9.34 17.99
O1 DHY U . 15.98 7.44 17.18
O2 DHY U . 15.94 7.44 17.26
O2 DHY U . 13.91 7.42 16.46
O3 DHY U . 14.14 14.23 17.19
O3 DHY U . 14.12 14.19 17.13
O4 DHY U . 14.24 14.13 14.42
O4 DHY U . 14.15 13.96 14.37
S SO4 V . 18.52 -34.47 6.14
O1 SO4 V . 17.87 -34.01 4.92
O2 SO4 V . 17.76 -34.06 7.32
O3 SO4 V . 18.58 -35.94 6.12
O4 SO4 V . 19.86 -33.91 6.20
C1 GOL W . 8.18 -19.23 16.14
O1 GOL W . 6.93 -19.89 16.30
C2 GOL W . 9.29 -20.02 16.82
O2 GOL W . 10.49 -19.29 16.71
C3 GOL W . 9.49 -21.34 16.10
O3 GOL W . 8.93 -22.38 16.86
FE FE X . 13.19 -17.94 -14.14
C1 GOL Y . 28.89 -3.64 -17.61
C1 GOL Y . 28.00 -4.10 -19.05
O1 GOL Y . 28.89 -4.70 -18.54
O1 GOL Y . 27.73 -5.35 -19.65
C2 GOL Y . 27.94 -3.97 -16.46
C2 GOL Y . 27.56 -4.13 -17.58
O2 GOL Y . 27.37 -5.25 -16.62
O2 GOL Y . 27.79 -5.40 -17.04
C3 GOL Y . 26.83 -2.93 -16.35
C3 GOL Y . 26.09 -3.78 -17.45
O3 GOL Y . 26.92 -2.29 -15.10
O3 GOL Y . 25.56 -4.62 -16.45
CL CL Z . 42.76 -2.95 -13.04
C1 DHY AA . 8.41 -19.44 -12.91
C1 DHY AA . 8.28 -19.10 -12.74
C2 DHY AA . 9.73 -19.84 -12.95
C2 DHY AA . 9.49 -19.78 -12.87
C3 DHY AA . 10.75 -18.96 -13.22
C3 DHY AA . 10.62 -19.13 -13.34
C4 DHY AA . 10.43 -17.54 -13.45
C4 DHY AA . 10.53 -17.71 -13.72
C5 DHY AA . 9.09 -17.13 -13.41
C5 DHY AA . 9.32 -17.05 -13.58
C6 DHY AA . 8.11 -18.09 -13.13
C6 DHY AA . 8.21 -17.75 -13.10
C7 DHY AA . 7.39 -20.54 -12.61
C7 DHY AA . 7.05 -19.81 -12.23
C8 DHY AA . 6.00 -20.13 -12.17
C8 DHY AA . 6.31 -20.45 -13.38
O1 DHY AA . 5.04 -20.33 -12.96
O1 DHY AA . 6.97 -20.82 -14.38
O2 DHY AA . 5.89 -19.63 -11.03
O2 DHY AA . 5.07 -20.58 -13.30
O3 DHY AA . 12.04 -19.38 -13.24
O3 DHY AA . 11.80 -19.80 -13.46
O4 DHY AA . 11.46 -16.70 -13.72
O4 DHY AA . 11.63 -17.06 -14.18
#